data_3VWC
# 
_entry.id   3VWC 
# 
_audit_conform.dict_name       mmcif_pdbx.dic 
_audit_conform.dict_version    5.388 
_audit_conform.dict_location   http://mmcif.pdb.org/dictionaries/ascii/mmcif_pdbx.dic 
# 
loop_
_database_2.database_id 
_database_2.database_code 
_database_2.pdbx_database_accession 
_database_2.pdbx_DOI 
PDB   3VWC         pdb_00003vwc 10.2210/pdb3vwc/pdb 
RCSB  RCSB095581   ?            ?                   
WWPDB D_1000095581 ?            ?                   
# 
loop_
_pdbx_audit_revision_history.ordinal 
_pdbx_audit_revision_history.data_content_type 
_pdbx_audit_revision_history.major_revision 
_pdbx_audit_revision_history.minor_revision 
_pdbx_audit_revision_history.revision_date 
1 'Structure model' 1 0 2012-09-05 
2 'Structure model' 1 1 2024-03-20 
# 
_pdbx_audit_revision_details.ordinal             1 
_pdbx_audit_revision_details.revision_ordinal    1 
_pdbx_audit_revision_details.data_content_type   'Structure model' 
_pdbx_audit_revision_details.provider            repository 
_pdbx_audit_revision_details.type                'Initial release' 
_pdbx_audit_revision_details.description         ? 
_pdbx_audit_revision_details.details             ? 
# 
loop_
_pdbx_audit_revision_group.ordinal 
_pdbx_audit_revision_group.revision_ordinal 
_pdbx_audit_revision_group.data_content_type 
_pdbx_audit_revision_group.group 
1 2 'Structure model' 'Data collection'        
2 2 'Structure model' 'Database references'    
3 2 'Structure model' 'Derived calculations'   
4 2 'Structure model' 'Refinement description' 
# 
loop_
_pdbx_audit_revision_category.ordinal 
_pdbx_audit_revision_category.revision_ordinal 
_pdbx_audit_revision_category.data_content_type 
_pdbx_audit_revision_category.category 
1 2 'Structure model' chem_comp_atom 
2 2 'Structure model' chem_comp_bond 
3 2 'Structure model' database_2     
4 2 'Structure model' software       
5 2 'Structure model' struct_site    
# 
loop_
_pdbx_audit_revision_item.ordinal 
_pdbx_audit_revision_item.revision_ordinal 
_pdbx_audit_revision_item.data_content_type 
_pdbx_audit_revision_item.item 
1 2 'Structure model' '_database_2.pdbx_DOI'                
2 2 'Structure model' '_database_2.pdbx_database_accession' 
3 2 'Structure model' '_software.name'                      
4 2 'Structure model' '_struct_site.pdbx_auth_asym_id'      
5 2 'Structure model' '_struct_site.pdbx_auth_comp_id'      
6 2 'Structure model' '_struct_site.pdbx_auth_seq_id'       
# 
_pdbx_database_status.entry_id                        3VWC 
_pdbx_database_status.methods_development_category    ? 
_pdbx_database_status.deposit_site                    PDBJ 
_pdbx_database_status.process_site                    PDBJ 
_pdbx_database_status.recvd_initial_deposition_date   2012-08-22 
_pdbx_database_status.status_code                     REL 
_pdbx_database_status.status_code_sf                  REL 
_pdbx_database_status.status_code_mr                  ? 
_pdbx_database_status.SG_entry                        ? 
_pdbx_database_status.status_code_cs                  ? 
_pdbx_database_status.pdb_format_compatible           Y 
_pdbx_database_status.status_code_nmr_data            ? 
# 
_pdbx_database_related.db_name        PDB 
_pdbx_database_related.db_id          3N0K 
_pdbx_database_related.details        'Same protein, but lower resolution' 
_pdbx_database_related.content_type   unspecified 
# 
loop_
_audit_author.name 
_audit_author.pdbx_ordinal 
'Renko, M.'   1 
'Sabotic, J.' 2 
'Turk, D.'    3 
# 
_citation.id                        primary 
_citation.title                     'High resolution structure of proteinase inhibitor from Coprinopsis cinerea' 
_citation.journal_abbrev            'To be Published' 
_citation.journal_volume            ? 
_citation.page_first                ? 
_citation.page_last                 ? 
_citation.year                      ? 
_citation.journal_id_ASTM           ? 
_citation.country                   ? 
_citation.journal_id_ISSN           ? 
_citation.journal_id_CSD            0353 
_citation.book_publisher            ? 
_citation.pdbx_database_id_PubMed   ? 
_citation.pdbx_database_id_DOI      ? 
# 
loop_
_citation_author.citation_id 
_citation_author.name 
_citation_author.ordinal 
_citation_author.identifier_ORCID 
primary 'Renko, M.'   1 ? 
primary 'Sabotic, J.' 2 ? 
primary 'Turk, D.'    3 ? 
# 
loop_
_entity.id 
_entity.type 
_entity.src_method 
_entity.pdbx_description 
_entity.formula_weight 
_entity.pdbx_number_of_molecules 
_entity.pdbx_ec 
_entity.pdbx_mutation 
_entity.pdbx_fragment 
_entity.details 
1 polymer     man 'Serine protease inhibitor 1'   16599.549 1   ? ? ? ? 
2 non-polymer syn '(4S)-2-METHYL-2,4-PENTANEDIOL' 118.174   1   ? ? ? ? 
3 water       nat water                           18.015    234 ? ? ? ? 
# 
_entity_poly.entity_id                      1 
_entity_poly.type                           'polypeptide(L)' 
_entity_poly.nstd_linkage                   no 
_entity_poly.nstd_monomer                   no 
_entity_poly.pdbx_seq_one_letter_code       
;SIKPGTYEVTSKVNGLHVGRPLAEDRSLLPKRIRVLPEDNNSGNSWVVEKDDDAYILYCKGAPVAPQEGKLFADLLGNME
DKKWIVTHQPQHGENVFTVVNASTEHGWVVPADAEELQQVEVRPLIAAPSYPPRYPATELFTFTQVESD
;
_entity_poly.pdbx_seq_one_letter_code_can   
;SIKPGTYEVTSKVNGLHVGRPLAEDRSLLPKRIRVLPEDNNSGNSWVVEKDDDAYILYCKGAPVAPQEGKLFADLLGNME
DKKWIVTHQPQHGENVFTVVNASTEHGWVVPADAEELQQVEVRPLIAAPSYPPRYPATELFTFTQVESD
;
_entity_poly.pdbx_strand_id                 A 
_entity_poly.pdbx_target_identifier         ? 
# 
loop_
_pdbx_entity_nonpoly.entity_id 
_pdbx_entity_nonpoly.name 
_pdbx_entity_nonpoly.comp_id 
2 '(4S)-2-METHYL-2,4-PENTANEDIOL' MPD 
3 water                           HOH 
# 
loop_
_entity_poly_seq.entity_id 
_entity_poly_seq.num 
_entity_poly_seq.mon_id 
_entity_poly_seq.hetero 
1 1   SER n 
1 2   ILE n 
1 3   LYS n 
1 4   PRO n 
1 5   GLY n 
1 6   THR n 
1 7   TYR n 
1 8   GLU n 
1 9   VAL n 
1 10  THR n 
1 11  SER n 
1 12  LYS n 
1 13  VAL n 
1 14  ASN n 
1 15  GLY n 
1 16  LEU n 
1 17  HIS n 
1 18  VAL n 
1 19  GLY n 
1 20  ARG n 
1 21  PRO n 
1 22  LEU n 
1 23  ALA n 
1 24  GLU n 
1 25  ASP n 
1 26  ARG n 
1 27  SER n 
1 28  LEU n 
1 29  LEU n 
1 30  PRO n 
1 31  LYS n 
1 32  ARG n 
1 33  ILE n 
1 34  ARG n 
1 35  VAL n 
1 36  LEU n 
1 37  PRO n 
1 38  GLU n 
1 39  ASP n 
1 40  ASN n 
1 41  ASN n 
1 42  SER n 
1 43  GLY n 
1 44  ASN n 
1 45  SER n 
1 46  TRP n 
1 47  VAL n 
1 48  VAL n 
1 49  GLU n 
1 50  LYS n 
1 51  ASP n 
1 52  ASP n 
1 53  ASP n 
1 54  ALA n 
1 55  TYR n 
1 56  ILE n 
1 57  LEU n 
1 58  TYR n 
1 59  CYS n 
1 60  LYS n 
1 61  GLY n 
1 62  ALA n 
1 63  PRO n 
1 64  VAL n 
1 65  ALA n 
1 66  PRO n 
1 67  GLN n 
1 68  GLU n 
1 69  GLY n 
1 70  LYS n 
1 71  LEU n 
1 72  PHE n 
1 73  ALA n 
1 74  ASP n 
1 75  LEU n 
1 76  LEU n 
1 77  GLY n 
1 78  ASN n 
1 79  MET n 
1 80  GLU n 
1 81  ASP n 
1 82  LYS n 
1 83  LYS n 
1 84  TRP n 
1 85  ILE n 
1 86  VAL n 
1 87  THR n 
1 88  HIS n 
1 89  GLN n 
1 90  PRO n 
1 91  GLN n 
1 92  HIS n 
1 93  GLY n 
1 94  GLU n 
1 95  ASN n 
1 96  VAL n 
1 97  PHE n 
1 98  THR n 
1 99  VAL n 
1 100 VAL n 
1 101 ASN n 
1 102 ALA n 
1 103 SER n 
1 104 THR n 
1 105 GLU n 
1 106 HIS n 
1 107 GLY n 
1 108 TRP n 
1 109 VAL n 
1 110 VAL n 
1 111 PRO n 
1 112 ALA n 
1 113 ASP n 
1 114 ALA n 
1 115 GLU n 
1 116 GLU n 
1 117 LEU n 
1 118 GLN n 
1 119 GLN n 
1 120 VAL n 
1 121 GLU n 
1 122 VAL n 
1 123 ARG n 
1 124 PRO n 
1 125 LEU n 
1 126 ILE n 
1 127 ALA n 
1 128 ALA n 
1 129 PRO n 
1 130 SER n 
1 131 TYR n 
1 132 PRO n 
1 133 PRO n 
1 134 ARG n 
1 135 TYR n 
1 136 PRO n 
1 137 ALA n 
1 138 THR n 
1 139 GLU n 
1 140 LEU n 
1 141 PHE n 
1 142 THR n 
1 143 PHE n 
1 144 THR n 
1 145 GLN n 
1 146 VAL n 
1 147 GLU n 
1 148 SER n 
1 149 ASP n 
# 
_entity_src_gen.entity_id                          1 
_entity_src_gen.pdbx_src_id                        1 
_entity_src_gen.pdbx_alt_source_flag               sample 
_entity_src_gen.pdbx_seq_type                      ? 
_entity_src_gen.pdbx_beg_seq_num                   ? 
_entity_src_gen.pdbx_end_seq_num                   ? 
_entity_src_gen.gene_src_common_name               'Inky cap fungus' 
_entity_src_gen.gene_src_genus                     ? 
_entity_src_gen.pdbx_gene_src_gene                 ? 
_entity_src_gen.gene_src_species                   ? 
_entity_src_gen.gene_src_strain                    ? 
_entity_src_gen.gene_src_tissue                    ? 
_entity_src_gen.gene_src_tissue_fraction           ? 
_entity_src_gen.gene_src_details                   ? 
_entity_src_gen.pdbx_gene_src_fragment             ? 
_entity_src_gen.pdbx_gene_src_scientific_name      'Coprinopsis cinerea' 
_entity_src_gen.pdbx_gene_src_ncbi_taxonomy_id     5346 
_entity_src_gen.pdbx_gene_src_variant              ? 
_entity_src_gen.pdbx_gene_src_cell_line            ? 
_entity_src_gen.pdbx_gene_src_atcc                 ? 
_entity_src_gen.pdbx_gene_src_organ                ? 
_entity_src_gen.pdbx_gene_src_organelle            ? 
_entity_src_gen.pdbx_gene_src_cell                 ? 
_entity_src_gen.pdbx_gene_src_cellular_location    ? 
_entity_src_gen.host_org_common_name               ? 
_entity_src_gen.pdbx_host_org_scientific_name      'Escherichia coli' 
_entity_src_gen.pdbx_host_org_ncbi_taxonomy_id     562 
_entity_src_gen.host_org_genus                     ? 
_entity_src_gen.pdbx_host_org_gene                 ? 
_entity_src_gen.pdbx_host_org_organ                ? 
_entity_src_gen.host_org_species                   ? 
_entity_src_gen.pdbx_host_org_tissue               ? 
_entity_src_gen.pdbx_host_org_tissue_fraction      ? 
_entity_src_gen.pdbx_host_org_strain               'Bl21(de3)' 
_entity_src_gen.pdbx_host_org_variant              ? 
_entity_src_gen.pdbx_host_org_cell_line            ? 
_entity_src_gen.pdbx_host_org_atcc                 ? 
_entity_src_gen.pdbx_host_org_culture_collection   ? 
_entity_src_gen.pdbx_host_org_cell                 ? 
_entity_src_gen.pdbx_host_org_organelle            ? 
_entity_src_gen.pdbx_host_org_cellular_location    ? 
_entity_src_gen.pdbx_host_org_vector_type          plasmid 
_entity_src_gen.pdbx_host_org_vector               ? 
_entity_src_gen.host_org_details                   ? 
_entity_src_gen.expression_system_id               ? 
_entity_src_gen.plasmid_name                       pet24 
_entity_src_gen.plasmid_details                    ? 
_entity_src_gen.pdbx_description                   ? 
# 
loop_
_chem_comp.id 
_chem_comp.type 
_chem_comp.mon_nstd_flag 
_chem_comp.name 
_chem_comp.pdbx_synonyms 
_chem_comp.formula 
_chem_comp.formula_weight 
ALA 'L-peptide linking' y ALANINE                         ? 'C3 H7 N O2'     89.093  
ARG 'L-peptide linking' y ARGININE                        ? 'C6 H15 N4 O2 1' 175.209 
ASN 'L-peptide linking' y ASPARAGINE                      ? 'C4 H8 N2 O3'    132.118 
ASP 'L-peptide linking' y 'ASPARTIC ACID'                 ? 'C4 H7 N O4'     133.103 
CYS 'L-peptide linking' y CYSTEINE                        ? 'C3 H7 N O2 S'   121.158 
GLN 'L-peptide linking' y GLUTAMINE                       ? 'C5 H10 N2 O3'   146.144 
GLU 'L-peptide linking' y 'GLUTAMIC ACID'                 ? 'C5 H9 N O4'     147.129 
GLY 'peptide linking'   y GLYCINE                         ? 'C2 H5 N O2'     75.067  
HIS 'L-peptide linking' y HISTIDINE                       ? 'C6 H10 N3 O2 1' 156.162 
HOH non-polymer         . WATER                           ? 'H2 O'           18.015  
ILE 'L-peptide linking' y ISOLEUCINE                      ? 'C6 H13 N O2'    131.173 
LEU 'L-peptide linking' y LEUCINE                         ? 'C6 H13 N O2'    131.173 
LYS 'L-peptide linking' y LYSINE                          ? 'C6 H15 N2 O2 1' 147.195 
MET 'L-peptide linking' y METHIONINE                      ? 'C5 H11 N O2 S'  149.211 
MPD non-polymer         . '(4S)-2-METHYL-2,4-PENTANEDIOL' ? 'C6 H14 O2'      118.174 
PHE 'L-peptide linking' y PHENYLALANINE                   ? 'C9 H11 N O2'    165.189 
PRO 'L-peptide linking' y PROLINE                         ? 'C5 H9 N O2'     115.130 
SER 'L-peptide linking' y SERINE                          ? 'C3 H7 N O3'     105.093 
THR 'L-peptide linking' y THREONINE                       ? 'C4 H9 N O3'     119.119 
TRP 'L-peptide linking' y TRYPTOPHAN                      ? 'C11 H12 N2 O2'  204.225 
TYR 'L-peptide linking' y TYROSINE                        ? 'C9 H11 N O3'    181.189 
VAL 'L-peptide linking' y VALINE                          ? 'C5 H11 N O2'    117.146 
# 
loop_
_pdbx_poly_seq_scheme.asym_id 
_pdbx_poly_seq_scheme.entity_id 
_pdbx_poly_seq_scheme.seq_id 
_pdbx_poly_seq_scheme.mon_id 
_pdbx_poly_seq_scheme.ndb_seq_num 
_pdbx_poly_seq_scheme.pdb_seq_num 
_pdbx_poly_seq_scheme.auth_seq_num 
_pdbx_poly_seq_scheme.pdb_mon_id 
_pdbx_poly_seq_scheme.auth_mon_id 
_pdbx_poly_seq_scheme.pdb_strand_id 
_pdbx_poly_seq_scheme.pdb_ins_code 
_pdbx_poly_seq_scheme.hetero 
A 1 1   SER 1   2   2   SER SER A . n 
A 1 2   ILE 2   3   3   ILE ILE A . n 
A 1 3   LYS 3   4   4   LYS LYS A . n 
A 1 4   PRO 4   5   5   PRO PRO A . n 
A 1 5   GLY 5   6   6   GLY GLY A . n 
A 1 6   THR 6   7   7   THR THR A . n 
A 1 7   TYR 7   8   8   TYR TYR A . n 
A 1 8   GLU 8   9   9   GLU GLU A . n 
A 1 9   VAL 9   10  10  VAL VAL A . n 
A 1 10  THR 10  11  11  THR THR A . n 
A 1 11  SER 11  12  12  SER SER A . n 
A 1 12  LYS 12  13  13  LYS LYS A . n 
A 1 13  VAL 13  14  14  VAL VAL A . n 
A 1 14  ASN 14  15  15  ASN ASN A . n 
A 1 15  GLY 15  16  16  GLY GLY A . n 
A 1 16  LEU 16  17  17  LEU LEU A . n 
A 1 17  HIS 17  18  18  HIS HIS A . n 
A 1 18  VAL 18  19  19  VAL VAL A . n 
A 1 19  GLY 19  20  20  GLY GLY A . n 
A 1 20  ARG 20  21  21  ARG ARG A . n 
A 1 21  PRO 21  22  22  PRO PRO A . n 
A 1 22  LEU 22  23  23  LEU LEU A . n 
A 1 23  ALA 23  24  24  ALA ALA A . n 
A 1 24  GLU 24  25  25  GLU GLU A . n 
A 1 25  ASP 25  26  26  ASP ASP A . n 
A 1 26  ARG 26  27  27  ARG ARG A . n 
A 1 27  SER 27  28  28  SER SER A . n 
A 1 28  LEU 28  29  29  LEU LEU A . n 
A 1 29  LEU 29  30  30  LEU LEU A . n 
A 1 30  PRO 30  31  31  PRO PRO A . n 
A 1 31  LYS 31  32  32  LYS LYS A . n 
A 1 32  ARG 32  33  33  ARG ARG A . n 
A 1 33  ILE 33  34  34  ILE ILE A . n 
A 1 34  ARG 34  35  35  ARG ARG A . n 
A 1 35  VAL 35  36  36  VAL VAL A . n 
A 1 36  LEU 36  37  37  LEU LEU A . n 
A 1 37  PRO 37  38  38  PRO PRO A . n 
A 1 38  GLU 38  39  39  GLU GLU A . n 
A 1 39  ASP 39  40  40  ASP ASP A . n 
A 1 40  ASN 40  41  41  ASN ASN A . n 
A 1 41  ASN 41  42  42  ASN ASN A . n 
A 1 42  SER 42  43  43  SER SER A . n 
A 1 43  GLY 43  44  44  GLY GLY A . n 
A 1 44  ASN 44  45  45  ASN ASN A . n 
A 1 45  SER 45  46  46  SER SER A . n 
A 1 46  TRP 46  47  47  TRP TRP A . n 
A 1 47  VAL 47  48  48  VAL VAL A . n 
A 1 48  VAL 48  49  49  VAL VAL A . n 
A 1 49  GLU 49  50  50  GLU GLU A . n 
A 1 50  LYS 50  51  51  LYS LYS A . n 
A 1 51  ASP 51  52  52  ASP ASP A . n 
A 1 52  ASP 52  53  53  ASP ASP A . n 
A 1 53  ASP 53  54  54  ASP ASP A . n 
A 1 54  ALA 54  55  55  ALA ALA A . n 
A 1 55  TYR 55  56  56  TYR TYR A . n 
A 1 56  ILE 56  57  57  ILE ILE A . n 
A 1 57  LEU 57  58  58  LEU LEU A . n 
A 1 58  TYR 58  59  59  TYR TYR A . n 
A 1 59  CYS 59  60  60  CYS CYS A . n 
A 1 60  LYS 60  61  61  LYS LYS A . n 
A 1 61  GLY 61  62  62  GLY GLY A . n 
A 1 62  ALA 62  63  63  ALA ALA A . n 
A 1 63  PRO 63  64  64  PRO PRO A . n 
A 1 64  VAL 64  65  65  VAL VAL A . n 
A 1 65  ALA 65  66  66  ALA ALA A . n 
A 1 66  PRO 66  67  67  PRO PRO A . n 
A 1 67  GLN 67  68  68  GLN GLN A . n 
A 1 68  GLU 68  69  69  GLU GLU A . n 
A 1 69  GLY 69  70  70  GLY GLY A . n 
A 1 70  LYS 70  71  71  LYS LYS A . n 
A 1 71  LEU 71  72  72  LEU LEU A . n 
A 1 72  PHE 72  73  73  PHE PHE A . n 
A 1 73  ALA 73  74  74  ALA ALA A . n 
A 1 74  ASP 74  75  75  ASP ASP A . n 
A 1 75  LEU 75  76  76  LEU LEU A . n 
A 1 76  LEU 76  77  77  LEU LEU A . n 
A 1 77  GLY 77  78  78  GLY GLY A . n 
A 1 78  ASN 78  79  79  ASN ASN A . n 
A 1 79  MET 79  80  80  MET MET A . n 
A 1 80  GLU 80  81  81  GLU GLU A . n 
A 1 81  ASP 81  82  82  ASP ASP A . n 
A 1 82  LYS 82  83  83  LYS LYS A . n 
A 1 83  LYS 83  84  84  LYS LYS A . n 
A 1 84  TRP 84  85  85  TRP TRP A . n 
A 1 85  ILE 85  86  86  ILE ILE A . n 
A 1 86  VAL 86  87  87  VAL VAL A . n 
A 1 87  THR 87  88  88  THR THR A . n 
A 1 88  HIS 88  89  89  HIS HIS A . n 
A 1 89  GLN 89  90  90  GLN GLN A . n 
A 1 90  PRO 90  91  91  PRO PRO A . n 
A 1 91  GLN 91  92  92  GLN GLN A . n 
A 1 92  HIS 92  93  93  HIS HIS A . n 
A 1 93  GLY 93  94  94  GLY GLY A . n 
A 1 94  GLU 94  95  95  GLU GLU A . n 
A 1 95  ASN 95  96  96  ASN ASN A . n 
A 1 96  VAL 96  97  97  VAL VAL A . n 
A 1 97  PHE 97  98  98  PHE PHE A . n 
A 1 98  THR 98  99  99  THR THR A . n 
A 1 99  VAL 99  100 100 VAL VAL A . n 
A 1 100 VAL 100 101 101 VAL VAL A . n 
A 1 101 ASN 101 102 102 ASN ASN A . n 
A 1 102 ALA 102 103 103 ALA ALA A . n 
A 1 103 SER 103 104 104 SER SER A . n 
A 1 104 THR 104 105 105 THR THR A . n 
A 1 105 GLU 105 106 106 GLU GLU A . n 
A 1 106 HIS 106 107 107 HIS HIS A . n 
A 1 107 GLY 107 108 108 GLY GLY A . n 
A 1 108 TRP 108 109 109 TRP TRP A . n 
A 1 109 VAL 109 110 110 VAL VAL A . n 
A 1 110 VAL 110 111 111 VAL VAL A . n 
A 1 111 PRO 111 112 112 PRO PRO A . n 
A 1 112 ALA 112 113 113 ALA ALA A . n 
A 1 113 ASP 113 114 114 ASP ASP A . n 
A 1 114 ALA 114 115 115 ALA ALA A . n 
A 1 115 GLU 115 116 116 GLU GLU A . n 
A 1 116 GLU 116 117 117 GLU GLU A . n 
A 1 117 LEU 117 118 118 LEU LEU A . n 
A 1 118 GLN 118 119 119 GLN GLN A . n 
A 1 119 GLN 119 120 120 GLN GLN A . n 
A 1 120 VAL 120 121 121 VAL VAL A . n 
A 1 121 GLU 121 122 122 GLU GLU A . n 
A 1 122 VAL 122 123 123 VAL VAL A . n 
A 1 123 ARG 123 124 124 ARG ARG A . n 
A 1 124 PRO 124 125 125 PRO PRO A . n 
A 1 125 LEU 125 126 126 LEU LEU A . n 
A 1 126 ILE 126 127 127 ILE ILE A . n 
A 1 127 ALA 127 128 128 ALA ALA A . n 
A 1 128 ALA 128 129 129 ALA ALA A . n 
A 1 129 PRO 129 130 130 PRO PRO A . n 
A 1 130 SER 130 131 131 SER SER A . n 
A 1 131 TYR 131 132 132 TYR TYR A . n 
A 1 132 PRO 132 133 133 PRO PRO A . n 
A 1 133 PRO 133 134 134 PRO PRO A . n 
A 1 134 ARG 134 135 135 ARG ARG A . n 
A 1 135 TYR 135 136 136 TYR TYR A . n 
A 1 136 PRO 136 137 137 PRO PRO A . n 
A 1 137 ALA 137 138 138 ALA ALA A . n 
A 1 138 THR 138 139 139 THR THR A . n 
A 1 139 GLU 139 140 140 GLU GLU A . n 
A 1 140 LEU 140 141 141 LEU LEU A . n 
A 1 141 PHE 141 142 142 PHE PHE A . n 
A 1 142 THR 142 143 143 THR THR A . n 
A 1 143 PHE 143 144 144 PHE PHE A . n 
A 1 144 THR 144 145 145 THR THR A . n 
A 1 145 GLN 145 146 146 GLN GLN A . n 
A 1 146 VAL 146 147 147 VAL VAL A . n 
A 1 147 GLU 147 148 ?   ?   ?   A . n 
A 1 148 SER 148 149 ?   ?   ?   A . n 
A 1 149 ASP 149 150 ?   ?   ?   A . n 
# 
loop_
_pdbx_nonpoly_scheme.asym_id 
_pdbx_nonpoly_scheme.entity_id 
_pdbx_nonpoly_scheme.mon_id 
_pdbx_nonpoly_scheme.ndb_seq_num 
_pdbx_nonpoly_scheme.pdb_seq_num 
_pdbx_nonpoly_scheme.auth_seq_num 
_pdbx_nonpoly_scheme.pdb_mon_id 
_pdbx_nonpoly_scheme.auth_mon_id 
_pdbx_nonpoly_scheme.pdb_strand_id 
_pdbx_nonpoly_scheme.pdb_ins_code 
B 2 MPD 1   201 1   MPD MPD A . 
C 3 HOH 1   301 4   HOH HOH A . 
C 3 HOH 2   302 5   HOH HOH A . 
C 3 HOH 3   303 6   HOH HOH A . 
C 3 HOH 4   304 7   HOH HOH A . 
C 3 HOH 5   305 8   HOH HOH A . 
C 3 HOH 6   306 9   HOH HOH A . 
C 3 HOH 7   307 10  HOH HOH A . 
C 3 HOH 8   308 11  HOH HOH A . 
C 3 HOH 9   309 12  HOH HOH A . 
C 3 HOH 10  310 13  HOH HOH A . 
C 3 HOH 11  311 14  HOH HOH A . 
C 3 HOH 12  312 15  HOH HOH A . 
C 3 HOH 13  313 16  HOH HOH A . 
C 3 HOH 14  314 17  HOH HOH A . 
C 3 HOH 15  315 18  HOH HOH A . 
C 3 HOH 16  316 19  HOH HOH A . 
C 3 HOH 17  317 20  HOH HOH A . 
C 3 HOH 18  318 21  HOH HOH A . 
C 3 HOH 19  319 22  HOH HOH A . 
C 3 HOH 20  320 23  HOH HOH A . 
C 3 HOH 21  321 24  HOH HOH A . 
C 3 HOH 22  322 25  HOH HOH A . 
C 3 HOH 23  323 26  HOH HOH A . 
C 3 HOH 24  324 27  HOH HOH A . 
C 3 HOH 25  325 28  HOH HOH A . 
C 3 HOH 26  326 29  HOH HOH A . 
C 3 HOH 27  327 31  HOH HOH A . 
C 3 HOH 28  328 32  HOH HOH A . 
C 3 HOH 29  329 33  HOH HOH A . 
C 3 HOH 30  330 34  HOH HOH A . 
C 3 HOH 31  331 35  HOH HOH A . 
C 3 HOH 32  332 36  HOH HOH A . 
C 3 HOH 33  333 37  HOH HOH A . 
C 3 HOH 34  334 38  HOH HOH A . 
C 3 HOH 35  335 39  HOH HOH A . 
C 3 HOH 36  336 40  HOH HOH A . 
C 3 HOH 37  337 41  HOH HOH A . 
C 3 HOH 38  338 42  HOH HOH A . 
C 3 HOH 39  339 43  HOH HOH A . 
C 3 HOH 40  340 45  HOH HOH A . 
C 3 HOH 41  341 46  HOH HOH A . 
C 3 HOH 42  342 47  HOH HOH A . 
C 3 HOH 43  343 48  HOH HOH A . 
C 3 HOH 44  344 51  HOH HOH A . 
C 3 HOH 45  345 52  HOH HOH A . 
C 3 HOH 46  346 53  HOH HOH A . 
C 3 HOH 47  347 54  HOH HOH A . 
C 3 HOH 48  348 55  HOH HOH A . 
C 3 HOH 49  349 56  HOH HOH A . 
C 3 HOH 50  350 57  HOH HOH A . 
C 3 HOH 51  351 58  HOH HOH A . 
C 3 HOH 52  352 59  HOH HOH A . 
C 3 HOH 53  353 60  HOH HOH A . 
C 3 HOH 54  354 61  HOH HOH A . 
C 3 HOH 55  355 62  HOH HOH A . 
C 3 HOH 56  356 63  HOH HOH A . 
C 3 HOH 57  357 64  HOH HOH A . 
C 3 HOH 58  358 65  HOH HOH A . 
C 3 HOH 59  359 66  HOH HOH A . 
C 3 HOH 60  360 68  HOH HOH A . 
C 3 HOH 61  361 69  HOH HOH A . 
C 3 HOH 62  362 70  HOH HOH A . 
C 3 HOH 63  363 72  HOH HOH A . 
C 3 HOH 64  364 73  HOH HOH A . 
C 3 HOH 65  365 74  HOH HOH A . 
C 3 HOH 66  366 75  HOH HOH A . 
C 3 HOH 67  367 76  HOH HOH A . 
C 3 HOH 68  368 77  HOH HOH A . 
C 3 HOH 69  369 78  HOH HOH A . 
C 3 HOH 70  370 80  HOH HOH A . 
C 3 HOH 71  371 81  HOH HOH A . 
C 3 HOH 72  372 82  HOH HOH A . 
C 3 HOH 73  373 83  HOH HOH A . 
C 3 HOH 74  374 84  HOH HOH A . 
C 3 HOH 75  375 85  HOH HOH A . 
C 3 HOH 76  376 86  HOH HOH A . 
C 3 HOH 77  377 87  HOH HOH A . 
C 3 HOH 78  378 88  HOH HOH A . 
C 3 HOH 79  379 89  HOH HOH A . 
C 3 HOH 80  380 90  HOH HOH A . 
C 3 HOH 81  381 91  HOH HOH A . 
C 3 HOH 82  382 92  HOH HOH A . 
C 3 HOH 83  383 94  HOH HOH A . 
C 3 HOH 84  384 95  HOH HOH A . 
C 3 HOH 85  385 96  HOH HOH A . 
C 3 HOH 86  386 97  HOH HOH A . 
C 3 HOH 87  387 98  HOH HOH A . 
C 3 HOH 88  388 99  HOH HOH A . 
C 3 HOH 89  389 100 HOH HOH A . 
C 3 HOH 90  390 101 HOH HOH A . 
C 3 HOH 91  391 102 HOH HOH A . 
C 3 HOH 92  392 103 HOH HOH A . 
C 3 HOH 93  393 105 HOH HOH A . 
C 3 HOH 94  394 106 HOH HOH A . 
C 3 HOH 95  395 107 HOH HOH A . 
C 3 HOH 96  396 108 HOH HOH A . 
C 3 HOH 97  397 109 HOH HOH A . 
C 3 HOH 98  398 110 HOH HOH A . 
C 3 HOH 99  399 111 HOH HOH A . 
C 3 HOH 100 400 112 HOH HOH A . 
C 3 HOH 101 401 113 HOH HOH A . 
C 3 HOH 102 402 114 HOH HOH A . 
C 3 HOH 103 403 115 HOH HOH A . 
C 3 HOH 104 404 117 HOH HOH A . 
C 3 HOH 105 405 118 HOH HOH A . 
C 3 HOH 106 406 119 HOH HOH A . 
C 3 HOH 107 407 120 HOH HOH A . 
C 3 HOH 108 408 121 HOH HOH A . 
C 3 HOH 109 409 122 HOH HOH A . 
C 3 HOH 110 410 123 HOH HOH A . 
C 3 HOH 111 411 124 HOH HOH A . 
C 3 HOH 112 412 125 HOH HOH A . 
C 3 HOH 113 413 126 HOH HOH A . 
C 3 HOH 114 414 127 HOH HOH A . 
C 3 HOH 115 415 128 HOH HOH A . 
C 3 HOH 116 416 129 HOH HOH A . 
C 3 HOH 117 417 131 HOH HOH A . 
C 3 HOH 118 418 132 HOH HOH A . 
C 3 HOH 119 419 133 HOH HOH A . 
C 3 HOH 120 420 134 HOH HOH A . 
C 3 HOH 121 421 135 HOH HOH A . 
C 3 HOH 122 422 136 HOH HOH A . 
C 3 HOH 123 423 137 HOH HOH A . 
C 3 HOH 124 424 139 HOH HOH A . 
C 3 HOH 125 425 140 HOH HOH A . 
C 3 HOH 126 426 141 HOH HOH A . 
C 3 HOH 127 427 142 HOH HOH A . 
C 3 HOH 128 428 143 HOH HOH A . 
C 3 HOH 129 429 144 HOH HOH A . 
C 3 HOH 130 430 145 HOH HOH A . 
C 3 HOH 131 431 147 HOH HOH A . 
C 3 HOH 132 432 149 HOH HOH A . 
C 3 HOH 133 433 151 HOH HOH A . 
C 3 HOH 134 434 152 HOH HOH A . 
C 3 HOH 135 435 153 HOH HOH A . 
C 3 HOH 136 436 154 HOH HOH A . 
C 3 HOH 137 437 155 HOH HOH A . 
C 3 HOH 138 438 156 HOH HOH A . 
C 3 HOH 139 439 157 HOH HOH A . 
C 3 HOH 140 440 158 HOH HOH A . 
C 3 HOH 141 441 159 HOH HOH A . 
C 3 HOH 142 442 160 HOH HOH A . 
C 3 HOH 143 443 161 HOH HOH A . 
C 3 HOH 144 444 162 HOH HOH A . 
C 3 HOH 145 445 151 HOH HOH A . 
C 3 HOH 146 446 153 HOH HOH A . 
C 3 HOH 147 447 154 HOH HOH A . 
C 3 HOH 148 448 155 HOH HOH A . 
C 3 HOH 149 449 156 HOH HOH A . 
C 3 HOH 150 450 158 HOH HOH A . 
C 3 HOH 151 451 159 HOH HOH A . 
C 3 HOH 152 452 161 HOH HOH A . 
C 3 HOH 153 453 163 HOH HOH A . 
C 3 HOH 154 454 165 HOH HOH A . 
C 3 HOH 155 455 166 HOH HOH A . 
C 3 HOH 156 456 168 HOH HOH A . 
C 3 HOH 157 457 171 HOH HOH A . 
C 3 HOH 158 458 172 HOH HOH A . 
C 3 HOH 159 459 173 HOH HOH A . 
C 3 HOH 160 460 174 HOH HOH A . 
C 3 HOH 161 461 177 HOH HOH A . 
C 3 HOH 162 462 178 HOH HOH A . 
C 3 HOH 163 463 179 HOH HOH A . 
C 3 HOH 164 464 180 HOH HOH A . 
C 3 HOH 165 465 182 HOH HOH A . 
C 3 HOH 166 466 183 HOH HOH A . 
C 3 HOH 167 467 185 HOH HOH A . 
C 3 HOH 168 468 188 HOH HOH A . 
C 3 HOH 169 469 190 HOH HOH A . 
C 3 HOH 170 470 191 HOH HOH A . 
C 3 HOH 171 471 195 HOH HOH A . 
C 3 HOH 172 472 196 HOH HOH A . 
C 3 HOH 173 473 199 HOH HOH A . 
C 3 HOH 174 474 200 HOH HOH A . 
C 3 HOH 175 475 201 HOH HOH A . 
C 3 HOH 176 476 203 HOH HOH A . 
C 3 HOH 177 477 205 HOH HOH A . 
C 3 HOH 178 478 206 HOH HOH A . 
C 3 HOH 179 479 208 HOH HOH A . 
C 3 HOH 180 480 209 HOH HOH A . 
C 3 HOH 181 481 210 HOH HOH A . 
C 3 HOH 182 482 211 HOH HOH A . 
C 3 HOH 183 483 212 HOH HOH A . 
C 3 HOH 184 484 213 HOH HOH A . 
C 3 HOH 185 485 214 HOH HOH A . 
C 3 HOH 186 486 218 HOH HOH A . 
C 3 HOH 187 487 220 HOH HOH A . 
C 3 HOH 188 488 221 HOH HOH A . 
C 3 HOH 189 489 223 HOH HOH A . 
C 3 HOH 190 490 224 HOH HOH A . 
C 3 HOH 191 491 227 HOH HOH A . 
C 3 HOH 192 492 228 HOH HOH A . 
C 3 HOH 193 493 231 HOH HOH A . 
C 3 HOH 194 494 236 HOH HOH A . 
C 3 HOH 195 495 237 HOH HOH A . 
C 3 HOH 196 496 240 HOH HOH A . 
C 3 HOH 197 497 241 HOH HOH A . 
C 3 HOH 198 498 242 HOH HOH A . 
C 3 HOH 199 499 243 HOH HOH A . 
C 3 HOH 200 500 245 HOH HOH A . 
C 3 HOH 201 501 246 HOH HOH A . 
C 3 HOH 202 502 248 HOH HOH A . 
C 3 HOH 203 503 249 HOH HOH A . 
C 3 HOH 204 504 250 HOH HOH A . 
C 3 HOH 205 505 251 HOH HOH A . 
C 3 HOH 206 506 254 HOH HOH A . 
C 3 HOH 207 507 255 HOH HOH A . 
C 3 HOH 208 508 256 HOH HOH A . 
C 3 HOH 209 509 258 HOH HOH A . 
C 3 HOH 210 510 260 HOH HOH A . 
C 3 HOH 211 511 261 HOH HOH A . 
C 3 HOH 212 512 263 HOH HOH A . 
C 3 HOH 213 513 264 HOH HOH A . 
C 3 HOH 214 514 266 HOH HOH A . 
C 3 HOH 215 515 267 HOH HOH A . 
C 3 HOH 216 516 268 HOH HOH A . 
C 3 HOH 217 517 270 HOH HOH A . 
C 3 HOH 218 518 272 HOH HOH A . 
C 3 HOH 219 519 274 HOH HOH A . 
C 3 HOH 220 520 275 HOH HOH A . 
C 3 HOH 221 521 276 HOH HOH A . 
C 3 HOH 222 522 278 HOH HOH A . 
C 3 HOH 223 523 280 HOH HOH A . 
C 3 HOH 224 524 286 HOH HOH A . 
C 3 HOH 225 525 287 HOH HOH A . 
C 3 HOH 226 526 288 HOH HOH A . 
C 3 HOH 227 527 289 HOH HOH A . 
C 3 HOH 228 528 292 HOH HOH A . 
C 3 HOH 229 529 295 HOH HOH A . 
C 3 HOH 230 530 298 HOH HOH A . 
C 3 HOH 231 531 299 HOH HOH A . 
C 3 HOH 232 532 1   HOH HOH A . 
C 3 HOH 233 533 2   HOH HOH A . 
C 3 HOH 234 534 3   HOH HOH A . 
# 
loop_
_software.pdbx_ordinal 
_software.name 
_software.version 
_software.date 
_software.type 
_software.contact_author 
_software.contact_author_email 
_software.classification 
_software.location 
_software.language 
_software.citation_id 
1 SAINT       .    ?                package ?                    ?                        'data scaling'    
http://www.bruker-axs.de/                    ?          ? 
2 REFMAC      .    ?                program 'Garib N. Murshudov' garib@ysbl.york.ac.uk    refinement        
http://www.ccp4.ac.uk/dist/html/refmac5.html Fortran_77 ? 
3 PDB_EXTRACT 3.11 'April 22, 2011' package PDB                  deposit@deposit.rcsb.org 'data extraction' 
http://sw-tools.pdb.org/apps/PDB_EXTRACT/    C++        ? 
4 PROTEUM2    .    ?                ?       ?                    ?                        'data collection' ? ?          ? 
5 PROTEUM2    .    ?                ?       ?                    ?                        'data reduction'  ? ?          ? 
6 PROTEUM2    .    ?                ?       ?                    ?                        'data scaling'    ? ?          ? 
7 SHELX       .    ?                ?       ?                    ?                        phasing           ? ?          ? 
# 
_cell.length_a           78.626 
_cell.length_b           38.243 
_cell.length_c           54.890 
_cell.angle_alpha        90.000 
_cell.angle_beta         96.990 
_cell.angle_gamma        90.000 
_cell.entry_id           3VWC 
_cell.pdbx_unique_axis   ? 
_cell.Z_PDB              4 
_cell.length_a_esd       ? 
_cell.length_b_esd       ? 
_cell.length_c_esd       ? 
_cell.angle_alpha_esd    ? 
_cell.angle_beta_esd     ? 
_cell.angle_gamma_esd    ? 
# 
_symmetry.space_group_name_H-M             'C 1 2 1' 
_symmetry.entry_id                         3VWC 
_symmetry.pdbx_full_space_group_name_H-M   ? 
_symmetry.Int_Tables_number                5 
_symmetry.cell_setting                     ? 
_symmetry.space_group_name_Hall            ? 
# 
_exptl.crystals_number   1 
_exptl.entry_id          3VWC 
_exptl.method            'X-RAY DIFFRACTION' 
# 
_exptl_crystal.id                    1 
_exptl_crystal.pdbx_mosaicity        ? 
_exptl_crystal.pdbx_mosaicity_esd    ? 
_exptl_crystal.density_Matthews      2.47 
_exptl_crystal.density_diffrn        ? 
_exptl_crystal.density_meas          ? 
_exptl_crystal.density_meas_temp     ? 
_exptl_crystal.density_percent_sol   50.15 
_exptl_crystal.size_max              ? 
_exptl_crystal.size_mid              ? 
_exptl_crystal.size_min              ? 
_exptl_crystal.size_rad              ? 
_exptl_crystal.description           ? 
_exptl_crystal.F_000                 ? 
_exptl_crystal.preparation           ? 
# 
_exptl_crystal_grow.crystal_id      1 
_exptl_crystal_grow.method          'VAPOR DIFFUSION, SITTING DROP' 
_exptl_crystal_grow.pH              6.0 
_exptl_crystal_grow.temp            293 
_exptl_crystal_grow.temp_details    ? 
_exptl_crystal_grow.pdbx_details    '0.1M MES, 20% MPD, pH 6.0, VAPOR DIFFUSION, SITTING DROP, temperature 293K' 
_exptl_crystal_grow.pdbx_pH_range   . 
# 
_diffrn.id                     1 
_diffrn.ambient_temp           100 
_diffrn.ambient_temp_details   ? 
_diffrn.crystal_id             1 
# 
_diffrn_detector.diffrn_id              1 
_diffrn_detector.detector               CCD 
_diffrn_detector.type                   'Bruker Platinum 135' 
_diffrn_detector.pdbx_collection_date   2012-01-10 
_diffrn_detector.details                ? 
# 
_diffrn_radiation.diffrn_id                        1 
_diffrn_radiation.wavelength_id                    1 
_diffrn_radiation.pdbx_diffrn_protocol             'SINGLE WAVELENGTH' 
_diffrn_radiation.monochromator                    ? 
_diffrn_radiation.pdbx_monochromatic_or_laue_m_l   M 
_diffrn_radiation.pdbx_scattering_type             x-ray 
# 
_diffrn_radiation_wavelength.id           1 
_diffrn_radiation_wavelength.wavelength   1.54 
_diffrn_radiation_wavelength.wt           1.0 
# 
_diffrn_source.diffrn_id                   1 
_diffrn_source.source                      'ROTATING ANODE' 
_diffrn_source.type                        'BRUKER AXS MICROSTAR' 
_diffrn_source.pdbx_wavelength             ? 
_diffrn_source.pdbx_wavelength_list        1.54 
_diffrn_source.pdbx_synchrotron_site       ? 
_diffrn_source.pdbx_synchrotron_beamline   ? 
# 
_reflns.entry_id                     3VWC 
_reflns.observed_criterion_sigma_F   1 
_reflns.observed_criterion_sigma_I   1 
_reflns.d_resolution_high            1.49 
_reflns.d_resolution_low             55 
_reflns.number_all                   26452 
_reflns.number_obs                   26279 
_reflns.percent_possible_obs         99.3 
_reflns.pdbx_Rmerge_I_obs            0.061 
_reflns.pdbx_Rsym_value              ? 
_reflns.pdbx_netI_over_sigmaI        ? 
_reflns.B_iso_Wilson_estimate        ? 
_reflns.pdbx_redundancy              ? 
_reflns.R_free_details               ? 
_reflns.limit_h_max                  ? 
_reflns.limit_h_min                  ? 
_reflns.limit_k_max                  ? 
_reflns.limit_k_min                  ? 
_reflns.limit_l_max                  ? 
_reflns.limit_l_min                  ? 
_reflns.observed_criterion_F_max     ? 
_reflns.observed_criterion_F_min     ? 
_reflns.pdbx_chi_squared             ? 
_reflns.pdbx_scaling_rejects         ? 
_reflns.pdbx_ordinal                 1 
_reflns.pdbx_diffrn_id               1 
# 
_reflns_shell.d_res_high                  1.49 
_reflns_shell.d_res_low                   1.59 
_reflns_shell.percent_possible_obs        ? 
_reflns_shell.percent_possible_all        96.2 
_reflns_shell.Rmerge_I_obs                0.560 
_reflns_shell.meanI_over_sigI_obs         3.5 
_reflns_shell.pdbx_Rsym_value             ? 
_reflns_shell.pdbx_redundancy             4.1 
_reflns_shell.number_unique_all           ? 
_reflns_shell.number_measured_all         ? 
_reflns_shell.number_measured_obs         ? 
_reflns_shell.number_unique_obs           ? 
_reflns_shell.pdbx_chi_squared            ? 
_reflns_shell.pdbx_rejects                ? 
_reflns_shell.pdbx_netI_over_sigmaI_obs   ? 
_reflns_shell.number_possible             ? 
_reflns_shell.Rmerge_F_all                ? 
_reflns_shell.Rmerge_F_obs                ? 
_reflns_shell.Rmerge_I_all                ? 
_reflns_shell.meanI_over_sigI_all         ? 
_reflns_shell.pdbx_Rrim_I_all             ? 
_reflns_shell.pdbx_Rpim_I_all             ? 
_reflns_shell.pdbx_ordinal                1 
_reflns_shell.pdbx_diffrn_id              1 
# 
_refine.entry_id                                 3VWC 
_refine.ls_d_res_high                            1.5000 
_refine.ls_d_res_low                             54.4800 
_refine.pdbx_ls_sigma_F                          0.000 
_refine.pdbx_data_cutoff_high_absF               ? 
_refine.pdbx_data_cutoff_low_absF                ? 
_refine.ls_percent_reflns_obs                    99.1300 
_refine.ls_number_reflns_obs                     26196 
_refine.ls_number_reflns_all                     26452 
_refine.pdbx_ls_cross_valid_method               THROUGHOUT 
_refine.pdbx_R_Free_selection_details            RANDOM 
_refine.details                                  'HYDROGENS HAVE BEEN ADDED IN THE RIDING POSITIONS U VALUES: REFINED INDIVIDUALLY' 
_refine.ls_R_factor_all                          ? 
_refine.ls_R_factor_obs                          0.2010 
_refine.ls_R_factor_R_work                       0.1991 
_refine.ls_wR_factor_R_work                      0.1930 
_refine.ls_R_factor_R_free                       0.2349 
_refine.ls_wR_factor_R_free                      0.2250 
_refine.ls_percent_reflns_R_free                 5.1000 
_refine.ls_number_reflns_R_free                  1326 
_refine.ls_R_factor_R_free_error                 ? 
_refine.B_iso_mean                               19.6392 
_refine.solvent_model_param_bsol                 ? 
_refine.solvent_model_param_ksol                 ? 
_refine.pdbx_isotropic_thermal_model             ? 
_refine.aniso_B[1][1]                            0.0000 
_refine.aniso_B[2][2]                            0.0000 
_refine.aniso_B[3][3]                            0.0000 
_refine.aniso_B[1][2]                            0.0000 
_refine.aniso_B[1][3]                            -0.0100 
_refine.aniso_B[2][3]                            0.0000 
_refine.correlation_coeff_Fo_to_Fc               0.9580 
_refine.correlation_coeff_Fo_to_Fc_free          0.9420 
_refine.overall_SU_R_Cruickshank_DPI             0.0830 
_refine.overall_SU_R_free                        0.0859 
_refine.pdbx_overall_ESU_R                       0.0830 
_refine.pdbx_overall_ESU_R_Free                  0.0860 
_refine.overall_SU_ML                            0.0580 
_refine.overall_SU_B                             1.5260 
_refine.solvent_model_details                    MASK 
_refine.pdbx_solvent_vdw_probe_radii             1.4000 
_refine.pdbx_solvent_ion_probe_radii             0.8000 
_refine.pdbx_solvent_shrinkage_radii             0.8000 
_refine.ls_number_parameters                     ? 
_refine.ls_number_restraints                     ? 
_refine.pdbx_starting_model                      ? 
_refine.pdbx_method_to_determine_struct          SAD 
_refine.pdbx_stereochemistry_target_values       'MAXIMUM LIKELIHOOD' 
_refine.pdbx_stereochem_target_val_spec_case     ? 
_refine.overall_FOM_work_R_set                   0.8257 
_refine.B_iso_max                                63.930 
_refine.B_iso_min                                2.000 
_refine.pdbx_overall_phase_error                 ? 
_refine.occupancy_max                            1.000 
_refine.occupancy_min                            0.200 
_refine.pdbx_ls_sigma_I                          ? 
_refine.ls_redundancy_reflns_obs                 ? 
_refine.ls_R_factor_R_free_error_details         ? 
_refine.pdbx_data_cutoff_high_rms_absF           ? 
_refine.overall_FOM_free_R_set                   ? 
_refine.pdbx_diffrn_id                           1 
_refine.pdbx_refine_id                           'X-RAY DIFFRACTION' 
_refine.pdbx_TLS_residual_ADP_flag               ? 
_refine.pdbx_overall_SU_R_free_Cruickshank_DPI   ? 
_refine.pdbx_overall_SU_R_Blow_DPI               ? 
_refine.pdbx_overall_SU_R_free_Blow_DPI          ? 
# 
_refine_hist.pdbx_refine_id                   'X-RAY DIFFRACTION' 
_refine_hist.cycle_id                         LAST 
_refine_hist.pdbx_number_atoms_protein        1148 
_refine_hist.pdbx_number_atoms_nucleic_acid   0 
_refine_hist.pdbx_number_atoms_ligand         8 
_refine_hist.number_atoms_solvent             234 
_refine_hist.number_atoms_total               1390 
_refine_hist.d_res_high                       1.5000 
_refine_hist.d_res_low                        54.4800 
# 
loop_
_refine_ls_restr.type 
_refine_ls_restr.number 
_refine_ls_restr.dev_ideal 
_refine_ls_restr.dev_ideal_target 
_refine_ls_restr.weight 
_refine_ls_restr.pdbx_restraint_function 
_refine_ls_restr.pdbx_refine_id 
r_bond_refined_d       1227 0.014  0.022  ? ? 'X-RAY DIFFRACTION' 
r_angle_refined_deg    1690 1.499  1.971  ? ? 'X-RAY DIFFRACTION' 
r_dihedral_angle_1_deg 158  7.992  5.000  ? ? 'X-RAY DIFFRACTION' 
r_dihedral_angle_2_deg 57   38.169 24.737 ? ? 'X-RAY DIFFRACTION' 
r_dihedral_angle_3_deg 197  13.806 15.000 ? ? 'X-RAY DIFFRACTION' 
r_dihedral_angle_4_deg 7    13.389 15.000 ? ? 'X-RAY DIFFRACTION' 
r_chiral_restr         190  0.123  0.200  ? ? 'X-RAY DIFFRACTION' 
r_gen_planes_refined   953  0.017  0.022  ? ? 'X-RAY DIFFRACTION' 
r_mcbond_it            754  2.194  1.500  ? ? 'X-RAY DIFFRACTION' 
r_mcangle_it           1240 3.275  2.000  ? ? 'X-RAY DIFFRACTION' 
r_scbond_it            473  4.413  3.000  ? ? 'X-RAY DIFFRACTION' 
r_scangle_it           443  6.727  4.500  ? ? 'X-RAY DIFFRACTION' 
# 
_refine_ls_shell.d_res_high                       1.4950 
_refine_ls_shell.d_res_low                        1.5340 
_refine_ls_shell.pdbx_total_number_of_bins_used   20 
_refine_ls_shell.percent_reflns_obs               92.5900 
_refine_ls_shell.number_reflns_R_work             1704 
_refine_ls_shell.R_factor_all                     ? 
_refine_ls_shell.R_factor_R_work                  0.2790 
_refine_ls_shell.R_factor_R_free                  0.3290 
_refine_ls_shell.percent_reflns_R_free            ? 
_refine_ls_shell.number_reflns_R_free             96 
_refine_ls_shell.R_factor_R_free_error            ? 
_refine_ls_shell.number_reflns_all                1800 
_refine_ls_shell.number_reflns_obs                ? 
_refine_ls_shell.pdbx_refine_id                   'X-RAY DIFFRACTION' 
_refine_ls_shell.redundancy_reflns_obs            ? 
# 
_struct.entry_id                  3VWC 
_struct.title                     'High resolution structure of proteinase inhibitor from Coprinopsis cinerea' 
_struct.pdbx_model_details        ? 
_struct.pdbx_CASP_flag            ? 
_struct.pdbx_model_type_details   ? 
# 
_struct_keywords.entry_id        3VWC 
_struct_keywords.pdbx_keywords   'HYDROLASE INHIBITOR' 
_struct_keywords.text            'sulphur SAD phasing, beta trefoil, inhibitor, serine proteases, HYDROLASE INHIBITOR' 
# 
loop_
_struct_asym.id 
_struct_asym.pdbx_blank_PDB_chainid_flag 
_struct_asym.pdbx_modified 
_struct_asym.entity_id 
_struct_asym.details 
A N N 1 ? 
B N N 2 ? 
C N N 3 ? 
# 
_struct_ref.id                         1 
_struct_ref.db_name                    UNP 
_struct_ref.db_code                    D0EWJ0_COPCI 
_struct_ref.pdbx_db_accession          D0EWJ0 
_struct_ref.entity_id                  1 
_struct_ref.pdbx_seq_one_letter_code   
;SIKPGTYEVTSKVNGLHVGRPLAEDRSLLPKRIRVLPEDNNSGNSWVVEKDDDAYILYCKGAPVAPQEGKLFADLLGNME
DKKWIVTHQPQHGENVFTVVNASTEHGWVVPADAEELQQVEVRPLIAAPSYPPRYPATELFTFTQVESD
;
_struct_ref.pdbx_align_begin           2 
_struct_ref.pdbx_db_isoform            ? 
# 
_struct_ref_seq.align_id                      1 
_struct_ref_seq.ref_id                        1 
_struct_ref_seq.pdbx_PDB_id_code              3VWC 
_struct_ref_seq.pdbx_strand_id                A 
_struct_ref_seq.seq_align_beg                 1 
_struct_ref_seq.pdbx_seq_align_beg_ins_code   ? 
_struct_ref_seq.seq_align_end                 149 
_struct_ref_seq.pdbx_seq_align_end_ins_code   ? 
_struct_ref_seq.pdbx_db_accession             D0EWJ0 
_struct_ref_seq.db_align_beg                  2 
_struct_ref_seq.pdbx_db_align_beg_ins_code    ? 
_struct_ref_seq.db_align_end                  150 
_struct_ref_seq.pdbx_db_align_end_ins_code    ? 
_struct_ref_seq.pdbx_auth_seq_align_beg       2 
_struct_ref_seq.pdbx_auth_seq_align_end       150 
# 
_pdbx_struct_assembly.id                   1 
_pdbx_struct_assembly.details              author_and_software_defined_assembly 
_pdbx_struct_assembly.method_details       PISA 
_pdbx_struct_assembly.oligomeric_details   monomeric 
_pdbx_struct_assembly.oligomeric_count     1 
# 
_pdbx_struct_assembly_gen.assembly_id       1 
_pdbx_struct_assembly_gen.oper_expression   1 
_pdbx_struct_assembly_gen.asym_id_list      A,B,C 
# 
_pdbx_struct_oper_list.id                   1 
_pdbx_struct_oper_list.type                 'identity operation' 
_pdbx_struct_oper_list.name                 1_555 
_pdbx_struct_oper_list.symmetry_operation   x,y,z 
_pdbx_struct_oper_list.matrix[1][1]         1.0000000000 
_pdbx_struct_oper_list.matrix[1][2]         0.0000000000 
_pdbx_struct_oper_list.matrix[1][3]         0.0000000000 
_pdbx_struct_oper_list.vector[1]            0.0000000000 
_pdbx_struct_oper_list.matrix[2][1]         0.0000000000 
_pdbx_struct_oper_list.matrix[2][2]         1.0000000000 
_pdbx_struct_oper_list.matrix[2][3]         0.0000000000 
_pdbx_struct_oper_list.vector[2]            0.0000000000 
_pdbx_struct_oper_list.matrix[3][1]         0.0000000000 
_pdbx_struct_oper_list.matrix[3][2]         0.0000000000 
_pdbx_struct_oper_list.matrix[3][3]         1.0000000000 
_pdbx_struct_oper_list.vector[3]            0.0000000000 
# 
_struct_biol.id        1 
_struct_biol.details   ? 
# 
loop_
_struct_conf.conf_type_id 
_struct_conf.id 
_struct_conf.pdbx_PDB_helix_id 
_struct_conf.beg_label_comp_id 
_struct_conf.beg_label_asym_id 
_struct_conf.beg_label_seq_id 
_struct_conf.pdbx_beg_PDB_ins_code 
_struct_conf.end_label_comp_id 
_struct_conf.end_label_asym_id 
_struct_conf.end_label_seq_id 
_struct_conf.pdbx_end_PDB_ins_code 
_struct_conf.beg_auth_comp_id 
_struct_conf.beg_auth_asym_id 
_struct_conf.beg_auth_seq_id 
_struct_conf.end_auth_comp_id 
_struct_conf.end_auth_asym_id 
_struct_conf.end_auth_seq_id 
_struct_conf.pdbx_PDB_helix_class 
_struct_conf.details 
_struct_conf.pdbx_PDB_helix_length 
HELX_P HELX_P1 1 PRO A 90  ? GLY A 93  ? PRO A 91  GLY A 94  5 ? 4 
HELX_P HELX_P2 2 PRO A 136 ? GLU A 139 ? PRO A 137 GLU A 140 5 ? 4 
# 
_struct_conf_type.id          HELX_P 
_struct_conf_type.criteria    ? 
_struct_conf_type.reference   ? 
# 
_struct_mon_prot_cis.pdbx_id                1 
_struct_mon_prot_cis.label_comp_id          TYR 
_struct_mon_prot_cis.label_seq_id           131 
_struct_mon_prot_cis.label_asym_id          A 
_struct_mon_prot_cis.label_alt_id           . 
_struct_mon_prot_cis.pdbx_PDB_ins_code      ? 
_struct_mon_prot_cis.auth_comp_id           TYR 
_struct_mon_prot_cis.auth_seq_id            132 
_struct_mon_prot_cis.auth_asym_id           A 
_struct_mon_prot_cis.pdbx_label_comp_id_2   PRO 
_struct_mon_prot_cis.pdbx_label_seq_id_2    132 
_struct_mon_prot_cis.pdbx_label_asym_id_2   A 
_struct_mon_prot_cis.pdbx_PDB_ins_code_2    ? 
_struct_mon_prot_cis.pdbx_auth_comp_id_2    PRO 
_struct_mon_prot_cis.pdbx_auth_seq_id_2     133 
_struct_mon_prot_cis.pdbx_auth_asym_id_2    A 
_struct_mon_prot_cis.pdbx_PDB_model_num     1 
_struct_mon_prot_cis.pdbx_omega_angle       -1.10 
# 
loop_
_struct_sheet.id 
_struct_sheet.type 
_struct_sheet.number_strands 
_struct_sheet.details 
A ? 10 ? 
B ? 2  ? 
C ? 2  ? 
# 
loop_
_struct_sheet_order.sheet_id 
_struct_sheet_order.range_id_1 
_struct_sheet_order.range_id_2 
_struct_sheet_order.offset 
_struct_sheet_order.sense 
A 1 2  ? anti-parallel 
A 2 3  ? anti-parallel 
A 3 4  ? anti-parallel 
A 4 5  ? anti-parallel 
A 5 6  ? anti-parallel 
A 6 7  ? anti-parallel 
A 7 8  ? anti-parallel 
A 8 9  ? anti-parallel 
A 9 10 ? anti-parallel 
B 1 2  ? anti-parallel 
C 1 2  ? anti-parallel 
# 
loop_
_struct_sheet_range.sheet_id 
_struct_sheet_range.id 
_struct_sheet_range.beg_label_comp_id 
_struct_sheet_range.beg_label_asym_id 
_struct_sheet_range.beg_label_seq_id 
_struct_sheet_range.pdbx_beg_PDB_ins_code 
_struct_sheet_range.end_label_comp_id 
_struct_sheet_range.end_label_asym_id 
_struct_sheet_range.end_label_seq_id 
_struct_sheet_range.pdbx_end_PDB_ins_code 
_struct_sheet_range.beg_auth_comp_id 
_struct_sheet_range.beg_auth_asym_id 
_struct_sheet_range.beg_auth_seq_id 
_struct_sheet_range.end_auth_comp_id 
_struct_sheet_range.end_auth_asym_id 
_struct_sheet_range.end_auth_seq_id 
A 1  LYS A 31  ? ARG A 32  ? LYS A 32  ARG A 33  
A 2  LYS A 70  ? ALA A 73  ? LYS A 71  ALA A 74  
A 3  ALA A 62  ? GLN A 67  ? ALA A 63  GLN A 68  
A 4  ALA A 54  ? CYS A 59  ? ALA A 55  CYS A 60  
A 5  TRP A 84  ? HIS A 88  ? TRP A 85  HIS A 89  
A 6  VAL A 96  ? ASN A 101 ? VAL A 97  ASN A 102 
A 7  PHE A 141 ? GLN A 145 ? PHE A 142 GLN A 146 
A 8  GLY A 5   ? SER A 11  ? GLY A 6   SER A 12  
A 9  TRP A 46  ? ASP A 51  ? TRP A 47  ASP A 52  
A 10 ALA A 54  ? CYS A 59  ? ALA A 55  CYS A 60  
B 1  VAL A 18  ? GLY A 19  ? VAL A 19  GLY A 20  
B 2  ARG A 34  ? VAL A 35  ? ARG A 35  VAL A 36  
C 1  GLY A 107 ? VAL A 109 ? GLY A 108 VAL A 110 
C 2  GLU A 121 ? ARG A 123 ? GLU A 122 ARG A 124 
# 
loop_
_pdbx_struct_sheet_hbond.sheet_id 
_pdbx_struct_sheet_hbond.range_id_1 
_pdbx_struct_sheet_hbond.range_id_2 
_pdbx_struct_sheet_hbond.range_1_label_atom_id 
_pdbx_struct_sheet_hbond.range_1_label_comp_id 
_pdbx_struct_sheet_hbond.range_1_label_asym_id 
_pdbx_struct_sheet_hbond.range_1_label_seq_id 
_pdbx_struct_sheet_hbond.range_1_PDB_ins_code 
_pdbx_struct_sheet_hbond.range_1_auth_atom_id 
_pdbx_struct_sheet_hbond.range_1_auth_comp_id 
_pdbx_struct_sheet_hbond.range_1_auth_asym_id 
_pdbx_struct_sheet_hbond.range_1_auth_seq_id 
_pdbx_struct_sheet_hbond.range_2_label_atom_id 
_pdbx_struct_sheet_hbond.range_2_label_comp_id 
_pdbx_struct_sheet_hbond.range_2_label_asym_id 
_pdbx_struct_sheet_hbond.range_2_label_seq_id 
_pdbx_struct_sheet_hbond.range_2_PDB_ins_code 
_pdbx_struct_sheet_hbond.range_2_auth_atom_id 
_pdbx_struct_sheet_hbond.range_2_auth_comp_id 
_pdbx_struct_sheet_hbond.range_2_auth_asym_id 
_pdbx_struct_sheet_hbond.range_2_auth_seq_id 
A 1 2  N LYS A 31  ? N LYS A 32  O ALA A 73  ? O ALA A 74  
A 2 3  O PHE A 72  ? O PHE A 73  N ALA A 65  ? N ALA A 66  
A 3 4  O ALA A 62  ? O ALA A 63  N CYS A 59  ? N CYS A 60  
A 4 5  N TYR A 55  ? N TYR A 56  O TRP A 84  ? O TRP A 85  
A 5 6  N ILE A 85  ? N ILE A 86  O VAL A 100 ? O VAL A 101 
A 6 7  N PHE A 97  ? N PHE A 98  O PHE A 141 ? O PHE A 142 
A 7 8  O THR A 144 ? O THR A 145 N GLU A 8   ? N GLU A 9   
A 8 9  N TYR A 7   ? N TYR A 8   O TRP A 46  ? O TRP A 47  
A 9 10 N ASP A 51  ? N ASP A 52  O ALA A 54  ? O ALA A 55  
B 1 2  N GLY A 19  ? N GLY A 20  O ARG A 34  ? O ARG A 35  
C 1 2  N GLY A 107 ? N GLY A 108 O ARG A 123 ? O ARG A 124 
# 
_struct_site.id                   AC1 
_struct_site.pdbx_evidence_code   Software 
_struct_site.pdbx_auth_asym_id    A 
_struct_site.pdbx_auth_comp_id    MPD 
_struct_site.pdbx_auth_seq_id     201 
_struct_site.pdbx_auth_ins_code   ? 
_struct_site.pdbx_num_residues    5 
_struct_site.details              'BINDING SITE FOR RESIDUE MPD A 201' 
# 
loop_
_struct_site_gen.id 
_struct_site_gen.site_id 
_struct_site_gen.pdbx_num_res 
_struct_site_gen.label_comp_id 
_struct_site_gen.label_asym_id 
_struct_site_gen.label_seq_id 
_struct_site_gen.pdbx_auth_ins_code 
_struct_site_gen.auth_comp_id 
_struct_site_gen.auth_asym_id 
_struct_site_gen.auth_seq_id 
_struct_site_gen.label_atom_id 
_struct_site_gen.label_alt_id 
_struct_site_gen.symmetry 
_struct_site_gen.details 
1 AC1 5 GLU A 49 ? GLU A 50  . ? 1_555 ? 
2 AC1 5 TYR A 58 ? TYR A 59  . ? 2_656 ? 
3 AC1 5 GLY A 61 ? GLY A 62  . ? 1_555 ? 
4 AC1 5 GLY A 61 ? GLY A 62  . ? 2_656 ? 
5 AC1 5 HOH C .  ? HOH A 523 . ? 1_555 ? 
# 
loop_
_pdbx_validate_torsion.id 
_pdbx_validate_torsion.PDB_model_num 
_pdbx_validate_torsion.auth_comp_id 
_pdbx_validate_torsion.auth_asym_id 
_pdbx_validate_torsion.auth_seq_id 
_pdbx_validate_torsion.PDB_ins_code 
_pdbx_validate_torsion.label_alt_id 
_pdbx_validate_torsion.phi 
_pdbx_validate_torsion.psi 
1 1 ASN A 41  ? ? -153.11 62.39   
2 1 ASN A 42  ? ? -145.27 14.00   
3 1 ASP A 53  ? ? 57.37   -119.38 
4 1 LEU A 118 ? ? 78.21   -3.27   
# 
loop_
_pdbx_unobs_or_zero_occ_residues.id 
_pdbx_unobs_or_zero_occ_residues.PDB_model_num 
_pdbx_unobs_or_zero_occ_residues.polymer_flag 
_pdbx_unobs_or_zero_occ_residues.occupancy_flag 
_pdbx_unobs_or_zero_occ_residues.auth_asym_id 
_pdbx_unobs_or_zero_occ_residues.auth_comp_id 
_pdbx_unobs_or_zero_occ_residues.auth_seq_id 
_pdbx_unobs_or_zero_occ_residues.PDB_ins_code 
_pdbx_unobs_or_zero_occ_residues.label_asym_id 
_pdbx_unobs_or_zero_occ_residues.label_comp_id 
_pdbx_unobs_or_zero_occ_residues.label_seq_id 
1 1 Y 1 A GLU 148 ? A GLU 147 
2 1 Y 1 A SER 149 ? A SER 148 
3 1 Y 1 A ASP 150 ? A ASP 149 
# 
loop_
_chem_comp_atom.comp_id 
_chem_comp_atom.atom_id 
_chem_comp_atom.type_symbol 
_chem_comp_atom.pdbx_aromatic_flag 
_chem_comp_atom.pdbx_stereo_config 
_chem_comp_atom.pdbx_ordinal 
ALA N    N N N 1   
ALA CA   C N S 2   
ALA C    C N N 3   
ALA O    O N N 4   
ALA CB   C N N 5   
ALA OXT  O N N 6   
ALA H    H N N 7   
ALA H2   H N N 8   
ALA HA   H N N 9   
ALA HB1  H N N 10  
ALA HB2  H N N 11  
ALA HB3  H N N 12  
ALA HXT  H N N 13  
ARG N    N N N 14  
ARG CA   C N S 15  
ARG C    C N N 16  
ARG O    O N N 17  
ARG CB   C N N 18  
ARG CG   C N N 19  
ARG CD   C N N 20  
ARG NE   N N N 21  
ARG CZ   C N N 22  
ARG NH1  N N N 23  
ARG NH2  N N N 24  
ARG OXT  O N N 25  
ARG H    H N N 26  
ARG H2   H N N 27  
ARG HA   H N N 28  
ARG HB2  H N N 29  
ARG HB3  H N N 30  
ARG HG2  H N N 31  
ARG HG3  H N N 32  
ARG HD2  H N N 33  
ARG HD3  H N N 34  
ARG HE   H N N 35  
ARG HH11 H N N 36  
ARG HH12 H N N 37  
ARG HH21 H N N 38  
ARG HH22 H N N 39  
ARG HXT  H N N 40  
ASN N    N N N 41  
ASN CA   C N S 42  
ASN C    C N N 43  
ASN O    O N N 44  
ASN CB   C N N 45  
ASN CG   C N N 46  
ASN OD1  O N N 47  
ASN ND2  N N N 48  
ASN OXT  O N N 49  
ASN H    H N N 50  
ASN H2   H N N 51  
ASN HA   H N N 52  
ASN HB2  H N N 53  
ASN HB3  H N N 54  
ASN HD21 H N N 55  
ASN HD22 H N N 56  
ASN HXT  H N N 57  
ASP N    N N N 58  
ASP CA   C N S 59  
ASP C    C N N 60  
ASP O    O N N 61  
ASP CB   C N N 62  
ASP CG   C N N 63  
ASP OD1  O N N 64  
ASP OD2  O N N 65  
ASP OXT  O N N 66  
ASP H    H N N 67  
ASP H2   H N N 68  
ASP HA   H N N 69  
ASP HB2  H N N 70  
ASP HB3  H N N 71  
ASP HD2  H N N 72  
ASP HXT  H N N 73  
CYS N    N N N 74  
CYS CA   C N R 75  
CYS C    C N N 76  
CYS O    O N N 77  
CYS CB   C N N 78  
CYS SG   S N N 79  
CYS OXT  O N N 80  
CYS H    H N N 81  
CYS H2   H N N 82  
CYS HA   H N N 83  
CYS HB2  H N N 84  
CYS HB3  H N N 85  
CYS HG   H N N 86  
CYS HXT  H N N 87  
GLN N    N N N 88  
GLN CA   C N S 89  
GLN C    C N N 90  
GLN O    O N N 91  
GLN CB   C N N 92  
GLN CG   C N N 93  
GLN CD   C N N 94  
GLN OE1  O N N 95  
GLN NE2  N N N 96  
GLN OXT  O N N 97  
GLN H    H N N 98  
GLN H2   H N N 99  
GLN HA   H N N 100 
GLN HB2  H N N 101 
GLN HB3  H N N 102 
GLN HG2  H N N 103 
GLN HG3  H N N 104 
GLN HE21 H N N 105 
GLN HE22 H N N 106 
GLN HXT  H N N 107 
GLU N    N N N 108 
GLU CA   C N S 109 
GLU C    C N N 110 
GLU O    O N N 111 
GLU CB   C N N 112 
GLU CG   C N N 113 
GLU CD   C N N 114 
GLU OE1  O N N 115 
GLU OE2  O N N 116 
GLU OXT  O N N 117 
GLU H    H N N 118 
GLU H2   H N N 119 
GLU HA   H N N 120 
GLU HB2  H N N 121 
GLU HB3  H N N 122 
GLU HG2  H N N 123 
GLU HG3  H N N 124 
GLU HE2  H N N 125 
GLU HXT  H N N 126 
GLY N    N N N 127 
GLY CA   C N N 128 
GLY C    C N N 129 
GLY O    O N N 130 
GLY OXT  O N N 131 
GLY H    H N N 132 
GLY H2   H N N 133 
GLY HA2  H N N 134 
GLY HA3  H N N 135 
GLY HXT  H N N 136 
HIS N    N N N 137 
HIS CA   C N S 138 
HIS C    C N N 139 
HIS O    O N N 140 
HIS CB   C N N 141 
HIS CG   C Y N 142 
HIS ND1  N Y N 143 
HIS CD2  C Y N 144 
HIS CE1  C Y N 145 
HIS NE2  N Y N 146 
HIS OXT  O N N 147 
HIS H    H N N 148 
HIS H2   H N N 149 
HIS HA   H N N 150 
HIS HB2  H N N 151 
HIS HB3  H N N 152 
HIS HD1  H N N 153 
HIS HD2  H N N 154 
HIS HE1  H N N 155 
HIS HE2  H N N 156 
HIS HXT  H N N 157 
HOH O    O N N 158 
HOH H1   H N N 159 
HOH H2   H N N 160 
ILE N    N N N 161 
ILE CA   C N S 162 
ILE C    C N N 163 
ILE O    O N N 164 
ILE CB   C N S 165 
ILE CG1  C N N 166 
ILE CG2  C N N 167 
ILE CD1  C N N 168 
ILE OXT  O N N 169 
ILE H    H N N 170 
ILE H2   H N N 171 
ILE HA   H N N 172 
ILE HB   H N N 173 
ILE HG12 H N N 174 
ILE HG13 H N N 175 
ILE HG21 H N N 176 
ILE HG22 H N N 177 
ILE HG23 H N N 178 
ILE HD11 H N N 179 
ILE HD12 H N N 180 
ILE HD13 H N N 181 
ILE HXT  H N N 182 
LEU N    N N N 183 
LEU CA   C N S 184 
LEU C    C N N 185 
LEU O    O N N 186 
LEU CB   C N N 187 
LEU CG   C N N 188 
LEU CD1  C N N 189 
LEU CD2  C N N 190 
LEU OXT  O N N 191 
LEU H    H N N 192 
LEU H2   H N N 193 
LEU HA   H N N 194 
LEU HB2  H N N 195 
LEU HB3  H N N 196 
LEU HG   H N N 197 
LEU HD11 H N N 198 
LEU HD12 H N N 199 
LEU HD13 H N N 200 
LEU HD21 H N N 201 
LEU HD22 H N N 202 
LEU HD23 H N N 203 
LEU HXT  H N N 204 
LYS N    N N N 205 
LYS CA   C N S 206 
LYS C    C N N 207 
LYS O    O N N 208 
LYS CB   C N N 209 
LYS CG   C N N 210 
LYS CD   C N N 211 
LYS CE   C N N 212 
LYS NZ   N N N 213 
LYS OXT  O N N 214 
LYS H    H N N 215 
LYS H2   H N N 216 
LYS HA   H N N 217 
LYS HB2  H N N 218 
LYS HB3  H N N 219 
LYS HG2  H N N 220 
LYS HG3  H N N 221 
LYS HD2  H N N 222 
LYS HD3  H N N 223 
LYS HE2  H N N 224 
LYS HE3  H N N 225 
LYS HZ1  H N N 226 
LYS HZ2  H N N 227 
LYS HZ3  H N N 228 
LYS HXT  H N N 229 
MET N    N N N 230 
MET CA   C N S 231 
MET C    C N N 232 
MET O    O N N 233 
MET CB   C N N 234 
MET CG   C N N 235 
MET SD   S N N 236 
MET CE   C N N 237 
MET OXT  O N N 238 
MET H    H N N 239 
MET H2   H N N 240 
MET HA   H N N 241 
MET HB2  H N N 242 
MET HB3  H N N 243 
MET HG2  H N N 244 
MET HG3  H N N 245 
MET HE1  H N N 246 
MET HE2  H N N 247 
MET HE3  H N N 248 
MET HXT  H N N 249 
MPD C1   C N N 250 
MPD C2   C N N 251 
MPD O2   O N N 252 
MPD CM   C N N 253 
MPD C3   C N N 254 
MPD C4   C N S 255 
MPD O4   O N N 256 
MPD C5   C N N 257 
MPD H11  H N N 258 
MPD H12  H N N 259 
MPD H13  H N N 260 
MPD HO2  H N N 261 
MPD HM1  H N N 262 
MPD HM2  H N N 263 
MPD HM3  H N N 264 
MPD H31  H N N 265 
MPD H32  H N N 266 
MPD H4   H N N 267 
MPD HO4  H N N 268 
MPD H51  H N N 269 
MPD H52  H N N 270 
MPD H53  H N N 271 
PHE N    N N N 272 
PHE CA   C N S 273 
PHE C    C N N 274 
PHE O    O N N 275 
PHE CB   C N N 276 
PHE CG   C Y N 277 
PHE CD1  C Y N 278 
PHE CD2  C Y N 279 
PHE CE1  C Y N 280 
PHE CE2  C Y N 281 
PHE CZ   C Y N 282 
PHE OXT  O N N 283 
PHE H    H N N 284 
PHE H2   H N N 285 
PHE HA   H N N 286 
PHE HB2  H N N 287 
PHE HB3  H N N 288 
PHE HD1  H N N 289 
PHE HD2  H N N 290 
PHE HE1  H N N 291 
PHE HE2  H N N 292 
PHE HZ   H N N 293 
PHE HXT  H N N 294 
PRO N    N N N 295 
PRO CA   C N S 296 
PRO C    C N N 297 
PRO O    O N N 298 
PRO CB   C N N 299 
PRO CG   C N N 300 
PRO CD   C N N 301 
PRO OXT  O N N 302 
PRO H    H N N 303 
PRO HA   H N N 304 
PRO HB2  H N N 305 
PRO HB3  H N N 306 
PRO HG2  H N N 307 
PRO HG3  H N N 308 
PRO HD2  H N N 309 
PRO HD3  H N N 310 
PRO HXT  H N N 311 
SER N    N N N 312 
SER CA   C N S 313 
SER C    C N N 314 
SER O    O N N 315 
SER CB   C N N 316 
SER OG   O N N 317 
SER OXT  O N N 318 
SER H    H N N 319 
SER H2   H N N 320 
SER HA   H N N 321 
SER HB2  H N N 322 
SER HB3  H N N 323 
SER HG   H N N 324 
SER HXT  H N N 325 
THR N    N N N 326 
THR CA   C N S 327 
THR C    C N N 328 
THR O    O N N 329 
THR CB   C N R 330 
THR OG1  O N N 331 
THR CG2  C N N 332 
THR OXT  O N N 333 
THR H    H N N 334 
THR H2   H N N 335 
THR HA   H N N 336 
THR HB   H N N 337 
THR HG1  H N N 338 
THR HG21 H N N 339 
THR HG22 H N N 340 
THR HG23 H N N 341 
THR HXT  H N N 342 
TRP N    N N N 343 
TRP CA   C N S 344 
TRP C    C N N 345 
TRP O    O N N 346 
TRP CB   C N N 347 
TRP CG   C Y N 348 
TRP CD1  C Y N 349 
TRP CD2  C Y N 350 
TRP NE1  N Y N 351 
TRP CE2  C Y N 352 
TRP CE3  C Y N 353 
TRP CZ2  C Y N 354 
TRP CZ3  C Y N 355 
TRP CH2  C Y N 356 
TRP OXT  O N N 357 
TRP H    H N N 358 
TRP H2   H N N 359 
TRP HA   H N N 360 
TRP HB2  H N N 361 
TRP HB3  H N N 362 
TRP HD1  H N N 363 
TRP HE1  H N N 364 
TRP HE3  H N N 365 
TRP HZ2  H N N 366 
TRP HZ3  H N N 367 
TRP HH2  H N N 368 
TRP HXT  H N N 369 
TYR N    N N N 370 
TYR CA   C N S 371 
TYR C    C N N 372 
TYR O    O N N 373 
TYR CB   C N N 374 
TYR CG   C Y N 375 
TYR CD1  C Y N 376 
TYR CD2  C Y N 377 
TYR CE1  C Y N 378 
TYR CE2  C Y N 379 
TYR CZ   C Y N 380 
TYR OH   O N N 381 
TYR OXT  O N N 382 
TYR H    H N N 383 
TYR H2   H N N 384 
TYR HA   H N N 385 
TYR HB2  H N N 386 
TYR HB3  H N N 387 
TYR HD1  H N N 388 
TYR HD2  H N N 389 
TYR HE1  H N N 390 
TYR HE2  H N N 391 
TYR HH   H N N 392 
TYR HXT  H N N 393 
VAL N    N N N 394 
VAL CA   C N S 395 
VAL C    C N N 396 
VAL O    O N N 397 
VAL CB   C N N 398 
VAL CG1  C N N 399 
VAL CG2  C N N 400 
VAL OXT  O N N 401 
VAL H    H N N 402 
VAL H2   H N N 403 
VAL HA   H N N 404 
VAL HB   H N N 405 
VAL HG11 H N N 406 
VAL HG12 H N N 407 
VAL HG13 H N N 408 
VAL HG21 H N N 409 
VAL HG22 H N N 410 
VAL HG23 H N N 411 
VAL HXT  H N N 412 
# 
loop_
_chem_comp_bond.comp_id 
_chem_comp_bond.atom_id_1 
_chem_comp_bond.atom_id_2 
_chem_comp_bond.value_order 
_chem_comp_bond.pdbx_aromatic_flag 
_chem_comp_bond.pdbx_stereo_config 
_chem_comp_bond.pdbx_ordinal 
ALA N   CA   sing N N 1   
ALA N   H    sing N N 2   
ALA N   H2   sing N N 3   
ALA CA  C    sing N N 4   
ALA CA  CB   sing N N 5   
ALA CA  HA   sing N N 6   
ALA C   O    doub N N 7   
ALA C   OXT  sing N N 8   
ALA CB  HB1  sing N N 9   
ALA CB  HB2  sing N N 10  
ALA CB  HB3  sing N N 11  
ALA OXT HXT  sing N N 12  
ARG N   CA   sing N N 13  
ARG N   H    sing N N 14  
ARG N   H2   sing N N 15  
ARG CA  C    sing N N 16  
ARG CA  CB   sing N N 17  
ARG CA  HA   sing N N 18  
ARG C   O    doub N N 19  
ARG C   OXT  sing N N 20  
ARG CB  CG   sing N N 21  
ARG CB  HB2  sing N N 22  
ARG CB  HB3  sing N N 23  
ARG CG  CD   sing N N 24  
ARG CG  HG2  sing N N 25  
ARG CG  HG3  sing N N 26  
ARG CD  NE   sing N N 27  
ARG CD  HD2  sing N N 28  
ARG CD  HD3  sing N N 29  
ARG NE  CZ   sing N N 30  
ARG NE  HE   sing N N 31  
ARG CZ  NH1  sing N N 32  
ARG CZ  NH2  doub N N 33  
ARG NH1 HH11 sing N N 34  
ARG NH1 HH12 sing N N 35  
ARG NH2 HH21 sing N N 36  
ARG NH2 HH22 sing N N 37  
ARG OXT HXT  sing N N 38  
ASN N   CA   sing N N 39  
ASN N   H    sing N N 40  
ASN N   H2   sing N N 41  
ASN CA  C    sing N N 42  
ASN CA  CB   sing N N 43  
ASN CA  HA   sing N N 44  
ASN C   O    doub N N 45  
ASN C   OXT  sing N N 46  
ASN CB  CG   sing N N 47  
ASN CB  HB2  sing N N 48  
ASN CB  HB3  sing N N 49  
ASN CG  OD1  doub N N 50  
ASN CG  ND2  sing N N 51  
ASN ND2 HD21 sing N N 52  
ASN ND2 HD22 sing N N 53  
ASN OXT HXT  sing N N 54  
ASP N   CA   sing N N 55  
ASP N   H    sing N N 56  
ASP N   H2   sing N N 57  
ASP CA  C    sing N N 58  
ASP CA  CB   sing N N 59  
ASP CA  HA   sing N N 60  
ASP C   O    doub N N 61  
ASP C   OXT  sing N N 62  
ASP CB  CG   sing N N 63  
ASP CB  HB2  sing N N 64  
ASP CB  HB3  sing N N 65  
ASP CG  OD1  doub N N 66  
ASP CG  OD2  sing N N 67  
ASP OD2 HD2  sing N N 68  
ASP OXT HXT  sing N N 69  
CYS N   CA   sing N N 70  
CYS N   H    sing N N 71  
CYS N   H2   sing N N 72  
CYS CA  C    sing N N 73  
CYS CA  CB   sing N N 74  
CYS CA  HA   sing N N 75  
CYS C   O    doub N N 76  
CYS C   OXT  sing N N 77  
CYS CB  SG   sing N N 78  
CYS CB  HB2  sing N N 79  
CYS CB  HB3  sing N N 80  
CYS SG  HG   sing N N 81  
CYS OXT HXT  sing N N 82  
GLN N   CA   sing N N 83  
GLN N   H    sing N N 84  
GLN N   H2   sing N N 85  
GLN CA  C    sing N N 86  
GLN CA  CB   sing N N 87  
GLN CA  HA   sing N N 88  
GLN C   O    doub N N 89  
GLN C   OXT  sing N N 90  
GLN CB  CG   sing N N 91  
GLN CB  HB2  sing N N 92  
GLN CB  HB3  sing N N 93  
GLN CG  CD   sing N N 94  
GLN CG  HG2  sing N N 95  
GLN CG  HG3  sing N N 96  
GLN CD  OE1  doub N N 97  
GLN CD  NE2  sing N N 98  
GLN NE2 HE21 sing N N 99  
GLN NE2 HE22 sing N N 100 
GLN OXT HXT  sing N N 101 
GLU N   CA   sing N N 102 
GLU N   H    sing N N 103 
GLU N   H2   sing N N 104 
GLU CA  C    sing N N 105 
GLU CA  CB   sing N N 106 
GLU CA  HA   sing N N 107 
GLU C   O    doub N N 108 
GLU C   OXT  sing N N 109 
GLU CB  CG   sing N N 110 
GLU CB  HB2  sing N N 111 
GLU CB  HB3  sing N N 112 
GLU CG  CD   sing N N 113 
GLU CG  HG2  sing N N 114 
GLU CG  HG3  sing N N 115 
GLU CD  OE1  doub N N 116 
GLU CD  OE2  sing N N 117 
GLU OE2 HE2  sing N N 118 
GLU OXT HXT  sing N N 119 
GLY N   CA   sing N N 120 
GLY N   H    sing N N 121 
GLY N   H2   sing N N 122 
GLY CA  C    sing N N 123 
GLY CA  HA2  sing N N 124 
GLY CA  HA3  sing N N 125 
GLY C   O    doub N N 126 
GLY C   OXT  sing N N 127 
GLY OXT HXT  sing N N 128 
HIS N   CA   sing N N 129 
HIS N   H    sing N N 130 
HIS N   H2   sing N N 131 
HIS CA  C    sing N N 132 
HIS CA  CB   sing N N 133 
HIS CA  HA   sing N N 134 
HIS C   O    doub N N 135 
HIS C   OXT  sing N N 136 
HIS CB  CG   sing N N 137 
HIS CB  HB2  sing N N 138 
HIS CB  HB3  sing N N 139 
HIS CG  ND1  sing Y N 140 
HIS CG  CD2  doub Y N 141 
HIS ND1 CE1  doub Y N 142 
HIS ND1 HD1  sing N N 143 
HIS CD2 NE2  sing Y N 144 
HIS CD2 HD2  sing N N 145 
HIS CE1 NE2  sing Y N 146 
HIS CE1 HE1  sing N N 147 
HIS NE2 HE2  sing N N 148 
HIS OXT HXT  sing N N 149 
HOH O   H1   sing N N 150 
HOH O   H2   sing N N 151 
ILE N   CA   sing N N 152 
ILE N   H    sing N N 153 
ILE N   H2   sing N N 154 
ILE CA  C    sing N N 155 
ILE CA  CB   sing N N 156 
ILE CA  HA   sing N N 157 
ILE C   O    doub N N 158 
ILE C   OXT  sing N N 159 
ILE CB  CG1  sing N N 160 
ILE CB  CG2  sing N N 161 
ILE CB  HB   sing N N 162 
ILE CG1 CD1  sing N N 163 
ILE CG1 HG12 sing N N 164 
ILE CG1 HG13 sing N N 165 
ILE CG2 HG21 sing N N 166 
ILE CG2 HG22 sing N N 167 
ILE CG2 HG23 sing N N 168 
ILE CD1 HD11 sing N N 169 
ILE CD1 HD12 sing N N 170 
ILE CD1 HD13 sing N N 171 
ILE OXT HXT  sing N N 172 
LEU N   CA   sing N N 173 
LEU N   H    sing N N 174 
LEU N   H2   sing N N 175 
LEU CA  C    sing N N 176 
LEU CA  CB   sing N N 177 
LEU CA  HA   sing N N 178 
LEU C   O    doub N N 179 
LEU C   OXT  sing N N 180 
LEU CB  CG   sing N N 181 
LEU CB  HB2  sing N N 182 
LEU CB  HB3  sing N N 183 
LEU CG  CD1  sing N N 184 
LEU CG  CD2  sing N N 185 
LEU CG  HG   sing N N 186 
LEU CD1 HD11 sing N N 187 
LEU CD1 HD12 sing N N 188 
LEU CD1 HD13 sing N N 189 
LEU CD2 HD21 sing N N 190 
LEU CD2 HD22 sing N N 191 
LEU CD2 HD23 sing N N 192 
LEU OXT HXT  sing N N 193 
LYS N   CA   sing N N 194 
LYS N   H    sing N N 195 
LYS N   H2   sing N N 196 
LYS CA  C    sing N N 197 
LYS CA  CB   sing N N 198 
LYS CA  HA   sing N N 199 
LYS C   O    doub N N 200 
LYS C   OXT  sing N N 201 
LYS CB  CG   sing N N 202 
LYS CB  HB2  sing N N 203 
LYS CB  HB3  sing N N 204 
LYS CG  CD   sing N N 205 
LYS CG  HG2  sing N N 206 
LYS CG  HG3  sing N N 207 
LYS CD  CE   sing N N 208 
LYS CD  HD2  sing N N 209 
LYS CD  HD3  sing N N 210 
LYS CE  NZ   sing N N 211 
LYS CE  HE2  sing N N 212 
LYS CE  HE3  sing N N 213 
LYS NZ  HZ1  sing N N 214 
LYS NZ  HZ2  sing N N 215 
LYS NZ  HZ3  sing N N 216 
LYS OXT HXT  sing N N 217 
MET N   CA   sing N N 218 
MET N   H    sing N N 219 
MET N   H2   sing N N 220 
MET CA  C    sing N N 221 
MET CA  CB   sing N N 222 
MET CA  HA   sing N N 223 
MET C   O    doub N N 224 
MET C   OXT  sing N N 225 
MET CB  CG   sing N N 226 
MET CB  HB2  sing N N 227 
MET CB  HB3  sing N N 228 
MET CG  SD   sing N N 229 
MET CG  HG2  sing N N 230 
MET CG  HG3  sing N N 231 
MET SD  CE   sing N N 232 
MET CE  HE1  sing N N 233 
MET CE  HE2  sing N N 234 
MET CE  HE3  sing N N 235 
MET OXT HXT  sing N N 236 
MPD C1  C2   sing N N 237 
MPD C1  H11  sing N N 238 
MPD C1  H12  sing N N 239 
MPD C1  H13  sing N N 240 
MPD C2  O2   sing N N 241 
MPD C2  CM   sing N N 242 
MPD C2  C3   sing N N 243 
MPD O2  HO2  sing N N 244 
MPD CM  HM1  sing N N 245 
MPD CM  HM2  sing N N 246 
MPD CM  HM3  sing N N 247 
MPD C3  C4   sing N N 248 
MPD C3  H31  sing N N 249 
MPD C3  H32  sing N N 250 
MPD C4  O4   sing N N 251 
MPD C4  C5   sing N N 252 
MPD C4  H4   sing N N 253 
MPD O4  HO4  sing N N 254 
MPD C5  H51  sing N N 255 
MPD C5  H52  sing N N 256 
MPD C5  H53  sing N N 257 
PHE N   CA   sing N N 258 
PHE N   H    sing N N 259 
PHE N   H2   sing N N 260 
PHE CA  C    sing N N 261 
PHE CA  CB   sing N N 262 
PHE CA  HA   sing N N 263 
PHE C   O    doub N N 264 
PHE C   OXT  sing N N 265 
PHE CB  CG   sing N N 266 
PHE CB  HB2  sing N N 267 
PHE CB  HB3  sing N N 268 
PHE CG  CD1  doub Y N 269 
PHE CG  CD2  sing Y N 270 
PHE CD1 CE1  sing Y N 271 
PHE CD1 HD1  sing N N 272 
PHE CD2 CE2  doub Y N 273 
PHE CD2 HD2  sing N N 274 
PHE CE1 CZ   doub Y N 275 
PHE CE1 HE1  sing N N 276 
PHE CE2 CZ   sing Y N 277 
PHE CE2 HE2  sing N N 278 
PHE CZ  HZ   sing N N 279 
PHE OXT HXT  sing N N 280 
PRO N   CA   sing N N 281 
PRO N   CD   sing N N 282 
PRO N   H    sing N N 283 
PRO CA  C    sing N N 284 
PRO CA  CB   sing N N 285 
PRO CA  HA   sing N N 286 
PRO C   O    doub N N 287 
PRO C   OXT  sing N N 288 
PRO CB  CG   sing N N 289 
PRO CB  HB2  sing N N 290 
PRO CB  HB3  sing N N 291 
PRO CG  CD   sing N N 292 
PRO CG  HG2  sing N N 293 
PRO CG  HG3  sing N N 294 
PRO CD  HD2  sing N N 295 
PRO CD  HD3  sing N N 296 
PRO OXT HXT  sing N N 297 
SER N   CA   sing N N 298 
SER N   H    sing N N 299 
SER N   H2   sing N N 300 
SER CA  C    sing N N 301 
SER CA  CB   sing N N 302 
SER CA  HA   sing N N 303 
SER C   O    doub N N 304 
SER C   OXT  sing N N 305 
SER CB  OG   sing N N 306 
SER CB  HB2  sing N N 307 
SER CB  HB3  sing N N 308 
SER OG  HG   sing N N 309 
SER OXT HXT  sing N N 310 
THR N   CA   sing N N 311 
THR N   H    sing N N 312 
THR N   H2   sing N N 313 
THR CA  C    sing N N 314 
THR CA  CB   sing N N 315 
THR CA  HA   sing N N 316 
THR C   O    doub N N 317 
THR C   OXT  sing N N 318 
THR CB  OG1  sing N N 319 
THR CB  CG2  sing N N 320 
THR CB  HB   sing N N 321 
THR OG1 HG1  sing N N 322 
THR CG2 HG21 sing N N 323 
THR CG2 HG22 sing N N 324 
THR CG2 HG23 sing N N 325 
THR OXT HXT  sing N N 326 
TRP N   CA   sing N N 327 
TRP N   H    sing N N 328 
TRP N   H2   sing N N 329 
TRP CA  C    sing N N 330 
TRP CA  CB   sing N N 331 
TRP CA  HA   sing N N 332 
TRP C   O    doub N N 333 
TRP C   OXT  sing N N 334 
TRP CB  CG   sing N N 335 
TRP CB  HB2  sing N N 336 
TRP CB  HB3  sing N N 337 
TRP CG  CD1  doub Y N 338 
TRP CG  CD2  sing Y N 339 
TRP CD1 NE1  sing Y N 340 
TRP CD1 HD1  sing N N 341 
TRP CD2 CE2  doub Y N 342 
TRP CD2 CE3  sing Y N 343 
TRP NE1 CE2  sing Y N 344 
TRP NE1 HE1  sing N N 345 
TRP CE2 CZ2  sing Y N 346 
TRP CE3 CZ3  doub Y N 347 
TRP CE3 HE3  sing N N 348 
TRP CZ2 CH2  doub Y N 349 
TRP CZ2 HZ2  sing N N 350 
TRP CZ3 CH2  sing Y N 351 
TRP CZ3 HZ3  sing N N 352 
TRP CH2 HH2  sing N N 353 
TRP OXT HXT  sing N N 354 
TYR N   CA   sing N N 355 
TYR N   H    sing N N 356 
TYR N   H2   sing N N 357 
TYR CA  C    sing N N 358 
TYR CA  CB   sing N N 359 
TYR CA  HA   sing N N 360 
TYR C   O    doub N N 361 
TYR C   OXT  sing N N 362 
TYR CB  CG   sing N N 363 
TYR CB  HB2  sing N N 364 
TYR CB  HB3  sing N N 365 
TYR CG  CD1  doub Y N 366 
TYR CG  CD2  sing Y N 367 
TYR CD1 CE1  sing Y N 368 
TYR CD1 HD1  sing N N 369 
TYR CD2 CE2  doub Y N 370 
TYR CD2 HD2  sing N N 371 
TYR CE1 CZ   doub Y N 372 
TYR CE1 HE1  sing N N 373 
TYR CE2 CZ   sing Y N 374 
TYR CE2 HE2  sing N N 375 
TYR CZ  OH   sing N N 376 
TYR OH  HH   sing N N 377 
TYR OXT HXT  sing N N 378 
VAL N   CA   sing N N 379 
VAL N   H    sing N N 380 
VAL N   H2   sing N N 381 
VAL CA  C    sing N N 382 
VAL CA  CB   sing N N 383 
VAL CA  HA   sing N N 384 
VAL C   O    doub N N 385 
VAL C   OXT  sing N N 386 
VAL CB  CG1  sing N N 387 
VAL CB  CG2  sing N N 388 
VAL CB  HB   sing N N 389 
VAL CG1 HG11 sing N N 390 
VAL CG1 HG12 sing N N 391 
VAL CG1 HG13 sing N N 392 
VAL CG2 HG21 sing N N 393 
VAL CG2 HG22 sing N N 394 
VAL CG2 HG23 sing N N 395 
VAL OXT HXT  sing N N 396 
# 
_atom_sites.entry_id                    3VWC 
_atom_sites.fract_transf_matrix[1][1]   -0.00453938 
_atom_sites.fract_transf_matrix[1][2]   0.01140732 
_atom_sites.fract_transf_matrix[1][3]   -0.00366719 
_atom_sites.fract_transf_matrix[2][1]   -0.01751369 
_atom_sites.fract_transf_matrix[2][2]   -0.00073147 
_atom_sites.fract_transf_matrix[2][3]   0.01940376 
_atom_sites.fract_transf_matrix[3][1]   0.01109796 
_atom_sites.fract_transf_matrix[3][2]   0.01027109 
_atom_sites.fract_transf_matrix[3][3]   0.01040413 
_atom_sites.fract_transf_vector[1]      0.411189 
_atom_sites.fract_transf_vector[2]      0.768378 
_atom_sites.fract_transf_vector[3]      0.237176 
# 
loop_
_atom_type.symbol 
C 
N 
O 
S 
# 
loop_
_atom_site.group_PDB 
_atom_site.id 
_atom_site.type_symbol 
_atom_site.label_atom_id 
_atom_site.label_alt_id 
_atom_site.label_comp_id 
_atom_site.label_asym_id 
_atom_site.label_entity_id 
_atom_site.label_seq_id 
_atom_site.pdbx_PDB_ins_code 
_atom_site.Cartn_x 
_atom_site.Cartn_y 
_atom_site.Cartn_z 
_atom_site.occupancy 
_atom_site.B_iso_or_equiv 
_atom_site.pdbx_formal_charge 
_atom_site.auth_seq_id 
_atom_site.auth_comp_id 
_atom_site.auth_asym_id 
_atom_site.auth_atom_id 
_atom_site.pdbx_PDB_model_num 
ATOM   1    N N   . SER A 1 1   ? 2.806   -3.549  13.884  1.00 15.73 ? 2   SER A N   1 
ATOM   2    C CA  . SER A 1 1   ? 3.993   -2.663  13.853  1.00 17.14 ? 2   SER A CA  1 
ATOM   3    C C   . SER A 1 1   ? 4.912   -3.124  12.732  1.00 16.41 ? 2   SER A C   1 
ATOM   4    O O   . SER A 1 1   ? 4.745   -4.209  12.213  1.00 18.45 ? 2   SER A O   1 
ATOM   5    C CB  . SER A 1 1   ? 4.757   -2.758  15.187  1.00 18.48 ? 2   SER A CB  1 
ATOM   6    O OG  . SER A 1 1   ? 5.233   -4.080  15.360  1.00 24.49 ? 2   SER A OG  1 
ATOM   7    N N   . ILE A 1 2   ? 5.805   -2.243  12.291  1.00 16.50 ? 3   ILE A N   1 
ATOM   8    C CA  . ILE A 1 2   ? 6.803   -2.545  11.286  1.00 15.56 ? 3   ILE A CA  1 
ATOM   9    C C   . ILE A 1 2   ? 7.970   -1.610  11.579  1.00 16.70 ? 3   ILE A C   1 
ATOM   10   O O   . ILE A 1 2   ? 7.763   -0.486  12.058  1.00 17.59 ? 3   ILE A O   1 
ATOM   11   C CB  . ILE A 1 2   ? 6.235   -2.315  9.827   1.00 12.65 ? 3   ILE A CB  1 
ATOM   12   C CG1 . ILE A 1 2   ? 7.258   -2.699  8.777   1.00 12.76 ? 3   ILE A CG1 1 
ATOM   13   C CG2 . ILE A 1 2   ? 5.810   -0.868  9.647   1.00 15.55 ? 3   ILE A CG2 1 
ATOM   14   C CD1 . ILE A 1 2   ? 6.750   -2.599  7.294   1.00 12.23 ? 3   ILE A CD1 1 
ATOM   15   N N   . LYS A 1 3   ? 9.180   -2.086  11.355  1.00 16.12 ? 4   LYS A N   1 
ATOM   16   C CA  . LYS A 1 3   ? 10.346  -1.268  11.653  1.00 16.83 ? 4   LYS A CA  1 
ATOM   17   C C   . LYS A 1 3   ? 10.372  -0.137  10.626  1.00 17.06 ? 4   LYS A C   1 
ATOM   18   O O   . LYS A 1 3   ? 10.237  -0.388  9.436   1.00 17.72 ? 4   LYS A O   1 
ATOM   19   C CB  . LYS A 1 3   ? 11.628  -2.115  11.559  1.00 19.47 ? 4   LYS A CB  1 
ATOM   20   C CG  . LYS A 1 3   ? 12.868  -1.357  11.992  1.00 28.13 ? 4   LYS A CG  1 
ATOM   21   C CD  . LYS A 1 3   ? 14.053  -2.298  12.096  1.00 38.32 ? 4   LYS A CD  1 
ATOM   22   C CE  . LYS A 1 3   ? 14.726  -2.429  10.745  1.00 39.12 ? 4   LYS A CE  1 
ATOM   23   N NZ  . LYS A 1 3   ? 15.652  -3.599  10.660  1.00 37.51 ? 4   LYS A NZ  1 
ATOM   24   N N   . PRO A 1 4   ? 10.449  1.119   11.079  1.00 17.34 ? 5   PRO A N   1 
ATOM   25   C CA  . PRO A 1 4   ? 10.629  2.185   10.086  1.00 18.26 ? 5   PRO A CA  1 
ATOM   26   C C   . PRO A 1 4   ? 11.870  1.995   9.222   1.00 18.71 ? 5   PRO A C   1 
ATOM   27   O O   . PRO A 1 4   ? 12.902  1.458   9.673   1.00 21.84 ? 5   PRO A O   1 
ATOM   28   C CB  . PRO A 1 4   ? 10.764  3.455   10.946  1.00 19.87 ? 5   PRO A CB  1 
ATOM   29   C CG  . PRO A 1 4   ? 10.291  3.087   12.300  1.00 22.10 ? 5   PRO A CG  1 
ATOM   30   C CD  . PRO A 1 4   ? 10.493  1.624   12.466  1.00 19.28 ? 5   PRO A CD  1 
ATOM   31   N N   . GLY A 1 5   ? 11.763  2.395   7.960   1.00 18.08 ? 6   GLY A N   1 
ATOM   32   C CA  . GLY A 1 5   ? 12.864  2.279   7.024   1.00 19.33 ? 6   GLY A CA  1 
ATOM   33   C C   . GLY A 1 5   ? 12.305  2.263   5.616   1.00 15.67 ? 6   GLY A C   1 
ATOM   34   O O   . GLY A 1 5   ? 11.173  2.704   5.387   1.00 16.92 ? 6   GLY A O   1 
ATOM   35   N N   . THR A 1 6   ? 13.097  1.730   4.703   1.00 17.56 ? 7   THR A N   1 
ATOM   36   C CA  . THR A 1 6   ? 12.815  1.822   3.275   1.00 18.25 ? 7   THR A CA  1 
ATOM   37   C C   . THR A 1 6   ? 12.585  0.389   2.769   1.00 18.78 ? 7   THR A C   1 
ATOM   38   O O   . THR A 1 6   ? 13.365  -0.530  3.075   1.00 17.76 ? 7   THR A O   1 
ATOM   39   C CB  . THR A 1 6   ? 14.016  2.472   2.497   1.00 21.73 ? 7   THR A CB  1 
ATOM   40   O OG1 . THR A 1 6   ? 14.190  3.835   2.912   1.00 24.02 ? 7   THR A OG1 1 
ATOM   41   C CG2 . THR A 1 6   ? 13.798  2.421   0.997   1.00 26.13 ? 7   THR A CG2 1 
ATOM   42   N N   . TYR A 1 7   ? 11.492  0.207   2.012   1.00 15.82 ? 8   TYR A N   1 
ATOM   43   C CA  . TYR A 1 7   ? 10.965  -1.120  1.633   1.00 15.13 ? 8   TYR A CA  1 
ATOM   44   C C   . TYR A 1 7   ? 10.527  -1.213  0.179   1.00 15.96 ? 8   TYR A C   1 
ATOM   45   O O   . TYR A 1 7   ? 9.859   -0.296  -0.318  1.00 19.98 ? 8   TYR A O   1 
ATOM   46   C CB  . TYR A 1 7   ? 9.721   -1.431  2.478   1.00 17.64 ? 8   TYR A CB  1 
ATOM   47   C CG  . TYR A 1 7   ? 10.035  -1.681  3.930   1.00 10.89 ? 8   TYR A CG  1 
ATOM   48   C CD1 . TYR A 1 7   ? 10.264  -2.962  4.418   1.00 12.56 ? 8   TYR A CD1 1 
ATOM   49   C CD2 . TYR A 1 7   ? 10.068  -0.616  4.845   1.00 12.98 ? 8   TYR A CD2 1 
ATOM   50   C CE1 . TYR A 1 7   ? 10.533  -3.198  5.731   1.00 12.64 ? 8   TYR A CE1 1 
ATOM   51   C CE2 . TYR A 1 7   ? 10.342  -0.849  6.190   1.00 15.88 ? 8   TYR A CE2 1 
ATOM   52   C CZ  . TYR A 1 7   ? 10.557  -2.134  6.620   1.00 15.21 ? 8   TYR A CZ  1 
ATOM   53   O OH  . TYR A 1 7   ? 10.833  -2.416  7.936   1.00 17.04 ? 8   TYR A OH  1 
ATOM   54   N N   . GLU A 1 8   ? 10.712  -2.390  -0.416  1.00 15.83 ? 9   GLU A N   1 
ATOM   55   C CA  . GLU A 1 8   ? 10.009  -2.758  -1.651  1.00 15.12 ? 9   GLU A CA  1 
ATOM   56   C C   . GLU A 1 8   ? 8.721   -3.456  -1.237  1.00 15.72 ? 9   GLU A C   1 
ATOM   57   O O   . GLU A 1 8   ? 8.676   -4.095  -0.186  1.00 15.57 ? 9   GLU A O   1 
ATOM   58   C CB  . GLU A 1 8   ? 10.837  -3.734  -2.482  1.00 23.71 ? 9   GLU A CB  1 
ATOM   59   C CG  . GLU A 1 8   ? 12.057  -3.086  -3.120  1.00 33.69 ? 9   GLU A CG  1 
ATOM   60   C CD  . GLU A 1 8   ? 12.439  -3.749  -4.441  1.00 40.98 ? 9   GLU A CD  1 
ATOM   61   O OE1 . GLU A 1 8   ? 12.083  -4.934  -4.644  1.00 45.18 ? 9   GLU A OE1 1 
ATOM   62   O OE2 . GLU A 1 8   ? 13.065  -3.070  -5.286  1.00 47.62 ? 9   GLU A OE2 1 
ATOM   63   N N   . VAL A 1 9   ? 7.643   -3.119  -1.913  1.00 14.06 ? 10  VAL A N   1 
ATOM   64   C CA  . VAL A 1 9   ? 6.323   -3.655  -1.531  1.00 11.23 ? 10  VAL A CA  1 
ATOM   65   C C   . VAL A 1 9   ? 5.683   -4.412  -2.685  1.00 12.73 ? 10  VAL A C   1 
ATOM   66   O O   . VAL A 1 9   ? 5.557   -3.850  -3.765  1.00 12.50 ? 10  VAL A O   1 
ATOM   67   C CB  . VAL A 1 9   ? 5.375   -2.527  -1.073  1.00 12.79 ? 10  VAL A CB  1 
ATOM   68   C CG1 . VAL A 1 9   ? 4.015   -3.074  -0.649  1.00 13.90 ? 10  VAL A CG1 1 
ATOM   69   C CG2 . VAL A 1 9   ? 6.009   -1.712  0.016   1.00 15.08 ? 10  VAL A CG2 1 
ATOM   70   N N   . THR A 1 10  ? 5.323   -5.682  -2.494  1.00 11.56 ? 11  THR A N   1 
ATOM   71   C CA  . THR A 1 10  ? 4.607   -6.442  -3.526  1.00 11.37 ? 11  THR A CA  1 
ATOM   72   C C   . THR A 1 10  ? 3.282   -6.960  -2.984  1.00 13.03 ? 11  THR A C   1 
ATOM   73   O O   . THR A 1 10  ? 3.098   -7.091  -1.773  1.00 11.65 ? 11  THR A O   1 
ATOM   74   C CB  . THR A 1 10  ? 5.402   -7.673  -3.979  1.00 11.64 ? 11  THR A CB  1 
ATOM   75   O OG1 . THR A 1 10  ? 5.790   -8.443  -2.815  1.00 13.87 ? 11  THR A OG1 1 
ATOM   76   C CG2 . THR A 1 10  ? 6.658   -7.214  -4.727  1.00 14.76 ? 11  THR A CG2 1 
ATOM   77   N N   . SER A 1 11  ? 2.348   -7.150  -3.894  1.00 9.72  ? 12  SER A N   1 
ATOM   78   C CA  . SER A 1 11  ? 1.050   -7.775  -3.608  1.00 9.75  ? 12  SER A CA  1 
ATOM   79   C C   . SER A 1 11  ? 1.124   -9.289  -3.580  1.00 10.36 ? 12  SER A C   1 
ATOM   80   O O   . SER A 1 11  ? 1.670   -9.886  -4.478  1.00 10.15 ? 12  SER A O   1 
ATOM   81   C CB  . SER A 1 11  ? 0.053   -7.353  -4.672  1.00 9.44  ? 12  SER A CB  1 
ATOM   82   O OG  . SER A 1 11  ? -1.159  -8.125  -4.601  1.00 9.55  ? 12  SER A OG  1 
ATOM   83   N N   . LYS A 1 12  ? 0.545   -9.930  -2.562  1.00 7.55  ? 13  LYS A N   1 
ATOM   84   C CA  . LYS A 1 12  ? 0.538   -11.376 -2.516  1.00 10.69 ? 13  LYS A CA  1 
ATOM   85   C C   . LYS A 1 12  ? -0.358  -11.993 -3.590  1.00 9.39  ? 13  LYS A C   1 
ATOM   86   O O   . LYS A 1 12  ? -0.229  -13.176 -3.887  1.00 11.30 ? 13  LYS A O   1 
ATOM   87   C CB  . LYS A 1 12  ? 0.087   -11.853 -1.125  1.00 7.59  ? 13  LYS A CB  1 
ATOM   88   C CG  . LYS A 1 12  ? 1.178   -11.699 -0.024  1.00 11.96 ? 13  LYS A CG  1 
ATOM   89   C CD  . LYS A 1 12  ? 2.235   -12.815 -0.061  1.00 17.00 ? 13  LYS A CD  1 
ATOM   90   C CE  . LYS A 1 12  ? 1.776   -14.019 0.695   1.00 19.59 ? 13  LYS A CE  1 
ATOM   91   N NZ  . LYS A 1 12  ? 2.699   -15.143 0.377   1.00 34.89 ? 13  LYS A NZ  1 
ATOM   92   N N   . VAL A 1 13  ? -1.266  -11.198 -4.167  1.00 9.68  ? 14  VAL A N   1 
ATOM   93   C CA  . VAL A 1 13  ? -2.154  -11.702 -5.252  1.00 11.45 ? 14  VAL A CA  1 
ATOM   94   C C   . VAL A 1 13  ? -1.322  -12.174 -6.441  1.00 12.13 ? 14  VAL A C   1 
ATOM   95   O O   . VAL A 1 13  ? -1.620  -13.215 -7.054  1.00 12.90 ? 14  VAL A O   1 
ATOM   96   C CB  . VAL A 1 13  ? -3.059  -10.565 -5.785  1.00 12.12 ? 14  VAL A CB  1 
ATOM   97   C CG1 . VAL A 1 13  ? -3.834  -11.010 -7.084  1.00 12.01 ? 14  VAL A CG1 1 
ATOM   98   C CG2 . VAL A 1 13  ? -4.019  -10.225 -4.705  1.00 14.72 ? 14  VAL A CG2 1 
ATOM   99   N N   . ASN A 1 14  ? -0.335  -11.391 -6.814  1.00 14.78 ? 15  ASN A N   1 
ATOM   100  C CA  . ASN A 1 14  ? 0.280   -11.591 -8.138  1.00 12.97 ? 15  ASN A CA  1 
ATOM   101  C C   . ASN A 1 14  ? 1.783   -11.452 -8.106  1.00 17.15 ? 15  ASN A C   1 
ATOM   102  O O   . ASN A 1 14  ? 2.459   -11.672 -9.114  1.00 17.99 ? 15  ASN A O   1 
ATOM   103  C CB  . ASN A 1 14  ? -0.384  -10.668 -9.163  1.00 14.31 ? 15  ASN A CB  1 
ATOM   104  C CG  . ASN A 1 14  ? -0.499  -9.247  -8.661  1.00 14.16 ? 15  ASN A CG  1 
ATOM   105  O OD1 . ASN A 1 14  ? 0.392   -8.770  -7.996  1.00 13.47 ? 15  ASN A OD1 1 
ATOM   106  N ND2 . ASN A 1 14  ? -1.622  -8.598  -8.946  1.00 19.95 ? 15  ASN A ND2 1 
ATOM   107  N N   . GLY A 1 15  ? 2.331   -11.073 -6.950  1.00 12.20 ? 16  GLY A N   1 
ATOM   108  C CA  . GLY A 1 15  ? 3.769   -10.851 -6.802  1.00 16.15 ? 16  GLY A CA  1 
ATOM   109  C C   . GLY A 1 15  ? 4.269   -9.546  -7.390  1.00 15.48 ? 16  GLY A C   1 
ATOM   110  O O   . GLY A 1 15  ? 5.473   -9.253  -7.319  1.00 18.54 ? 16  GLY A O   1 
ATOM   111  N N   . LEU A 1 16  ? 3.362   -8.752  -7.948  1.00 15.16 ? 17  LEU A N   1 
ATOM   112  C CA  . LEU A 1 16  ? 3.741   -7.484  -8.612  1.00 15.24 ? 17  LEU A CA  1 
ATOM   113  C C   . LEU A 1 16  ? 4.034   -6.384  -7.577  1.00 14.61 ? 17  LEU A C   1 
ATOM   114  O O   . LEU A 1 16  ? 3.448   -6.360  -6.482  1.00 13.20 ? 17  LEU A O   1 
ATOM   115  C CB  . LEU A 1 16  ? 2.642   -7.033  -9.561  1.00 18.24 ? 17  LEU A CB  1 
ATOM   116  C CG  . LEU A 1 16  ? 2.434   -7.981  -10.755 1.00 19.46 ? 17  LEU A CG  1 
ATOM   117  C CD1 . LEU A 1 16  ? 1.295   -7.546  -11.642 1.00 30.99 ? 17  LEU A CD1 1 
ATOM   118  C CD2 . LEU A 1 16  ? 3.752   -8.206  -11.522 1.00 27.84 ? 17  LEU A CD2 1 
ATOM   119  N N   . HIS A 1 17  ? 5.017   -5.548  -7.863  1.00 13.12 ? 18  HIS A N   1 
ATOM   120  C CA  . HIS A 1 17  ? 5.282   -4.386  -7.034  1.00 11.57 ? 18  HIS A CA  1 
ATOM   121  C C   . HIS A 1 17  ? 4.078   -3.482  -7.038  1.00 11.09 ? 18  HIS A C   1 
ATOM   122  O O   . HIS A 1 17  ? 3.360   -3.369  -8.038  1.00 13.39 ? 18  HIS A O   1 
ATOM   123  C CB  . HIS A 1 17  ? 6.514   -3.625  -7.535  1.00 14.64 ? 18  HIS A CB  1 
ATOM   124  C CG  . HIS A 1 17  ? 7.810   -4.330  -7.262  1.00 19.60 ? 18  HIS A CG  1 
ATOM   125  N ND1 . HIS A 1 17  ? 8.785   -3.800  -6.444  1.00 36.89 ? 18  HIS A ND1 1 
ATOM   126  C CD2 . HIS A 1 17  ? 8.240   -5.557  -7.620  1.00 21.55 ? 18  HIS A CD2 1 
ATOM   127  C CE1 . HIS A 1 17  ? 9.794   -4.650  -6.373  1.00 30.62 ? 18  HIS A CE1 1 
ATOM   128  N NE2 . HIS A 1 17  ? 9.478   -5.732  -7.062  1.00 28.43 ? 18  HIS A NE2 1 
ATOM   129  N N   . VAL A 1 18  ? 3.891   -2.796  -5.926  1.00 10.51 ? 19  VAL A N   1 
ATOM   130  C CA  A VAL A 1 18  ? 2.913   -1.738  -5.761  0.80 10.52 ? 19  VAL A CA  1 
ATOM   131  C CA  B VAL A 1 18  ? 2.934   -1.695  -5.920  0.20 8.29  ? 19  VAL A CA  1 
ATOM   132  C C   . VAL A 1 18  ? 3.613   -0.361  -5.730  1.00 11.79 ? 19  VAL A C   1 
ATOM   133  O O   . VAL A 1 18  ? 4.666   -0.225  -5.095  1.00 11.32 ? 19  VAL A O   1 
ATOM   134  C CB  A VAL A 1 18  ? 2.207   -2.018  -4.419  0.80 10.34 ? 19  VAL A CB  1 
ATOM   135  C CB  B VAL A 1 18  ? 1.737   -1.849  -4.935  0.20 4.14  ? 19  VAL A CB  1 
ATOM   136  C CG1 A VAL A 1 18  ? 1.229   -0.915  -4.062  0.80 13.27 ? 19  VAL A CG1 1 
ATOM   137  C CG1 B VAL A 1 18  ? 0.947   -3.119  -5.231  0.20 2.00  ? 19  VAL A CG1 1 
ATOM   138  C CG2 A VAL A 1 18  ? 1.530   -3.395  -4.485  0.80 11.70 ? 19  VAL A CG2 1 
ATOM   139  C CG2 B VAL A 1 18  ? 2.214   -1.792  -3.494  0.20 8.10  ? 19  VAL A CG2 1 
ATOM   140  N N   . GLY A 1 19  ? 3.079   0.625   -6.450  1.00 11.09 ? 20  GLY A N   1 
ATOM   141  C CA  . GLY A 1 19  ? 3.674   1.958   -6.369  1.00 9.93  ? 20  GLY A CA  1 
ATOM   142  C C   . GLY A 1 19  ? 3.253   2.781   -7.571  1.00 11.19 ? 20  GLY A C   1 
ATOM   143  O O   . GLY A 1 19  ? 2.094   2.712   -8.003  1.00 12.21 ? 20  GLY A O   1 
ATOM   144  N N   . ARG A 1 20  ? 4.178   3.592   -8.096  1.00 10.45 ? 21  ARG A N   1 
ATOM   145  C CA  . ARG A 1 20  ? 3.848   4.552   -9.127  1.00 12.97 ? 21  ARG A CA  1 
ATOM   146  C C   . ARG A 1 20  ? 4.680   4.253   -10.352 1.00 12.85 ? 21  ARG A C   1 
ATOM   147  O O   . ARG A 1 20  ? 5.861   3.922   -10.245 1.00 16.16 ? 21  ARG A O   1 
ATOM   148  C CB  . ARG A 1 20  ? 4.056   5.973   -8.589  1.00 12.40 ? 21  ARG A CB  1 
ATOM   149  C CG  . ARG A 1 20  ? 3.012   6.411   -7.576  1.00 12.41 ? 21  ARG A CG  1 
ATOM   150  C CD  . ARG A 1 20  ? 3.443   7.623   -6.731  1.00 14.44 ? 21  ARG A CD  1 
ATOM   151  N NE  . ARG A 1 20  ? 3.530   8.835   -7.575  1.00 15.32 ? 21  ARG A NE  1 
ATOM   152  C CZ  . ARG A 1 20  ? 3.992   10.010  -7.146  1.00 16.65 ? 21  ARG A CZ  1 
ATOM   153  N NH1 . ARG A 1 20  ? 4.442   10.167  -5.907  1.00 21.39 ? 21  ARG A NH1 1 
ATOM   154  N NH2 . ARG A 1 20  ? 4.047   11.040  -7.994  1.00 18.43 ? 21  ARG A NH2 1 
ATOM   155  N N   . PRO A 1 21  ? 4.066   4.402   -11.544 1.00 16.36 ? 22  PRO A N   1 
ATOM   156  C CA  . PRO A 1 21  ? 4.773   4.069   -12.792 1.00 18.57 ? 22  PRO A CA  1 
ATOM   157  C C   . PRO A 1 21  ? 5.730   5.188   -13.215 1.00 18.91 ? 22  PRO A C   1 
ATOM   158  O O   . PRO A 1 21  ? 5.740   6.245   -12.591 1.00 18.73 ? 22  PRO A O   1 
ATOM   159  C CB  . PRO A 1 21  ? 3.627   3.987   -13.809 1.00 17.62 ? 22  PRO A CB  1 
ATOM   160  C CG  . PRO A 1 21  ? 2.637   4.955   -13.328 1.00 20.87 ? 22  PRO A CG  1 
ATOM   161  C CD  . PRO A 1 21  ? 2.674   4.803   -11.785 1.00 16.07 ? 22  PRO A CD  1 
ATOM   162  N N   . LEU A 1 22  ? 6.518   4.936   -14.274 1.00 21.10 ? 23  LEU A N   1 
ATOM   163  C CA  . LEU A 1 22  ? 7.526   5.901   -14.746 1.00 25.44 ? 23  LEU A CA  1 
ATOM   164  C C   . LEU A 1 22  ? 6.856   7.154   -15.330 1.00 23.90 ? 23  LEU A C   1 
ATOM   165  O O   . LEU A 1 22  ? 7.305   8.264   -15.069 1.00 28.73 ? 23  LEU A O   1 
ATOM   166  C CB  . LEU A 1 22  ? 8.461   5.253   -15.787 1.00 28.95 ? 23  LEU A CB  1 
ATOM   167  C CG  . LEU A 1 22  ? 9.734   6.046   -16.140 1.00 38.36 ? 23  LEU A CG  1 
ATOM   168  C CD1 . LEU A 1 22  ? 10.726  6.047   -14.971 1.00 43.26 ? 23  LEU A CD1 1 
ATOM   169  C CD2 . LEU A 1 22  ? 10.399  5.523   -17.426 1.00 40.25 ? 23  LEU A CD2 1 
ATOM   170  N N   . ALA A 1 23  ? 5.736   6.990   -16.024 1.00 24.57 ? 24  ALA A N   1 
ATOM   171  C CA  . ALA A 1 23  ? 5.064   8.147   -16.637 1.00 26.89 ? 24  ALA A CA  1 
ATOM   172  C C   . ALA A 1 23  ? 3.904   8.635   -15.793 1.00 23.76 ? 24  ALA A C   1 
ATOM   173  O O   . ALA A 1 23  ? 2.914   7.924   -15.638 1.00 24.70 ? 24  ALA A O   1 
ATOM   174  C CB  . ALA A 1 23  ? 4.567   7.815   -18.033 1.00 27.83 ? 24  ALA A CB  1 
ATOM   175  N N   . GLU A 1 24  ? 4.000   9.870   -15.311 1.00 20.04 ? 25  GLU A N   1 
ATOM   176  C CA  . GLU A 1 24  ? 2.829   10.544  -14.769 1.00 20.70 ? 25  GLU A CA  1 
ATOM   177  C C   . GLU A 1 24  ? 2.834   11.964  -15.317 1.00 21.21 ? 25  GLU A C   1 
ATOM   178  O O   . GLU A 1 24  ? 3.888   12.512  -15.640 1.00 24.32 ? 25  GLU A O   1 
ATOM   179  C CB  . GLU A 1 24  ? 2.874   10.561  -13.234 1.00 20.18 ? 25  GLU A CB  1 
ATOM   180  C CG  . GLU A 1 24  ? 2.733   9.172   -12.576 1.00 21.55 ? 25  GLU A CG  1 
ATOM   181  C CD  . GLU A 1 24  ? 3.020   9.225   -11.066 1.00 22.68 ? 25  GLU A CD  1 
ATOM   182  O OE1 . GLU A 1 24  ? 3.850   10.048  -10.657 1.00 23.73 ? 25  GLU A OE1 1 
ATOM   183  O OE2 . GLU A 1 24  ? 2.326   8.530   -10.295 1.00 25.02 ? 25  GLU A OE2 1 
ATOM   184  N N   . ASP A 1 25  ? 1.673   12.578  -15.394 1.00 20.96 ? 26  ASP A N   1 
ATOM   185  C CA  . ASP A 1 25  ? 1.701   13.965  -15.837 1.00 26.81 ? 26  ASP A CA  1 
ATOM   186  C C   . ASP A 1 25  ? 2.153   14.926  -14.729 1.00 26.20 ? 26  ASP A C   1 
ATOM   187  O O   . ASP A 1 25  ? 2.338   14.528  -13.564 1.00 24.82 ? 26  ASP A O   1 
ATOM   188  C CB  . ASP A 1 25  ? 0.400   14.355  -16.515 1.00 30.43 ? 26  ASP A CB  1 
ATOM   189  C CG  . ASP A 1 25  ? -0.741  14.513  -15.555 1.00 25.12 ? 26  ASP A CG  1 
ATOM   190  O OD1 . ASP A 1 25  ? -0.506  15.065  -14.461 1.00 34.98 ? 26  ASP A OD1 1 
ATOM   191  O OD2 . ASP A 1 25  ? -1.898  14.238  -15.966 1.00 31.39 ? 26  ASP A OD2 1 
ATOM   192  N N   . ARG A 1 26  ? 2.424   16.167  -15.109 1.00 23.48 ? 27  ARG A N   1 
ATOM   193  C CA  . ARG A 1 26  ? 3.068   17.138  -14.237 1.00 24.36 ? 27  ARG A CA  1 
ATOM   194  C C   . ARG A 1 26  ? 2.155   17.863  -13.220 1.00 24.84 ? 27  ARG A C   1 
ATOM   195  O O   . ARG A 1 26  ? 2.613   18.714  -12.438 1.00 30.21 ? 27  ARG A O   1 
ATOM   196  C CB  . ARG A 1 26  ? 3.797   18.175  -15.096 1.00 25.36 ? 27  ARG A CB  1 
ATOM   197  C CG  . ARG A 1 26  ? 4.921   17.625  -15.962 1.00 36.33 ? 27  ARG A CG  1 
ATOM   198  C CD  . ARG A 1 26  ? 6.136   18.556  -15.883 1.00 48.12 ? 27  ARG A CD  1 
ATOM   199  N NE  . ARG A 1 26  ? 6.821   18.431  -14.596 1.00 58.91 ? 27  ARG A NE  1 
ATOM   200  C CZ  . ARG A 1 26  ? 7.983   17.806  -14.418 1.00 63.29 ? 27  ARG A CZ  1 
ATOM   201  N NH1 . ARG A 1 26  ? 8.632   17.287  -15.456 1.00 62.51 ? 27  ARG A NH1 1 
ATOM   202  N NH2 . ARG A 1 26  ? 8.504   17.705  -13.198 1.00 63.93 ? 27  ARG A NH2 1 
ATOM   203  N N   . SER A 1 27  ? 0.912   17.443  -13.091 1.00 20.31 ? 28  SER A N   1 
ATOM   204  C CA  . SER A 1 27  ? 0.003   18.135  -12.183 1.00 20.98 ? 28  SER A CA  1 
ATOM   205  C C   . SER A 1 27  ? 0.264   17.709  -10.735 1.00 19.43 ? 28  SER A C   1 
ATOM   206  O O   . SER A 1 27  ? 0.869   16.660  -10.491 1.00 20.21 ? 28  SER A O   1 
ATOM   207  C CB  . SER A 1 27  ? -1.442  17.803  -12.529 1.00 21.12 ? 28  SER A CB  1 
ATOM   208  O OG  . SER A 1 27  ? -1.699  16.431  -12.274 1.00 18.29 ? 28  SER A OG  1 
ATOM   209  N N   . LEU A 1 28  ? -0.336  18.437  -9.801  1.00 20.88 ? 29  LEU A N   1 
ATOM   210  C CA  . LEU A 1 28  ? -0.326  18.035  -8.391  1.00 22.89 ? 29  LEU A CA  1 
ATOM   211  C C   . LEU A 1 28  ? -1.584  17.302  -7.969  1.00 23.11 ? 29  LEU A C   1 
ATOM   212  O O   . LEU A 1 28  ? -1.903  17.230  -6.779  1.00 22.06 ? 29  LEU A O   1 
ATOM   213  C CB  . LEU A 1 28  ? -0.106  19.255  -7.498  1.00 25.96 ? 29  LEU A CB  1 
ATOM   214  C CG  . LEU A 1 28  ? 1.216   19.992  -7.747  1.00 25.75 ? 29  LEU A CG  1 
ATOM   215  C CD1 . LEU A 1 28  ? 1.447   21.132  -6.742  1.00 34.66 ? 29  LEU A CD1 1 
ATOM   216  C CD2 . LEU A 1 28  ? 2.418   19.067  -7.787  1.00 30.79 ? 29  LEU A CD2 1 
ATOM   217  N N   . LEU A 1 29  ? -2.357  16.832  -8.946  1.00 20.62 ? 30  LEU A N   1 
ATOM   218  C CA  . LEU A 1 29  ? -3.485  15.984  -8.641  1.00 18.25 ? 30  LEU A CA  1 
ATOM   219  C C   . LEU A 1 29  ? -2.996  14.708  -7.961  1.00 16.34 ? 30  LEU A C   1 
ATOM   220  O O   . LEU A 1 29  ? -1.900  14.237  -8.235  1.00 14.52 ? 30  LEU A O   1 
ATOM   221  C CB  . LEU A 1 29  ? -4.263  15.610  -9.917  1.00 17.72 ? 30  LEU A CB  1 
ATOM   222  C CG  . LEU A 1 29  ? -5.007  16.753  -10.616 1.00 20.21 ? 30  LEU A CG  1 
ATOM   223  C CD1 . LEU A 1 29  ? -5.890  16.163  -11.708 1.00 19.74 ? 30  LEU A CD1 1 
ATOM   224  C CD2 . LEU A 1 29  ? -5.849  17.517  -9.621  1.00 29.73 ? 30  LEU A CD2 1 
ATOM   225  N N   . PRO A 1 30  ? -3.823  14.168  -7.056  1.00 16.97 ? 31  PRO A N   1 
ATOM   226  C CA  . PRO A 1 30  ? -3.395  12.905  -6.402  1.00 16.26 ? 31  PRO A CA  1 
ATOM   227  C C   . PRO A 1 30  ? -3.078  11.829  -7.438  1.00 13.51 ? 31  PRO A C   1 
ATOM   228  O O   . PRO A 1 30  ? -3.795  11.703  -8.459  1.00 14.79 ? 31  PRO A O   1 
ATOM   229  C CB  . PRO A 1 30  ? -4.651  12.506  -5.622  1.00 21.15 ? 31  PRO A CB  1 
ATOM   230  C CG  . PRO A 1 30  ? -5.240  13.821  -5.217  1.00 22.05 ? 31  PRO A CG  1 
ATOM   231  C CD  . PRO A 1 30  ? -5.087  14.672  -6.494  1.00 20.28 ? 31  PRO A CD  1 
ATOM   232  N N   . LYS A 1 31  ? -2.030  11.069  -7.193  1.00 12.85 ? 32  LYS A N   1 
ATOM   233  C CA  . LYS A 1 31  ? -1.559  10.102  -8.171  1.00 13.28 ? 32  LYS A CA  1 
ATOM   234  C C   . LYS A 1 31  ? -1.952  8.704   -7.732  1.00 14.55 ? 32  LYS A C   1 
ATOM   235  O O   . LYS A 1 31  ? -1.779  8.338   -6.543  1.00 11.38 ? 32  LYS A O   1 
ATOM   236  C CB  . LYS A 1 31  ? -0.051  10.190  -8.347  1.00 13.13 ? 32  LYS A CB  1 
ATOM   237  C CG  . LYS A 1 31  ? 0.426   11.569  -8.900  1.00 15.22 ? 32  LYS A CG  1 
ATOM   238  C CD  . LYS A 1 31  ? 0.064   11.676  -10.386 1.00 14.62 ? 32  LYS A CD  1 
ATOM   239  C CE  . LYS A 1 31  ? 0.416   13.101  -10.892 1.00 20.90 ? 32  LYS A CE  1 
ATOM   240  N NZ  . LYS A 1 31  ? -0.694  14.105  -10.639 1.00 19.53 ? 32  LYS A NZ  1 
ATOM   241  N N   . ARG A 1 32  ? -2.377  7.865   -8.678  1.00 11.27 ? 33  ARG A N   1 
ATOM   242  C CA  A ARG A 1 32  ? -2.823  6.509   -8.310  0.50 10.01 ? 33  ARG A CA  1 
ATOM   243  C CA  B ARG A 1 32  ? -2.826  6.513   -8.324  0.50 10.70 ? 33  ARG A CA  1 
ATOM   244  C C   . ARG A 1 32  ? -1.653  5.656   -7.872  1.00 8.81  ? 33  ARG A C   1 
ATOM   245  O O   . ARG A 1 32  ? -0.589  5.621   -8.520  1.00 11.09 ? 33  ARG A O   1 
ATOM   246  C CB  A ARG A 1 32  ? -3.517  5.827   -9.486  0.50 9.47  ? 33  ARG A CB  1 
ATOM   247  C CB  B ARG A 1 32  ? -3.535  5.872   -9.522  0.50 10.55 ? 33  ARG A CB  1 
ATOM   248  C CG  A ARG A 1 32  ? -4.927  6.328   -9.768  0.50 5.36  ? 33  ARG A CG  1 
ATOM   249  C CG  B ARG A 1 32  ? -4.598  6.788   -10.153 0.50 8.89  ? 33  ARG A CG  1 
ATOM   250  C CD  A ARG A 1 32  ? -5.488  5.598   -11.026 0.50 6.61  ? 33  ARG A CD  1 
ATOM   251  C CD  B ARG A 1 32  ? -5.165  6.231   -11.479 0.50 11.51 ? 33  ARG A CD  1 
ATOM   252  N NE  A ARG A 1 32  ? -6.735  6.205   -11.475 0.50 9.34  ? 33  ARG A NE  1 
ATOM   253  N NE  B ARG A 1 32  ? -6.310  7.019   -11.935 0.50 11.62 ? 33  ARG A NE  1 
ATOM   254  C CZ  A ARG A 1 32  ? -7.654  5.623   -12.257 0.50 9.32  ? 33  ARG A CZ  1 
ATOM   255  C CZ  B ARG A 1 32  ? -6.244  8.086   -12.731 0.50 13.23 ? 33  ARG A CZ  1 
ATOM   256  N NH1 A ARG A 1 32  ? -7.551  4.337   -12.667 0.50 6.10  ? 33  ARG A NH1 1 
ATOM   257  N NH1 B ARG A 1 32  ? -5.086  8.681   -13.001 0.50 16.03 ? 33  ARG A NH1 1 
ATOM   258  N NH2 A ARG A 1 32  ? -8.743  6.314   -12.541 0.50 3.79  ? 33  ARG A NH2 1 
ATOM   259  N NH2 B ARG A 1 32  ? -7.362  8.667   -13.141 0.50 14.86 ? 33  ARG A NH2 1 
ATOM   260  N N   . ILE A 1 33  ? -1.902  4.909   -6.793  1.00 8.68  ? 34  ILE A N   1 
ATOM   261  C CA  . ILE A 1 33  ? -1.015  3.823   -6.438  1.00 8.14  ? 34  ILE A CA  1 
ATOM   262  C C   . ILE A 1 33  ? -1.502  2.564   -7.109  1.00 9.37  ? 34  ILE A C   1 
ATOM   263  O O   . ILE A 1 33  ? -2.677  2.273   -7.083  1.00 10.07 ? 34  ILE A O   1 
ATOM   264  C CB  . ILE A 1 33  ? -0.913  3.627   -4.895  1.00 7.09  ? 34  ILE A CB  1 
ATOM   265  C CG1 . ILE A 1 33  ? -0.341  4.884   -4.193  1.00 10.26 ? 34  ILE A CG1 1 
ATOM   266  C CG2 . ILE A 1 33  ? -0.049  2.388   -4.595  1.00 10.47 ? 34  ILE A CG2 1 
ATOM   267  C CD1 . ILE A 1 33  ? 0.999   5.324   -4.695  1.00 15.25 ? 34  ILE A CD1 1 
ATOM   268  N N   . ARG A 1 34  ? -0.595  1.909   -7.823  1.00 10.81 ? 35  ARG A N   1 
ATOM   269  C CA  . ARG A 1 34  ? -1.001  0.825   -8.733  1.00 10.21 ? 35  ARG A CA  1 
ATOM   270  C C   . ARG A 1 34  ? -0.242  -0.483  -8.476  1.00 10.02 ? 35  ARG A C   1 
ATOM   271  O O   . ARG A 1 34  ? 0.862   -0.494  -7.912  1.00 12.88 ? 35  ARG A O   1 
ATOM   272  C CB  . ARG A 1 34  ? -0.817  1.239   -10.192 1.00 9.89  ? 35  ARG A CB  1 
ATOM   273  C CG  . ARG A 1 34  ? -1.335  2.621   -10.555 1.00 10.84 ? 35  ARG A CG  1 
ATOM   274  C CD  . ARG A 1 34  ? -0.792  2.995   -11.948 1.00 11.49 ? 35  ARG A CD  1 
ATOM   275  N NE  . ARG A 1 34  ? -1.159  4.356   -12.313 1.00 12.34 ? 35  ARG A NE  1 
ATOM   276  C CZ  . ARG A 1 34  ? -2.203  4.658   -13.069 1.00 13.24 ? 35  ARG A CZ  1 
ATOM   277  N NH1 . ARG A 1 34  ? -3.036  3.700   -13.474 1.00 11.92 ? 35  ARG A NH1 1 
ATOM   278  N NH2 . ARG A 1 34  ? -2.430  5.920   -13.429 1.00 14.69 ? 35  ARG A NH2 1 
ATOM   279  N N   . VAL A 1 35  ? -0.774  -1.592  -9.014  1.00 11.39 ? 36  VAL A N   1 
ATOM   280  C CA  A VAL A 1 35  ? 0.106   -2.724  -9.246  0.50 9.79  ? 36  VAL A CA  1 
ATOM   281  C CA  B VAL A 1 35  ? 0.095   -2.745  -9.265  0.50 10.65 ? 36  VAL A CA  1 
ATOM   282  C C   . VAL A 1 35  ? 0.882   -2.512  -10.543 1.00 12.77 ? 36  VAL A C   1 
ATOM   283  O O   . VAL A 1 35  ? 0.324   -2.023  -11.523 1.00 13.56 ? 36  VAL A O   1 
ATOM   284  C CB  A VAL A 1 35  ? -0.622  -4.082  -9.248  0.50 14.01 ? 36  VAL A CB  1 
ATOM   285  C CB  B VAL A 1 35  ? -0.625  -4.142  -9.294  0.50 14.87 ? 36  VAL A CB  1 
ATOM   286  C CG1 A VAL A 1 35  ? -0.904  -4.556  -7.785  0.50 10.52 ? 36  VAL A CG1 1 
ATOM   287  C CG1 B VAL A 1 35  ? -2.107  -4.077  -8.940  0.50 12.18 ? 36  VAL A CG1 1 
ATOM   288  C CG2 A VAL A 1 35  ? -1.866  -4.038  -10.098 0.50 12.01 ? 36  VAL A CG2 1 
ATOM   289  C CG2 B VAL A 1 35  ? -0.321  -4.945  -10.582 0.50 14.89 ? 36  VAL A CG2 1 
ATOM   290  N N   . LEU A 1 36  ? 2.184   -2.750  -10.489 1.00 12.54 ? 37  LEU A N   1 
ATOM   291  C CA  . LEU A 1 36  ? 3.092   -2.317  -11.583 1.00 13.35 ? 37  LEU A CA  1 
ATOM   292  C C   . LEU A 1 36  ? 3.543   -3.481  -12.447 1.00 16.87 ? 37  LEU A C   1 
ATOM   293  O O   . LEU A 1 36  ? 3.853   -4.531  -11.924 1.00 16.29 ? 37  LEU A O   1 
ATOM   294  C CB  . LEU A 1 36  ? 4.321   -1.621  -10.974 1.00 15.83 ? 37  LEU A CB  1 
ATOM   295  C CG  . LEU A 1 36  ? 3.948   -0.368  -10.156 1.00 17.13 ? 37  LEU A CG  1 
ATOM   296  C CD1 . LEU A 1 36  ? 5.146   0.217   -9.416  1.00 13.38 ? 37  LEU A CD1 1 
ATOM   297  C CD2 . LEU A 1 36  ? 3.337   0.726   -11.054 1.00 16.49 ? 37  LEU A CD2 1 
ATOM   298  N N   . PRO A 1 37  ? 3.699   -3.249  -13.770 1.00 15.91 ? 38  PRO A N   1 
ATOM   299  C CA  . PRO A 1 37  ? 4.456   -4.224  -14.559 1.00 20.39 ? 38  PRO A CA  1 
ATOM   300  C C   . PRO A 1 37  ? 5.885   -4.393  -14.033 1.00 20.76 ? 38  PRO A C   1 
ATOM   301  O O   . PRO A 1 37  ? 6.489   -3.421  -13.541 1.00 21.10 ? 38  PRO A O   1 
ATOM   302  C CB  . PRO A 1 37  ? 4.501   -3.576  -15.953 1.00 18.90 ? 38  PRO A CB  1 
ATOM   303  C CG  . PRO A 1 37  ? 3.453   -2.500  -15.966 1.00 18.68 ? 38  PRO A CG  1 
ATOM   304  C CD  . PRO A 1 37  ? 3.433   -2.012  -14.518 1.00 18.05 ? 38  PRO A CD  1 
ATOM   305  N N   . GLU A 1 38  ? 6.425   -5.607  -14.150 1.00 23.04 ? 39  GLU A N   1 
ATOM   306  C CA  . GLU A 1 38  ? 7.834   -5.872  -13.892 1.00 26.62 ? 39  GLU A CA  1 
ATOM   307  C C   . GLU A 1 38  ? 8.750   -4.883  -14.615 1.00 30.53 ? 39  GLU A C   1 
ATOM   308  O O   . GLU A 1 38  ? 9.770   -4.465  -14.074 1.00 29.70 ? 39  GLU A O   1 
ATOM   309  C CB  . GLU A 1 38  ? 8.196   -7.302  -14.302 1.00 28.28 ? 39  GLU A CB  1 
ATOM   310  C CG  . GLU A 1 38  ? 7.768   -8.392  -13.302 1.00 30.91 ? 39  GLU A CG  1 
ATOM   311  C CD  . GLU A 1 38  ? 8.290   -8.176  -11.873 1.00 37.84 ? 39  GLU A CD  1 
ATOM   312  O OE1 . GLU A 1 38  ? 7.596   -7.508  -11.067 1.00 32.08 ? 39  GLU A OE1 1 
ATOM   313  O OE2 . GLU A 1 38  ? 9.342   -8.759  -11.523 1.00 44.53 ? 39  GLU A OE2 1 
ATOM   314  N N   . ASP A 1 39  ? 8.374   -4.506  -15.833 1.00 30.31 ? 40  ASP A N   1 
ATOM   315  C CA  . ASP A 1 39  ? 9.218   -3.624  -16.633 1.00 31.76 ? 40  ASP A CA  1 
ATOM   316  C C   . ASP A 1 39  ? 8.924   -2.144  -16.447 1.00 32.51 ? 40  ASP A C   1 
ATOM   317  O O   . ASP A 1 39  ? 9.440   -1.305  -17.190 1.00 36.73 ? 40  ASP A O   1 
ATOM   318  C CB  . ASP A 1 39  ? 9.167   -4.025  -18.122 1.00 33.09 ? 40  ASP A CB  1 
ATOM   319  C CG  . ASP A 1 39  ? 7.907   -3.527  -18.836 1.00 38.20 ? 40  ASP A CG  1 
ATOM   320  O OD1 . ASP A 1 39  ? 6.938   -3.094  -18.172 1.00 37.46 ? 40  ASP A OD1 1 
ATOM   321  O OD2 . ASP A 1 39  ? 7.884   -3.587  -20.086 1.00 39.44 ? 40  ASP A OD2 1 
ATOM   322  N N   . ASN A 1 40  ? 8.131   -1.817  -15.433 1.00 30.43 ? 41  ASN A N   1 
ATOM   323  C CA  . ASN A 1 40  ? 7.761   -0.442  -15.177 1.00 29.67 ? 41  ASN A CA  1 
ATOM   324  C C   . ASN A 1 40  ? 7.447   -0.241  -13.691 1.00 30.17 ? 41  ASN A C   1 
ATOM   325  O O   . ASN A 1 40  ? 6.294   0.059   -13.338 1.00 30.61 ? 41  ASN A O   1 
ATOM   326  C CB  . ASN A 1 40  ? 6.560   -0.055  -16.058 1.00 28.41 ? 41  ASN A CB  1 
ATOM   327  C CG  . ASN A 1 40  ? 6.204   1.416   -15.957 1.00 32.38 ? 41  ASN A CG  1 
ATOM   328  O OD1 . ASN A 1 40  ? 5.104   1.829   -16.352 1.00 36.74 ? 41  ASN A OD1 1 
ATOM   329  N ND2 . ASN A 1 40  ? 7.127   2.217   -15.431 1.00 28.75 ? 41  ASN A ND2 1 
ATOM   330  N N   . ASN A 1 41  ? 8.463   -0.462  -12.845 1.00 27.92 ? 42  ASN A N   1 
ATOM   331  C CA  . ASN A 1 41  ? 8.341   -0.414  -11.374 1.00 30.05 ? 42  ASN A CA  1 
ATOM   332  C C   . ASN A 1 41  ? 9.578   0.128   -10.622 1.00 29.28 ? 42  ASN A C   1 
ATOM   333  O O   . ASN A 1 41  ? 9.655   0.060   -9.376  1.00 26.53 ? 42  ASN A O   1 
ATOM   334  C CB  . ASN A 1 41  ? 7.953   -1.796  -10.813 1.00 29.00 ? 42  ASN A CB  1 
ATOM   335  C CG  . ASN A 1 41  ? 9.074   -2.826  -10.917 1.00 30.28 ? 42  ASN A CG  1 
ATOM   336  O OD1 . ASN A 1 41  ? 8.846   -4.016  -10.701 1.00 32.51 ? 42  ASN A OD1 1 
ATOM   337  N ND2 . ASN A 1 41  ? 10.293  -2.371  -11.207 1.00 28.14 ? 42  ASN A ND2 1 
ATOM   338  N N   . SER A 1 42  ? 10.501  0.758   -11.347 1.00 27.19 ? 43  SER A N   1 
ATOM   339  C CA  A SER A 1 42  ? 11.668  1.352   -10.707 0.50 26.76 ? 43  SER A CA  1 
ATOM   340  C CA  B SER A 1 42  ? 11.677  1.376   -10.735 0.50 26.98 ? 43  SER A CA  1 
ATOM   341  C C   . SER A 1 42  ? 11.320  2.559   -9.837  1.00 27.14 ? 43  SER A C   1 
ATOM   342  O O   . SER A 1 42  ? 10.300  3.240   -10.049 1.00 25.86 ? 43  SER A O   1 
ATOM   343  C CB  A SER A 1 42  ? 12.725  1.731   -11.748 0.50 28.17 ? 43  SER A CB  1 
ATOM   344  C CB  B SER A 1 42  ? 12.659  1.843   -11.816 0.50 27.88 ? 43  SER A CB  1 
ATOM   345  O OG  A SER A 1 42  ? 12.862  0.698   -12.706 0.50 26.90 ? 43  SER A OG  1 
ATOM   346  O OG  B SER A 1 42  ? 12.195  3.028   -12.439 0.50 28.58 ? 43  SER A OG  1 
ATOM   347  N N   . GLY A 1 43  ? 12.184  2.824   -8.857  1.00 26.90 ? 44  GLY A N   1 
ATOM   348  C CA  . GLY A 1 43  ? 12.053  3.996   -7.997  1.00 29.95 ? 44  GLY A CA  1 
ATOM   349  C C   . GLY A 1 43  ? 10.942  3.878   -6.967  1.00 26.08 ? 44  GLY A C   1 
ATOM   350  O O   . GLY A 1 43  ? 10.472  4.902   -6.431  1.00 23.77 ? 44  GLY A O   1 
ATOM   351  N N   . ASN A 1 44  ? 10.494  2.635   -6.728  1.00 23.96 ? 45  ASN A N   1 
ATOM   352  C CA  . ASN A 1 44  ? 9.323   2.379   -5.880  1.00 20.71 ? 45  ASN A CA  1 
ATOM   353  C C   . ASN A 1 44  ? 9.692   1.727   -4.577  1.00 23.47 ? 45  ASN A C   1 
ATOM   354  O O   . ASN A 1 44  ? 8.925   0.937   -4.029  1.00 23.35 ? 45  ASN A O   1 
ATOM   355  C CB  . ASN A 1 44  ? 8.269   1.534   -6.600  1.00 18.93 ? 45  ASN A CB  1 
ATOM   356  C CG  . ASN A 1 44  ? 7.406   2.367   -7.491  1.00 19.29 ? 45  ASN A CG  1 
ATOM   357  O OD1 . ASN A 1 44  ? 6.670   3.233   -7.009  1.00 15.47 ? 45  ASN A OD1 1 
ATOM   358  N ND2 . ASN A 1 44  ? 7.647   2.268   -8.813  1.00 21.56 ? 45  ASN A ND2 1 
ATOM   359  N N   . SER A 1 45  ? 10.829  2.129   -4.032  1.00 20.11 ? 46  SER A N   1 
ATOM   360  C CA  . SER A 1 45  ? 11.080  1.874   -2.614  1.00 22.51 ? 46  SER A CA  1 
ATOM   361  C C   . SER A 1 45  ? 10.285  2.863   -1.791  1.00 22.68 ? 46  SER A C   1 
ATOM   362  O O   . SER A 1 45  ? 10.413  4.094   -1.910  1.00 27.09 ? 46  SER A O   1 
ATOM   363  C CB  . SER A 1 45  ? 12.576  1.961   -2.290  1.00 25.16 ? 46  SER A CB  1 
ATOM   364  O OG  . SER A 1 45  ? 13.295  0.947   -2.976  1.00 28.60 ? 46  SER A OG  1 
ATOM   365  N N   . TRP A 1 46  ? 9.400   2.313   -0.994  1.00 17.34 ? 47  TRP A N   1 
ATOM   366  C CA  . TRP A 1 46  ? 8.567   3.095   -0.132  1.00 15.55 ? 47  TRP A CA  1 
ATOM   367  C C   . TRP A 1 46  ? 9.371   3.485   1.089   1.00 14.93 ? 47  TRP A C   1 
ATOM   368  O O   . TRP A 1 46  ? 10.247  2.741   1.519   1.00 16.65 ? 47  TRP A O   1 
ATOM   369  C CB  . TRP A 1 46  ? 7.375   2.213   0.283   1.00 14.02 ? 47  TRP A CB  1 
ATOM   370  C CG  . TRP A 1 46  ? 6.351   1.974   -0.807  1.00 16.49 ? 47  TRP A CG  1 
ATOM   371  C CD1 . TRP A 1 46  ? 6.526   1.275   -1.973  1.00 15.01 ? 47  TRP A CD1 1 
ATOM   372  C CD2 . TRP A 1 46  ? 4.996   2.413   -0.793  1.00 13.22 ? 47  TRP A CD2 1 
ATOM   373  N NE1 . TRP A 1 46  ? 5.322   1.207   -2.661  1.00 10.14 ? 47  TRP A NE1 1 
ATOM   374  C CE2 . TRP A 1 46  ? 4.394   1.964   -2.010  1.00 11.80 ? 47  TRP A CE2 1 
ATOM   375  C CE3 . TRP A 1 46  ? 4.254   3.259   0.054   1.00 15.22 ? 47  TRP A CE3 1 
ATOM   376  C CZ2 . TRP A 1 46  ? 3.052   2.205   -2.313  1.00 12.02 ? 47  TRP A CZ2 1 
ATOM   377  C CZ3 . TRP A 1 46  ? 2.893   3.482   -0.235  1.00 14.78 ? 47  TRP A CZ3 1 
ATOM   378  C CH2 . TRP A 1 46  ? 2.316   2.966   -1.426  1.00 12.05 ? 47  TRP A CH2 1 
ATOM   379  N N   . VAL A 1 47  ? 9.047   4.632   1.663   1.00 13.24 ? 48  VAL A N   1 
ATOM   380  C CA  . VAL A 1 47  ? 9.571   4.974   2.971   1.00 13.31 ? 48  VAL A CA  1 
ATOM   381  C C   . VAL A 1 47  ? 8.451   4.873   4.013   1.00 13.21 ? 48  VAL A C   1 
ATOM   382  O O   . VAL A 1 47  ? 7.351   5.440   3.862   1.00 15.70 ? 48  VAL A O   1 
ATOM   383  C CB  . VAL A 1 47  ? 10.191  6.371   2.961   1.00 15.54 ? 48  VAL A CB  1 
ATOM   384  C CG1 . VAL A 1 47  ? 10.636  6.764   4.384   1.00 19.55 ? 48  VAL A CG1 1 
ATOM   385  C CG2 . VAL A 1 47  ? 11.346  6.396   2.008   1.00 19.29 ? 48  VAL A CG2 1 
ATOM   386  N N   . VAL A 1 48  ? 8.759   4.133   5.075   1.00 16.24 ? 49  VAL A N   1 
ATOM   387  C CA  . VAL A 1 48  ? 7.821   3.908   6.171   1.00 16.80 ? 49  VAL A CA  1 
ATOM   388  C C   . VAL A 1 48  ? 8.302   4.666   7.413   1.00 19.92 ? 49  VAL A C   1 
ATOM   389  O O   . VAL A 1 48  ? 9.429   4.468   7.840   1.00 18.60 ? 49  VAL A O   1 
ATOM   390  C CB  . VAL A 1 48  ? 7.728   2.420   6.511   1.00 15.85 ? 49  VAL A CB  1 
ATOM   391  C CG1 . VAL A 1 48  ? 6.807   2.240   7.721   1.00 21.63 ? 49  VAL A CG1 1 
ATOM   392  C CG2 . VAL A 1 48  ? 7.196   1.609   5.282   1.00 17.72 ? 49  VAL A CG2 1 
ATOM   393  N N   . GLU A 1 49  ? 7.487   5.606   7.882   1.00 19.84 ? 50  GLU A N   1 
ATOM   394  C CA  . GLU A 1 49  ? 7.826   6.441   9.019   1.00 20.27 ? 50  GLU A CA  1 
ATOM   395  C C   . GLU A 1 49  ? 6.823   6.191   10.119  1.00 17.46 ? 50  GLU A C   1 
ATOM   396  O O   . GLU A 1 49  ? 5.620   6.152   9.891   1.00 19.14 ? 50  GLU A O   1 
ATOM   397  C CB  . GLU A 1 49  ? 7.785   7.932   8.650   1.00 20.20 ? 50  GLU A CB  1 
ATOM   398  C CG  . GLU A 1 49  ? 8.734   8.352   7.522   1.00 32.15 ? 50  GLU A CG  1 
ATOM   399  C CD  . GLU A 1 49  ? 9.997   9.040   8.008   1.00 34.23 ? 50  GLU A CD  1 
ATOM   400  O OE1 . GLU A 1 49  ? 10.240  9.068   9.236   1.00 35.64 ? 50  GLU A OE1 1 
ATOM   401  O OE2 . GLU A 1 49  ? 10.829  9.408   7.155   1.00 29.01 ? 50  GLU A OE2 1 
ATOM   402  N N   . LYS A 1 50  ? 7.321   6.047   11.342  1.00 17.17 ? 51  LYS A N   1 
ATOM   403  C CA  . LYS A 1 50  ? 6.459   6.080   12.499  1.00 16.44 ? 51  LYS A CA  1 
ATOM   404  C C   . LYS A 1 50  ? 5.853   7.461   12.774  1.00 16.48 ? 51  LYS A C   1 
ATOM   405  O O   . LYS A 1 50  ? 6.536   8.473   12.716  1.00 23.58 ? 51  LYS A O   1 
ATOM   406  C CB  . LYS A 1 50  ? 7.261   5.589   13.715  1.00 21.22 ? 51  LYS A CB  1 
ATOM   407  C CG  . LYS A 1 50  ? 6.410   4.991   14.808  1.00 22.15 ? 51  LYS A CG  1 
ATOM   408  C CD  . LYS A 1 50  ? 7.297   4.604   16.005  1.00 35.94 ? 51  LYS A CD  1 
ATOM   409  C CE  . LYS A 1 50  ? 6.466   4.117   17.184  1.00 36.49 ? 51  LYS A CE  1 
ATOM   410  N NZ  . LYS A 1 50  ? 6.249   2.636   17.114  1.00 44.76 ? 51  LYS A NZ  1 
ATOM   411  N N   . ASP A 1 51  ? 4.567   7.467   13.087  1.00 21.56 ? 52  ASP A N   1 
ATOM   412  C CA  . ASP A 1 51  ? 3.821   8.694   13.310  1.00 27.76 ? 52  ASP A CA  1 
ATOM   413  C C   . ASP A 1 51  ? 2.911   8.432   14.490  1.00 28.88 ? 52  ASP A C   1 
ATOM   414  O O   . ASP A 1 51  ? 1.843   7.841   14.336  1.00 29.84 ? 52  ASP A O   1 
ATOM   415  C CB  . ASP A 1 51  ? 2.973   9.007   12.069  1.00 28.17 ? 52  ASP A CB  1 
ATOM   416  C CG  . ASP A 1 51  ? 2.205   10.331  12.188  1.00 40.20 ? 52  ASP A CG  1 
ATOM   417  O OD1 . ASP A 1 51  ? 2.581   11.188  13.026  1.00 35.99 ? 52  ASP A OD1 1 
ATOM   418  O OD2 . ASP A 1 51  ? 1.235   10.516  11.410  1.00 47.79 ? 52  ASP A OD2 1 
ATOM   419  N N   . ASP A 1 52  ? 3.399   8.764   15.677  1.00 34.06 ? 53  ASP A N   1 
ATOM   420  C CA  . ASP A 1 52  ? 2.746   8.342   16.919  1.00 36.27 ? 53  ASP A CA  1 
ATOM   421  C C   . ASP A 1 52  ? 2.607   6.817   17.011  1.00 31.91 ? 53  ASP A C   1 
ATOM   422  O O   . ASP A 1 52  ? 3.591   6.070   16.960  1.00 33.42 ? 53  ASP A O   1 
ATOM   423  C CB  . ASP A 1 52  ? 1.363   8.996   17.026  1.00 37.79 ? 53  ASP A CB  1 
ATOM   424  C CG  . ASP A 1 52  ? 1.375   10.253  17.860  1.00 47.59 ? 53  ASP A CG  1 
ATOM   425  O OD1 . ASP A 1 52  ? 1.194   10.134  19.102  1.00 47.53 ? 53  ASP A OD1 1 
ATOM   426  O OD2 . ASP A 1 52  ? 1.529   11.353  17.270  1.00 57.61 ? 53  ASP A OD2 1 
ATOM   427  N N   . ASP A 1 53  ? 1.368   6.351   17.099  1.00 29.32 ? 54  ASP A N   1 
ATOM   428  C CA  . ASP A 1 53  ? 1.120   4.916   17.185  1.00 27.95 ? 54  ASP A CA  1 
ATOM   429  C C   . ASP A 1 53  ? 0.707   4.318   15.842  1.00 28.81 ? 54  ASP A C   1 
ATOM   430  O O   . ASP A 1 53  ? -0.043  3.346   15.779  1.00 27.85 ? 54  ASP A O   1 
ATOM   431  C CB  . ASP A 1 53  ? 0.034   4.616   18.230  1.00 34.28 ? 54  ASP A CB  1 
ATOM   432  C CG  . ASP A 1 53  ? 0.539   4.740   19.655  1.00 43.24 ? 54  ASP A CG  1 
ATOM   433  O OD1 . ASP A 1 53  ? 1.391   3.913   20.071  1.00 52.50 ? 54  ASP A OD1 1 
ATOM   434  O OD2 . ASP A 1 53  ? 0.077   5.670   20.358  1.00 50.44 ? 54  ASP A OD2 1 
ATOM   435  N N   . ALA A 1 54  ? 1.098   4.969   14.757  1.00 22.13 ? 55  ALA A N   1 
ATOM   436  C CA  . ALA A 1 54  ? 0.737   4.469   13.425  1.00 21.68 ? 55  ALA A CA  1 
ATOM   437  C C   . ALA A 1 54  ? 1.879   4.827   12.482  1.00 18.02 ? 55  ALA A C   1 
ATOM   438  O O   . ALA A 1 54  ? 2.958   5.223   12.922  1.00 23.75 ? 55  ALA A O   1 
ATOM   439  C CB  . ALA A 1 54  ? -0.583  5.111   12.963  1.00 18.73 ? 55  ALA A CB  1 
ATOM   440  N N   . TYR A 1 55  ? 1.650   4.696   11.180  1.00 16.28 ? 56  TYR A N   1 
ATOM   441  C CA  . TYR A 1 55  ? 2.716   4.912   10.200  1.00 14.57 ? 56  TYR A CA  1 
ATOM   442  C C   . TYR A 1 55  ? 2.235   5.787   9.068   1.00 14.34 ? 56  TYR A C   1 
ATOM   443  O O   . TYR A 1 55  ? 1.030   5.818   8.744   1.00 15.05 ? 56  TYR A O   1 
ATOM   444  C CB  . TYR A 1 55  ? 3.240   3.585   9.627   1.00 15.68 ? 56  TYR A CB  1 
ATOM   445  C CG  . TYR A 1 55  ? 3.832   2.711   10.705  1.00 12.92 ? 56  TYR A CG  1 
ATOM   446  C CD1 . TYR A 1 55  ? 5.191   2.794   11.021  1.00 16.20 ? 56  TYR A CD1 1 
ATOM   447  C CD2 . TYR A 1 55  ? 3.027   1.822   11.406  1.00 17.54 ? 56  TYR A CD2 1 
ATOM   448  C CE1 . TYR A 1 55  ? 5.728   2.049   12.106  1.00 18.15 ? 56  TYR A CE1 1 
ATOM   449  C CE2 . TYR A 1 55  ? 3.540   1.087   12.494  1.00 15.08 ? 56  TYR A CE2 1 
ATOM   450  C CZ  . TYR A 1 55  ? 4.878   1.175   12.802  1.00 15.79 ? 56  TYR A CZ  1 
ATOM   451  O OH  . TYR A 1 55  ? 5.385   0.407   13.838  1.00 18.78 ? 56  TYR A OH  1 
ATOM   452  N N   . ILE A 1 56  ? 3.174   6.572   8.547   1.00 13.39 ? 57  ILE A N   1 
ATOM   453  C CA  A ILE A 1 56  ? 2.960   7.285   7.290   0.70 15.40 ? 57  ILE A CA  1 
ATOM   454  C CA  B ILE A 1 56  ? 2.952   7.289   7.311   0.30 13.11 ? 57  ILE A CA  1 
ATOM   455  C C   . ILE A 1 56  ? 3.806   6.625   6.217   1.00 12.71 ? 57  ILE A C   1 
ATOM   456  O O   . ILE A 1 56  ? 4.924   6.228   6.462   1.00 12.85 ? 57  ILE A O   1 
ATOM   457  C CB  A ILE A 1 56  ? 3.345   8.786   7.387   0.70 15.76 ? 57  ILE A CB  1 
ATOM   458  C CB  B ILE A 1 56  ? 3.236   8.810   7.522   0.30 11.90 ? 57  ILE A CB  1 
ATOM   459  C CG1 A ILE A 1 56  ? 2.625   9.453   8.543   0.70 17.21 ? 57  ILE A CG1 1 
ATOM   460  C CG1 B ILE A 1 56  ? 2.840   9.637   6.294   0.30 11.53 ? 57  ILE A CG1 1 
ATOM   461  C CG2 A ILE A 1 56  ? 3.034   9.490   6.058   0.70 15.32 ? 57  ILE A CG2 1 
ATOM   462  C CG2 B ILE A 1 56  ? 4.657   9.051   8.034   0.30 9.87  ? 57  ILE A CG2 1 
ATOM   463  C CD1 A ILE A 1 56  ? 3.125   10.850  8.824   0.70 27.24 ? 57  ILE A CD1 1 
ATOM   464  C CD1 B ILE A 1 56  ? 2.773   11.127  6.586   0.30 11.96 ? 57  ILE A CD1 1 
ATOM   465  N N   . LEU A 1 57  ? 3.218   6.401   5.026   1.00 11.97 ? 58  LEU A N   1 
ATOM   466  C CA  A LEU A 1 57  ? 3.867   5.592   4.013   0.70 12.16 ? 58  LEU A CA  1 
ATOM   467  C CA  B LEU A 1 57  ? 3.914   5.616   4.006   0.30 11.08 ? 58  LEU A CA  1 
ATOM   468  C C   . LEU A 1 57  ? 4.074   6.422   2.741   1.00 10.05 ? 58  LEU A C   1 
ATOM   469  O O   . LEU A 1 57  ? 3.099   6.906   2.159   1.00 11.88 ? 58  LEU A O   1 
ATOM   470  C CB  A LEU A 1 57  ? 2.991   4.347   3.702   0.70 11.32 ? 58  LEU A CB  1 
ATOM   471  C CB  B LEU A 1 57  ? 3.214   4.282   3.672   0.30 9.97  ? 58  LEU A CB  1 
ATOM   472  C CG  A LEU A 1 57  ? 2.670   3.513   4.971   0.70 10.39 ? 58  LEU A CG  1 
ATOM   473  C CG  B LEU A 1 57  ? 2.992   3.311   4.835   0.30 6.60  ? 58  LEU A CG  1 
ATOM   474  C CD1 A LEU A 1 57  ? 1.522   2.510   4.711   0.70 9.08  ? 58  LEU A CD1 1 
ATOM   475  C CD1 B LEU A 1 57  ? 1.878   3.907   5.662   0.30 5.81  ? 58  LEU A CD1 1 
ATOM   476  C CD2 A LEU A 1 57  ? 3.889   2.774   5.388   0.70 17.20 ? 58  LEU A CD2 1 
ATOM   477  C CD2 B LEU A 1 57  ? 2.555   1.962   4.264   0.30 5.05  ? 58  LEU A CD2 1 
ATOM   478  N N   . TYR A 1 58  ? 5.318   6.476   2.299   1.00 12.39 ? 59  TYR A N   1 
ATOM   479  C CA  . TYR A 1 58  ? 5.670   7.378   1.199   1.00 11.79 ? 59  TYR A CA  1 
ATOM   480  C C   . TYR A 1 58  ? 6.059   6.595   -0.052  1.00 10.82 ? 59  TYR A C   1 
ATOM   481  O O   . TYR A 1 58  ? 6.901   5.712   0.003   1.00 12.93 ? 59  TYR A O   1 
ATOM   482  C CB  . TYR A 1 58  ? 6.793   8.362   1.585   1.00 12.14 ? 59  TYR A CB  1 
ATOM   483  C CG  . TYR A 1 58  ? 6.428   9.434   2.600   1.00 12.83 ? 59  TYR A CG  1 
ATOM   484  C CD1 . TYR A 1 58  ? 5.965   10.706  2.206   1.00 16.52 ? 59  TYR A CD1 1 
ATOM   485  C CD2 . TYR A 1 58  ? 6.491   9.156   3.952   1.00 18.38 ? 59  TYR A CD2 1 
ATOM   486  C CE1 . TYR A 1 58  ? 5.642   11.681  3.152   1.00 20.82 ? 59  TYR A CE1 1 
ATOM   487  C CE2 . TYR A 1 58  ? 6.190   10.123  4.899   1.00 17.14 ? 59  TYR A CE2 1 
ATOM   488  C CZ  . TYR A 1 58  ? 5.751   11.381  4.494   1.00 21.79 ? 59  TYR A CZ  1 
ATOM   489  O OH  . TYR A 1 58  ? 5.368   12.324  5.452   1.00 18.53 ? 59  TYR A OH  1 
ATOM   490  N N   . CYS A 1 59  ? 5.479   7.011   -1.188  1.00 12.44 ? 60  CYS A N   1 
ATOM   491  C CA  . CYS A 1 59  ? 5.811   6.467   -2.499  1.00 13.96 ? 60  CYS A CA  1 
ATOM   492  C C   . CYS A 1 59  ? 6.210   7.594   -3.439  1.00 14.75 ? 60  CYS A C   1 
ATOM   493  O O   . CYS A 1 59  ? 5.422   8.487   -3.764  1.00 17.84 ? 60  CYS A O   1 
ATOM   494  C CB  . CYS A 1 59  ? 4.635   5.678   -3.084  1.00 13.69 ? 60  CYS A CB  1 
ATOM   495  S SG  . CYS A 1 59  ? 4.990   4.872   -4.672  1.00 14.49 ? 60  CYS A SG  1 
ATOM   496  N N   . LYS A 1 60  ? 7.410   7.431   -3.960  1.00 17.83 ? 61  LYS A N   1 
ATOM   497  C CA  . LYS A 1 60  ? 8.089   8.497   -4.694  1.00 18.77 ? 61  LYS A CA  1 
ATOM   498  C C   . LYS A 1 60  ? 7.954   9.854   -3.989  1.00 20.73 ? 61  LYS A C   1 
ATOM   499  O O   . LYS A 1 60  ? 7.754   10.899  -4.616  1.00 21.39 ? 61  LYS A O   1 
ATOM   500  C CB  . LYS A 1 60  ? 7.605   8.529   -6.146  1.00 21.36 ? 61  LYS A CB  1 
ATOM   501  C CG  . LYS A 1 60  ? 8.069   7.285   -6.871  1.00 21.49 ? 61  LYS A CG  1 
ATOM   502  C CD  . LYS A 1 60  ? 7.675   7.284   -8.345  1.00 23.04 ? 61  LYS A CD  1 
ATOM   503  C CE  . LYS A 1 60  ? 8.170   6.024   -9.060  1.00 25.36 ? 61  LYS A CE  1 
ATOM   504  N NZ  . LYS A 1 60  ? 7.898   6.061   -10.560 1.00 25.56 ? 61  LYS A NZ  1 
ATOM   505  N N   . GLY A 1 61  ? 8.047   9.824   -2.663  1.00 20.29 ? 62  GLY A N   1 
ATOM   506  C CA  . GLY A 1 61  ? 8.251   11.041  -1.893  1.00 21.08 ? 62  GLY A CA  1 
ATOM   507  C C   . GLY A 1 61  ? 6.955   11.631  -1.391  1.00 19.66 ? 62  GLY A C   1 
ATOM   508  O O   . GLY A 1 61  ? 6.951   12.681  -0.770  1.00 21.74 ? 62  GLY A O   1 
ATOM   509  N N   . ALA A 1 62  ? 5.821   11.041  -1.787  1.00 14.67 ? 63  ALA A N   1 
ATOM   510  C CA  . ALA A 1 62  ? 4.527   11.550  -1.364  1.00 13.71 ? 63  ALA A CA  1 
ATOM   511  C C   . ALA A 1 62  ? 3.807   10.570  -0.434  1.00 12.15 ? 63  ALA A C   1 
ATOM   512  O O   . ALA A 1 62  ? 3.762   9.347   -0.735  1.00 14.05 ? 63  ALA A O   1 
ATOM   513  C CB  . ALA A 1 62  ? 3.635   11.870  -2.567  1.00 17.07 ? 63  ALA A CB  1 
ATOM   514  N N   . PRO A 1 63  ? 3.111   11.094  0.580   1.00 14.14 ? 64  PRO A N   1 
ATOM   515  C CA  . PRO A 1 63  ? 2.465   10.169  1.523   1.00 13.41 ? 64  PRO A CA  1 
ATOM   516  C C   . PRO A 1 63  ? 1.177   9.677   0.880   1.00 13.63 ? 64  PRO A C   1 
ATOM   517  O O   . PRO A 1 63  ? 0.546   10.414  0.126   1.00 13.78 ? 64  PRO A O   1 
ATOM   518  C CB  . PRO A 1 63  ? 2.161   11.062  2.744   1.00 15.72 ? 64  PRO A CB  1 
ATOM   519  C CG  . PRO A 1 63  ? 1.997   12.462  2.173   1.00 13.98 ? 64  PRO A CG  1 
ATOM   520  C CD  . PRO A 1 63  ? 3.041   12.501  1.045   1.00 13.66 ? 64  PRO A CD  1 
ATOM   521  N N   . VAL A 1 64  ? 0.762   8.440   1.170   1.00 10.43 ? 65  VAL A N   1 
ATOM   522  C CA  . VAL A 1 64  ? -0.461  7.913   0.582   1.00 11.65 ? 65  VAL A CA  1 
ATOM   523  C C   . VAL A 1 64  ? -1.667  7.983   1.499   1.00 12.30 ? 65  VAL A C   1 
ATOM   524  O O   . VAL A 1 64  ? -1.535  7.994   2.752   1.00 11.58 ? 65  VAL A O   1 
ATOM   525  C CB  . VAL A 1 64  ? -0.247  6.485   0.007   1.00 10.51 ? 65  VAL A CB  1 
ATOM   526  C CG1 . VAL A 1 64  ? 0.923   6.409   -0.926  1.00 11.63 ? 65  VAL A CG1 1 
ATOM   527  C CG2 . VAL A 1 64  ? 0.062   5.439   1.111   1.00 13.02 ? 65  VAL A CG2 1 
ATOM   528  N N   . ALA A 1 65  ? -2.847  8.083   0.907   1.00 12.26 ? 66  ALA A N   1 
ATOM   529  C CA  . ALA A 1 65  ? -4.061  8.334   1.604   1.00 13.09 ? 66  ALA A CA  1 
ATOM   530  C C   . ALA A 1 65  ? -5.213  7.803   0.759   1.00 12.16 ? 66  ALA A C   1 
ATOM   531  O O   . ALA A 1 65  ? -5.083  7.710   -0.482  1.00 10.72 ? 66  ALA A O   1 
ATOM   532  C CB  . ALA A 1 65  ? -4.193  9.864   1.843   1.00 13.16 ? 66  ALA A CB  1 
ATOM   533  N N   . PRO A 1 66  ? -6.332  7.487   1.385   1.00 12.14 ? 67  PRO A N   1 
ATOM   534  C CA  . PRO A 1 66  ? -7.504  6.924   0.731   1.00 11.89 ? 67  PRO A CA  1 
ATOM   535  C C   . PRO A 1 66  ? -8.422  8.029   0.241   1.00 15.87 ? 67  PRO A C   1 
ATOM   536  O O   . PRO A 1 66  ? -8.511  9.083   0.873   1.00 17.18 ? 67  PRO A O   1 
ATOM   537  C CB  . PRO A 1 66  ? -8.190  6.116   1.850   1.00 15.51 ? 67  PRO A CB  1 
ATOM   538  C CG  . PRO A 1 66  ? -7.814  6.886   3.135   1.00 15.23 ? 67  PRO A CG  1 
ATOM   539  C CD  . PRO A 1 66  ? -6.418  7.453   2.868   1.00 11.65 ? 67  PRO A CD  1 
ATOM   540  N N   . GLN A 1 67  ? -9.046  7.827   -0.913  1.00 13.98 ? 68  GLN A N   1 
ATOM   541  C CA  . GLN A 1 67  ? -10.039 8.774   -1.398  1.00 13.71 ? 68  GLN A CA  1 
ATOM   542  C C   . GLN A 1 67  ? -11.011 8.012   -2.302  1.00 13.92 ? 68  GLN A C   1 
ATOM   543  O O   . GLN A 1 67  ? -10.593 7.269   -3.175  1.00 11.98 ? 68  GLN A O   1 
ATOM   544  C CB  . GLN A 1 67  ? -9.343  9.906   -2.145  1.00 14.20 ? 68  GLN A CB  1 
ATOM   545  C CG  . GLN A 1 67  ? -10.287 10.931  -2.757  1.00 19.94 ? 68  GLN A CG  1 
ATOM   546  C CD  . GLN A 1 67  ? -9.537  12.025  -3.451  1.00 21.25 ? 68  GLN A CD  1 
ATOM   547  O OE1 . GLN A 1 67  ? -9.022  12.930  -2.795  1.00 23.75 ? 68  GLN A OE1 1 
ATOM   548  N NE2 . GLN A 1 67  ? -9.301  11.857  -4.755  1.00 20.68 ? 68  GLN A NE2 1 
ATOM   549  N N   . GLU A 1 68  ? -12.289 8.041   -1.941  1.00 15.25 ? 69  GLU A N   1 
ATOM   550  C CA  . GLU A 1 68  ? -13.336 7.359   -2.683  1.00 18.50 ? 69  GLU A CA  1 
ATOM   551  C C   . GLU A 1 68  ? -12.941 5.923   -2.964  1.00 15.14 ? 69  GLU A C   1 
ATOM   552  O O   . GLU A 1 68  ? -13.050 5.450   -4.107  1.00 17.10 ? 69  GLU A O   1 
ATOM   553  C CB  . GLU A 1 68  ? -13.670 8.096   -3.980  1.00 16.93 ? 69  GLU A CB  1 
ATOM   554  C CG  . GLU A 1 68  ? -14.373 9.461   -3.764  1.00 21.09 ? 69  GLU A CG  1 
ATOM   555  C CD  . GLU A 1 68  ? -14.793 10.103  -5.105  1.00 23.03 ? 69  GLU A CD  1 
ATOM   556  O OE1 . GLU A 1 68  ? -13.926 10.393  -5.964  1.00 23.30 ? 69  GLU A OE1 1 
ATOM   557  O OE2 . GLU A 1 68  ? -16.011 10.239  -5.329  1.00 36.12 ? 69  GLU A OE2 1 
ATOM   558  N N   . GLY A 1 69  ? -12.467 5.240   -1.935  1.00 15.29 ? 70  GLY A N   1 
ATOM   559  C CA  . GLY A 1 69  ? -12.248 3.799   -2.050  1.00 14.70 ? 70  GLY A CA  1 
ATOM   560  C C   . GLY A 1 69  ? -10.966 3.356   -2.719  1.00 12.53 ? 70  GLY A C   1 
ATOM   561  O O   . GLY A 1 69  ? -10.794 2.177   -3.004  1.00 11.81 ? 70  GLY A O   1 
ATOM   562  N N   . LYS A 1 70  ? -10.123 4.314   -3.067  1.00 10.78 ? 71  LYS A N   1 
ATOM   563  C CA  . LYS A 1 70  ? -8.860  4.030   -3.747  1.00 9.69  ? 71  LYS A CA  1 
ATOM   564  C C   . LYS A 1 70  ? -7.694  4.665   -3.076  1.00 8.82  ? 71  LYS A C   1 
ATOM   565  O O   . LYS A 1 70  ? -7.799  5.653   -2.322  1.00 11.23 ? 71  LYS A O   1 
ATOM   566  C CB  . LYS A 1 70  ? -8.943  4.507   -5.219  1.00 12.71 ? 71  LYS A CB  1 
ATOM   567  C CG  . LYS A 1 70  ? -10.203 3.996   -5.944  1.00 13.37 ? 71  LYS A CG  1 
ATOM   568  C CD  . LYS A 1 70  ? -10.089 2.534   -6.346  1.00 22.14 ? 71  LYS A CD  1 
ATOM   569  C CE  . LYS A 1 70  ? -11.207 2.142   -7.325  1.00 25.20 ? 71  LYS A CE  1 
ATOM   570  N NZ  . LYS A 1 70  ? -10.989 2.707   -8.682  1.00 37.99 ? 71  LYS A NZ  1 
ATOM   571  N N   . LEU A 1 71  ? -6.526  4.108   -3.390  1.00 6.99  ? 72  LEU A N   1 
ATOM   572  C CA  . LEU A 1 71  ? -5.264  4.574   -2.767  1.00 8.22  ? 72  LEU A CA  1 
ATOM   573  C C   . LEU A 1 71  ? -4.476  5.528   -3.646  1.00 11.47 ? 72  LEU A C   1 
ATOM   574  O O   . LEU A 1 71  ? -4.205  5.213   -4.814  1.00 9.30  ? 72  LEU A O   1 
ATOM   575  C CB  . LEU A 1 71  ? -4.400  3.353   -2.408  1.00 9.78  ? 72  LEU A CB  1 
ATOM   576  C CG  . LEU A 1 71  ? -3.121  3.679   -1.668  1.00 10.27 ? 72  LEU A CG  1 
ATOM   577  C CD1 . LEU A 1 71  ? -3.410  4.270   -0.281  1.00 10.84 ? 72  LEU A CD1 1 
ATOM   578  C CD2 . LEU A 1 71  ? -2.273  2.398   -1.531  1.00 9.50  ? 72  LEU A CD2 1 
ATOM   579  N N   . PHE A 1 72  ? -4.173  6.732   -3.128  1.00 10.95 ? 73  PHE A N   1 
ATOM   580  C CA  . PHE A 1 72  ? -3.393  7.729   -3.918  1.00 10.83 ? 73  PHE A CA  1 
ATOM   581  C C   . PHE A 1 72  ? -2.199  8.246   -3.151  1.00 11.12 ? 73  PHE A C   1 
ATOM   582  O O   . PHE A 1 72  ? -2.230  8.240   -1.921  1.00 13.70 ? 73  PHE A O   1 
ATOM   583  C CB  . PHE A 1 72  ? -4.240  8.963   -4.200  1.00 11.67 ? 73  PHE A CB  1 
ATOM   584  C CG  . PHE A 1 72  ? -5.449  8.705   -5.081  1.00 9.40  ? 73  PHE A CG  1 
ATOM   585  C CD1 . PHE A 1 72  ? -5.390  9.075   -6.428  1.00 10.42 ? 73  PHE A CD1 1 
ATOM   586  C CD2 . PHE A 1 72  ? -6.673  8.332   -4.548  1.00 9.72  ? 73  PHE A CD2 1 
ATOM   587  C CE1 . PHE A 1 72  ? -6.545  8.943   -7.220  1.00 10.07 ? 73  PHE A CE1 1 
ATOM   588  C CE2 . PHE A 1 72  ? -7.865  8.225   -5.305  1.00 11.06 ? 73  PHE A CE2 1 
ATOM   589  C CZ  . PHE A 1 72  ? -7.804  8.569   -6.665  1.00 8.22  ? 73  PHE A CZ  1 
ATOM   590  N N   . ALA A 1 73  ? -1.208  8.726   -3.882  1.00 10.00 ? 74  ALA A N   1 
ATOM   591  C CA  . ALA A 1 73  ? -0.197  9.618   -3.347  1.00 10.15 ? 74  ALA A CA  1 
ATOM   592  C C   . ALA A 1 73  ? -0.686  11.067  -3.361  1.00 13.27 ? 74  ALA A C   1 
ATOM   593  O O   . ALA A 1 73  ? -1.290  11.546  -4.356  1.00 14.99 ? 74  ALA A O   1 
ATOM   594  C CB  . ALA A 1 73  ? 1.075   9.450   -4.074  1.00 10.45 ? 74  ALA A CB  1 
ATOM   595  N N   . ASP A 1 74  ? -0.509  11.743  -2.220  1.00 15.84 ? 75  ASP A N   1 
ATOM   596  C CA  A ASP A 1 74  ? -0.988  13.138  -2.049  0.70 17.89 ? 75  ASP A CA  1 
ATOM   597  C CA  B ASP A 1 74  ? -0.967  13.112  -2.063  0.30 17.50 ? 75  ASP A CA  1 
ATOM   598  C C   . ASP A 1 74  ? 0.150   14.075  -2.430  1.00 19.67 ? 75  ASP A C   1 
ATOM   599  O O   . ASP A 1 74  ? 1.191   14.131  -1.768  1.00 17.63 ? 75  ASP A O   1 
ATOM   600  C CB  A ASP A 1 74  ? -1.467  13.399  -0.609  0.70 15.04 ? 75  ASP A CB  1 
ATOM   601  C CB  B ASP A 1 74  ? -1.422  13.356  -0.632  0.30 16.30 ? 75  ASP A CB  1 
ATOM   602  C CG  A ASP A 1 74  ? -2.060  14.804  -0.394  0.70 13.06 ? 75  ASP A CG  1 
ATOM   603  C CG  B ASP A 1 74  ? -0.994  14.696  -0.118  0.30 13.17 ? 75  ASP A CG  1 
ATOM   604  O OD1 A ASP A 1 74  ? -2.233  15.561  -1.381  0.70 15.24 ? 75  ASP A OD1 1 
ATOM   605  O OD1 B ASP A 1 74  ? -0.872  15.626  -0.943  0.30 15.05 ? 75  ASP A OD1 1 
ATOM   606  O OD2 A ASP A 1 74  ? -2.256  15.154  0.810   0.70 15.07 ? 75  ASP A OD2 1 
ATOM   607  O OD2 B ASP A 1 74  ? -0.887  14.839  1.108   0.30 12.38 ? 75  ASP A OD2 1 
ATOM   608  N N   . LEU A 1 75  ? -0.012  14.717  -3.578  1.00 20.09 ? 76  LEU A N   1 
ATOM   609  C CA  . LEU A 1 75  ? 0.977   15.646  -4.067  1.00 21.54 ? 76  LEU A CA  1 
ATOM   610  C C   . LEU A 1 75  ? 0.677   17.060  -3.566  1.00 25.59 ? 76  LEU A C   1 
ATOM   611  O O   . LEU A 1 75  ? 1.585   17.859  -3.497  1.00 28.16 ? 76  LEU A O   1 
ATOM   612  C CB  . LEU A 1 75  ? 1.074   15.584  -5.615  1.00 19.28 ? 76  LEU A CB  1 
ATOM   613  C CG  . LEU A 1 75  ? 2.059   14.523  -6.140  1.00 20.59 ? 76  LEU A CG  1 
ATOM   614  C CD1 . LEU A 1 75  ? 1.682   13.128  -5.668  1.00 26.04 ? 76  LEU A CD1 1 
ATOM   615  C CD2 . LEU A 1 75  ? 2.131   14.546  -7.672  1.00 20.25 ? 76  LEU A CD2 1 
ATOM   616  N N   . LEU A 1 76  ? -0.601  17.396  -3.353  1.00 24.47 ? 77  LEU A N   1 
ATOM   617  C CA  . LEU A 1 76  ? -0.995  18.793  -3.019  1.00 26.45 ? 77  LEU A CA  1 
ATOM   618  C C   . LEU A 1 76  ? -0.867  19.103  -1.535  1.00 30.32 ? 77  LEU A C   1 
ATOM   619  O O   . LEU A 1 76  ? -0.552  20.258  -1.152  1.00 28.40 ? 77  LEU A O   1 
ATOM   620  C CB  . LEU A 1 76  ? -2.428  19.103  -3.503  1.00 30.47 ? 77  LEU A CB  1 
ATOM   621  C CG  . LEU A 1 76  ? -2.951  20.521  -3.225  1.00 30.72 ? 77  LEU A CG  1 
ATOM   622  C CD1 . LEU A 1 76  ? -2.122  21.548  -4.005  1.00 33.89 ? 77  LEU A CD1 1 
ATOM   623  C CD2 . LEU A 1 76  ? -4.442  20.671  -3.527  1.00 34.49 ? 77  LEU A CD2 1 
ATOM   624  N N   . GLY A 1 77  ? -1.214  18.108  -0.708  1.00 25.03 ? 78  GLY A N   1 
ATOM   625  C CA  . GLY A 1 77  ? -1.055  18.172  0.746   1.00 24.35 ? 78  GLY A CA  1 
ATOM   626  C C   . GLY A 1 77  ? -2.368  18.238  1.474   1.00 18.51 ? 78  GLY A C   1 
ATOM   627  O O   . GLY A 1 77  ? -2.409  18.331  2.691   1.00 24.82 ? 78  GLY A O   1 
ATOM   628  N N   . ASN A 1 78  ? -3.466  18.311  0.729   1.00 28.88 ? 79  ASN A N   1 
ATOM   629  C CA  . ASN A 1 78  ? -4.753  18.504  1.372   1.00 28.55 ? 79  ASN A CA  1 
ATOM   630  C C   . ASN A 1 78  ? -5.549  17.215  1.662   1.00 29.14 ? 79  ASN A C   1 
ATOM   631  O O   . ASN A 1 78  ? -6.731  17.290  1.999   1.00 30.62 ? 79  ASN A O   1 
ATOM   632  C CB  . ASN A 1 78  ? -5.601  19.503  0.558   1.00 31.16 ? 79  ASN A CB  1 
ATOM   633  C CG  . ASN A 1 78  ? -5.879  19.017  -0.862  1.00 34.71 ? 79  ASN A CG  1 
ATOM   634  O OD1 . ASN A 1 78  ? -5.282  18.032  -1.323  1.00 34.24 ? 79  ASN A OD1 1 
ATOM   635  N ND2 . ASN A 1 78  ? -6.794  19.701  -1.559  1.00 36.34 ? 79  ASN A ND2 1 
ATOM   636  N N   . MET A 1 79  ? -4.935  16.042  1.494   1.00 22.03 ? 80  MET A N   1 
ATOM   637  C CA  . MET A 1 79  ? -5.628  14.780  1.743   1.00 24.88 ? 80  MET A CA  1 
ATOM   638  C C   . MET A 1 79  ? -5.599  14.378  3.216   1.00 22.06 ? 80  MET A C   1 
ATOM   639  O O   . MET A 1 79  ? -4.572  14.462  3.897   1.00 24.62 ? 80  MET A O   1 
ATOM   640  C CB  . MET A 1 79  ? -5.055  13.656  0.869   1.00 23.99 ? 80  MET A CB  1 
ATOM   641  C CG  . MET A 1 79  ? -5.146  13.964  -0.637  1.00 21.83 ? 80  MET A CG  1 
ATOM   642  S SD  . MET A 1 79  ? -4.764  12.519  -1.649  1.00 21.86 ? 80  MET A SD  1 
ATOM   643  C CE  . MET A 1 79  ? -6.269  11.601  -1.418  1.00 23.22 ? 80  MET A CE  1 
ATOM   644  N N   . GLU A 1 80  ? -6.754  13.936  3.681   1.00 22.46 ? 81  GLU A N   1 
ATOM   645  C CA  . GLU A 1 80  ? -6.903  13.525  5.055   1.00 21.22 ? 81  GLU A CA  1 
ATOM   646  C C   . GLU A 1 80  ? -6.605  12.038  5.172   1.00 21.95 ? 81  GLU A C   1 
ATOM   647  O O   . GLU A 1 80  ? -6.429  11.325  4.166   1.00 22.82 ? 81  GLU A O   1 
ATOM   648  C CB  . GLU A 1 80  ? -8.320  13.824  5.553   1.00 25.58 ? 81  GLU A CB  1 
ATOM   649  C CG  . GLU A 1 80  ? -8.585  15.328  5.806   1.00 29.86 ? 81  GLU A CG  1 
ATOM   650  C CD  . GLU A 1 80  ? -7.506  16.008  6.691   1.00 42.56 ? 81  GLU A CD  1 
ATOM   651  O OE1 . GLU A 1 80  ? -7.333  15.605  7.869   1.00 41.95 ? 81  GLU A OE1 1 
ATOM   652  O OE2 . GLU A 1 80  ? -6.850  16.975  6.225   1.00 49.79 ? 81  GLU A OE2 1 
ATOM   653  N N   . ASP A 1 81  ? -6.415  11.613  6.412   1.00 18.86 ? 82  ASP A N   1 
ATOM   654  C CA  . ASP A 1 81  ? -6.298  10.192  6.721   1.00 17.43 ? 82  ASP A CA  1 
ATOM   655  C C   . ASP A 1 81  ? -5.022  9.551   6.183   1.00 14.41 ? 82  ASP A C   1 
ATOM   656  O O   . ASP A 1 81  ? -5.075  8.455   5.610   1.00 14.79 ? 82  ASP A O   1 
ATOM   657  C CB  . ASP A 1 81  ? -7.542  9.453   6.252   1.00 15.59 ? 82  ASP A CB  1 
ATOM   658  C CG  . ASP A 1 81  ? -8.823  10.123  6.696   1.00 22.26 ? 82  ASP A CG  1 
ATOM   659  O OD1 . ASP A 1 81  ? -9.049  10.275  7.914   1.00 23.36 ? 82  ASP A OD1 1 
ATOM   660  O OD2 . ASP A 1 81  ? -9.663  10.413  5.835   1.00 24.97 ? 82  ASP A OD2 1 
ATOM   661  N N   . LYS A 1 82  ? -3.877  10.140  6.519   1.00 16.08 ? 83  LYS A N   1 
ATOM   662  C CA  . LYS A 1 82  ? -2.600  9.645   6.076   1.00 12.72 ? 83  LYS A CA  1 
ATOM   663  C C   . LYS A 1 82  ? -1.936  8.622   6.997   1.00 13.52 ? 83  LYS A C   1 
ATOM   664  O O   . LYS A 1 82  ? -0.859  8.169   6.724   1.00 15.05 ? 83  LYS A O   1 
ATOM   665  C CB  . LYS A 1 82  ? -1.612  10.806  5.863   1.00 20.22 ? 83  LYS A CB  1 
ATOM   666  C CG  . LYS A 1 82  ? -2.101  11.823  4.862   1.00 20.93 ? 83  LYS A CG  1 
ATOM   667  C CD  . LYS A 1 82  ? -0.972  12.751  4.449   1.00 35.92 ? 83  LYS A CD  1 
ATOM   668  C CE  . LYS A 1 82  ? -1.492  13.868  3.548   1.00 40.40 ? 83  LYS A CE  1 
ATOM   669  N NZ  . LYS A 1 82  ? -0.585  15.046  3.615   1.00 48.99 ? 83  LYS A NZ  1 
ATOM   670  N N   . LYS A 1 83  ? -2.585  8.272   8.101   1.00 15.24 ? 84  LYS A N   1 
ATOM   671  C CA  . LYS A 1 83  ? -1.973  7.341   9.058   1.00 14.94 ? 84  LYS A CA  1 
ATOM   672  C C   . LYS A 1 83  ? -2.507  5.918   8.839   1.00 8.90  ? 84  LYS A C   1 
ATOM   673  O O   . LYS A 1 83  ? -3.684  5.721   8.621   1.00 12.29 ? 84  LYS A O   1 
ATOM   674  C CB  . LYS A 1 83  ? -2.333  7.772   10.504  1.00 16.19 ? 84  LYS A CB  1 
ATOM   675  C CG  . LYS A 1 83  ? -1.485  8.914   11.064  1.00 25.78 ? 84  LYS A CG  1 
ATOM   676  C CD  . LYS A 1 83  ? -1.967  9.243   12.511  1.00 26.82 ? 84  LYS A CD  1 
ATOM   677  C CE  . LYS A 1 83  ? -1.099  10.297  13.191  1.00 40.32 ? 84  LYS A CE  1 
ATOM   678  N NZ  . LYS A 1 83  ? -1.158  10.243  14.699  1.00 44.42 ? 84  LYS A NZ  1 
ATOM   679  N N   . TRP A 1 84  ? -1.579  4.965   8.838   1.00 10.90 ? 85  TRP A N   1 
ATOM   680  C CA  . TRP A 1 84  ? -1.872  3.521   8.579   1.00 10.30 ? 85  TRP A CA  1 
ATOM   681  C C   . TRP A 1 84  ? -1.357  2.630   9.712   1.00 10.66 ? 85  TRP A C   1 
ATOM   682  O O   . TRP A 1 84  ? -0.271  2.891   10.294  1.00 12.76 ? 85  TRP A O   1 
ATOM   683  C CB  . TRP A 1 84  ? -1.163  3.085   7.282   1.00 11.05 ? 85  TRP A CB  1 
ATOM   684  C CG  . TRP A 1 84  ? -1.612  3.914   6.092   1.00 12.50 ? 85  TRP A CG  1 
ATOM   685  C CD1 . TRP A 1 84  ? -1.044  5.071   5.652   1.00 12.42 ? 85  TRP A CD1 1 
ATOM   686  C CD2 . TRP A 1 84  ? -2.768  3.688   5.277   1.00 9.52  ? 85  TRP A CD2 1 
ATOM   687  N NE1 . TRP A 1 84  ? -1.754  5.563   4.573   1.00 9.50  ? 85  TRP A NE1 1 
ATOM   688  C CE2 . TRP A 1 84  ? -2.817  4.733   4.317   1.00 8.75  ? 85  TRP A CE2 1 
ATOM   689  C CE3 . TRP A 1 84  ? -3.759  2.682   5.246   1.00 10.50 ? 85  TRP A CE3 1 
ATOM   690  C CZ2 . TRP A 1 84  ? -3.832  4.838   3.366   1.00 10.97 ? 85  TRP A CZ2 1 
ATOM   691  C CZ3 . TRP A 1 84  ? -4.797  2.787   4.273   1.00 9.92  ? 85  TRP A CZ3 1 
ATOM   692  C CH2 . TRP A 1 84  ? -4.785  3.850   3.315   1.00 8.31  ? 85  TRP A CH2 1 
ATOM   693  N N   . ILE A 1 85  ? -2.140  1.588   9.973   1.00 11.17 ? 86  ILE A N   1 
ATOM   694  C CA  . ILE A 1 85  ? -1.790  0.542   10.942  1.00 13.26 ? 86  ILE A CA  1 
ATOM   695  C C   . ILE A 1 85  ? -1.229  -0.604  10.093  1.00 12.31 ? 86  ILE A C   1 
ATOM   696  O O   . ILE A 1 85  ? -1.915  -1.141  9.180   1.00 11.09 ? 86  ILE A O   1 
ATOM   697  C CB  . ILE A 1 85  ? -3.041  0.109   11.734  1.00 14.72 ? 86  ILE A CB  1 
ATOM   698  C CG1 . ILE A 1 85  ? -3.666  1.303   12.483  1.00 15.13 ? 86  ILE A CG1 1 
ATOM   699  C CG2 . ILE A 1 85  ? -2.729  -1.083  12.710  1.00 16.29 ? 86  ILE A CG2 1 
ATOM   700  C CD1 . ILE A 1 85  ? -2.770  2.001   13.478  1.00 24.46 ? 86  ILE A CD1 1 
ATOM   701  N N   . VAL A 1 86  ? 0.041   -0.912  10.317  1.00 13.20 ? 87  VAL A N   1 
ATOM   702  C CA  . VAL A 1 86  ? 0.755   -1.887  9.525   1.00 9.92  ? 87  VAL A CA  1 
ATOM   703  C C   . VAL A 1 86  ? 1.041   -3.094  10.420  1.00 13.56 ? 87  VAL A C   1 
ATOM   704  O O   . VAL A 1 86  ? 1.745   -2.963  11.423  1.00 16.49 ? 87  VAL A O   1 
ATOM   705  C CB  . VAL A 1 86  ? 2.021   -1.318  8.897   1.00 12.96 ? 87  VAL A CB  1 
ATOM   706  C CG1 . VAL A 1 86  ? 2.713   -2.363  8.039   1.00 14.24 ? 87  VAL A CG1 1 
ATOM   707  C CG2 . VAL A 1 86  ? 1.700   -0.031  8.053   1.00 12.48 ? 87  VAL A CG2 1 
ATOM   708  N N   . THR A 1 87  ? 0.433   -4.242  10.096  1.00 9.83  ? 88  THR A N   1 
ATOM   709  C CA  . THR A 1 87  ? 0.467   -5.339  11.066  1.00 10.48 ? 88  THR A CA  1 
ATOM   710  C C   . THR A 1 87  ? 1.073   -6.577  10.411  1.00 12.46 ? 88  THR A C   1 
ATOM   711  O O   . THR A 1 87  ? 0.552   -7.051  9.381   1.00 11.73 ? 88  THR A O   1 
ATOM   712  C CB  . THR A 1 87  ? -0.967  -5.678  11.496  1.00 10.22 ? 88  THR A CB  1 
ATOM   713  O OG1 . THR A 1 87  ? -1.629  -4.497  12.015  1.00 14.14 ? 88  THR A OG1 1 
ATOM   714  C CG2 . THR A 1 87  ? -0.937  -6.694  12.643  1.00 13.18 ? 88  THR A CG2 1 
ATOM   715  N N   . HIS A 1 88  ? 2.035   -7.208  11.080  1.00 12.70 ? 89  HIS A N   1 
ATOM   716  C CA  . HIS A 1 88  ? 2.585   -8.467  10.621  1.00 10.27 ? 89  HIS A CA  1 
ATOM   717  C C   . HIS A 1 88  ? 1.469   -9.536  10.653  1.00 11.69 ? 89  HIS A C   1 
ATOM   718  O O   . HIS A 1 88  ? 0.713   -9.639  11.649  1.00 12.95 ? 89  HIS A O   1 
ATOM   719  C CB  . HIS A 1 88  ? 3.645   -8.962  11.615  1.00 14.29 ? 89  HIS A CB  1 
ATOM   720  C CG  . HIS A 1 88  ? 5.032   -8.513  11.308  1.00 15.43 ? 89  HIS A CG  1 
ATOM   721  N ND1 . HIS A 1 88  ? 5.848   -9.186  10.417  1.00 21.76 ? 89  HIS A ND1 1 
ATOM   722  C CD2 . HIS A 1 88  ? 5.787   -7.522  11.836  1.00 23.38 ? 89  HIS A CD2 1 
ATOM   723  C CE1 . HIS A 1 88  ? 7.030   -8.597  10.381  1.00 28.35 ? 89  HIS A CE1 1 
ATOM   724  N NE2 . HIS A 1 88  ? 7.022   -7.591  11.238  1.00 21.97 ? 89  HIS A NE2 1 
ATOM   725  N N   . GLN A 1 89  ? 1.442   -10.365 9.621   1.00 10.46 ? 90  GLN A N   1 
ATOM   726  C CA  . GLN A 1 89  ? 0.601   -11.577 9.600   1.00 9.31  ? 90  GLN A CA  1 
ATOM   727  C C   . GLN A 1 89  ? 1.504   -12.777 9.361   1.00 8.51  ? 90  GLN A C   1 
ATOM   728  O O   . GLN A 1 89  ? 1.561   -13.320 8.261   1.00 11.41 ? 90  GLN A O   1 
ATOM   729  C CB  . GLN A 1 89  ? -0.498  -11.496 8.529   1.00 11.19 ? 90  GLN A CB  1 
ATOM   730  C CG  . GLN A 1 89  ? -1.321  -10.196 8.610   1.00 10.66 ? 90  GLN A CG  1 
ATOM   731  C CD  . GLN A 1 89  ? -2.156  -10.104 9.888   1.00 13.94 ? 90  GLN A CD  1 
ATOM   732  O OE1 . GLN A 1 89  ? -2.377  -11.108 10.602  1.00 13.98 ? 90  GLN A OE1 1 
ATOM   733  N NE2 . GLN A 1 89  ? -2.615  -8.873  10.213  1.00 13.61 ? 90  GLN A NE2 1 
ATOM   734  N N   . PRO A 1 90  ? 2.174   -13.256 10.448  1.00 10.96 ? 91  PRO A N   1 
ATOM   735  C CA  . PRO A 1 90  ? 3.230   -14.284 10.284  1.00 11.45 ? 91  PRO A CA  1 
ATOM   736  C C   . PRO A 1 90  ? 2.732   -15.648 9.783   1.00 10.20 ? 91  PRO A C   1 
ATOM   737  O O   . PRO A 1 90  ? 3.505   -16.408 9.221   1.00 13.87 ? 91  PRO A O   1 
ATOM   738  C CB  . PRO A 1 90  ? 3.743   -14.502 11.708  1.00 14.59 ? 91  PRO A CB  1 
ATOM   739  C CG  . PRO A 1 90  ? 3.317   -13.352 12.491  1.00 18.97 ? 91  PRO A CG  1 
ATOM   740  C CD  . PRO A 1 90  ? 2.114   -12.707 11.821  1.00 12.91 ? 91  PRO A CD  1 
ATOM   741  N N   . GLN A 1 91  ? 1.435   -15.885 9.965   1.00 10.18 ? 92  GLN A N   1 
ATOM   742  C CA  . GLN A 1 91  ? 0.747   -17.066 9.451   1.00 10.22 ? 92  GLN A CA  1 
ATOM   743  C C   . GLN A 1 91  ? 0.714   -17.086 7.940   1.00 10.17 ? 92  GLN A C   1 
ATOM   744  O O   . GLN A 1 91  ? 0.386   -18.132 7.326   1.00 12.79 ? 92  GLN A O   1 
ATOM   745  C CB  . GLN A 1 91  ? -0.664  -17.209 10.073  1.00 9.76  ? 92  GLN A CB  1 
ATOM   746  C CG  . GLN A 1 91  ? -1.685  -16.171 9.548   1.00 12.01 ? 92  GLN A CG  1 
ATOM   747  C CD  . GLN A 1 91  ? -1.709  -14.828 10.307  1.00 11.65 ? 92  GLN A CD  1 
ATOM   748  O OE1 . GLN A 1 91  ? -0.734  -14.395 10.913  1.00 12.86 ? 92  GLN A OE1 1 
ATOM   749  N NE2 . GLN A 1 91  ? -2.838  -14.124 10.190  1.00 14.43 ? 92  GLN A NE2 1 
ATOM   750  N N   . HIS A 1 92  ? 1.044   -15.931 7.326   1.00 11.12 ? 93  HIS A N   1 
ATOM   751  C CA  . HIS A 1 92  ? 1.073   -15.805 5.867   1.00 11.85 ? 93  HIS A CA  1 
ATOM   752  C C   . HIS A 1 92  ? 2.484   -15.633 5.308   1.00 14.03 ? 93  HIS A C   1 
ATOM   753  O O   . HIS A 1 92  ? 2.671   -15.415 4.097   1.00 15.57 ? 93  HIS A O   1 
ATOM   754  C CB  . HIS A 1 92  ? 0.162   -14.667 5.363   1.00 12.29 ? 93  HIS A CB  1 
ATOM   755  C CG  . HIS A 1 92  ? -1.283  -14.900 5.624   1.00 9.62  ? 93  HIS A CG  1 
ATOM   756  N ND1 . HIS A 1 92  ? -2.015  -15.858 4.953   1.00 15.60 ? 93  HIS A ND1 1 
ATOM   757  C CD2 . HIS A 1 92  ? -2.161  -14.250 6.422   1.00 8.55  ? 93  HIS A CD2 1 
ATOM   758  C CE1 . HIS A 1 92  ? -3.272  -15.809 5.369   1.00 13.15 ? 93  HIS A CE1 1 
ATOM   759  N NE2 . HIS A 1 92  ? -3.379  -14.854 6.273   1.00 11.88 ? 93  HIS A NE2 1 
ATOM   760  N N   . GLY A 1 93  ? 3.450   -15.609 6.212   1.00 13.30 ? 94  GLY A N   1 
ATOM   761  C CA  . GLY A 1 93  ? 4.868   -15.520 5.843   1.00 15.39 ? 94  GLY A CA  1 
ATOM   762  C C   . GLY A 1 93  ? 5.576   -14.399 6.563   1.00 17.35 ? 94  GLY A C   1 
ATOM   763  O O   . GLY A 1 93  ? 4.937   -13.470 7.086   1.00 17.55 ? 94  GLY A O   1 
ATOM   764  N N   . GLU A 1 94  ? 6.907   -14.465 6.579   1.00 22.75 ? 95  GLU A N   1 
ATOM   765  C CA  . GLU A 1 94  ? 7.701   -13.696 7.540   1.00 24.66 ? 95  GLU A CA  1 
ATOM   766  C C   . GLU A 1 94  ? 7.596   -12.170 7.433   1.00 23.10 ? 95  GLU A C   1 
ATOM   767  O O   . GLU A 1 94  ? 7.668   -11.463 8.453   1.00 26.44 ? 95  GLU A O   1 
ATOM   768  C CB  . GLU A 1 94  ? 9.173   -14.122 7.490   1.00 25.69 ? 95  GLU A CB  1 
ATOM   769  C CG  . GLU A 1 94  ? 9.711   -14.469 8.850   1.00 38.53 ? 95  GLU A CG  1 
ATOM   770  C CD  . GLU A 1 94  ? 11.006  -15.218 8.755   1.00 48.89 ? 95  GLU A CD  1 
ATOM   771  O OE1 . GLU A 1 94  ? 11.153  -16.245 9.456   1.00 57.83 ? 95  GLU A OE1 1 
ATOM   772  O OE2 . GLU A 1 94  ? 11.836  -14.828 7.905   1.00 54.02 ? 95  GLU A OE2 1 
ATOM   773  N N   . ASN A 1 95  ? 7.538   -11.679 6.194   1.00 17.48 ? 96  ASN A N   1 
ATOM   774  C CA  . ASN A 1 95  ? 7.573   -10.245 5.867   1.00 15.46 ? 96  ASN A CA  1 
ATOM   775  C C   . ASN A 1 95  ? 6.221   -9.789  5.270   1.00 13.44 ? 96  ASN A C   1 
ATOM   776  O O   . ASN A 1 95  ? 6.155   -8.847  4.460   1.00 11.91 ? 96  ASN A O   1 
ATOM   777  C CB  . ASN A 1 95  ? 8.697   -10.021 4.850   1.00 15.95 ? 96  ASN A CB  1 
ATOM   778  C CG  . ASN A 1 95  ? 10.058  -10.251 5.448   1.00 26.07 ? 96  ASN A CG  1 
ATOM   779  O OD1 . ASN A 1 95  ? 10.324  -9.857  6.579   1.00 27.38 ? 96  ASN A OD1 1 
ATOM   780  N ND2 . ASN A 1 95  ? 10.898  -10.976 4.724   1.00 24.29 ? 96  ASN A ND2 1 
ATOM   781  N N   . VAL A 1 96  ? 5.152   -10.485 5.632   1.00 11.77 ? 97  VAL A N   1 
ATOM   782  C CA  . VAL A 1 96  ? 3.804   -10.219 5.123   1.00 10.18 ? 97  VAL A CA  1 
ATOM   783  C C   . VAL A 1 96  ? 2.939   -9.401  6.113   1.00 11.19 ? 97  VAL A C   1 
ATOM   784  O O   . VAL A 1 96  ? 2.920   -9.687  7.319   1.00 11.16 ? 97  VAL A O   1 
ATOM   785  C CB  . VAL A 1 96  ? 3.094   -11.544 4.774   1.00 10.72 ? 97  VAL A CB  1 
ATOM   786  C CG1 . VAL A 1 96  ? 1.668   -11.299 4.307   1.00 14.11 ? 97  VAL A CG1 1 
ATOM   787  C CG2 . VAL A 1 96  ? 3.869   -12.293 3.656   1.00 13.21 ? 97  VAL A CG2 1 
ATOM   788  N N   . PHE A 1 97  ? 2.223   -8.401  5.591   1.00 9.47  ? 98  PHE A N   1 
ATOM   789  C CA  . PHE A 1 97  ? 1.493   -7.420  6.409   1.00 7.98  ? 98  PHE A CA  1 
ATOM   790  C C   . PHE A 1 97  ? 0.115   -7.180  5.842   1.00 9.29  ? 98  PHE A C   1 
ATOM   791  O O   . PHE A 1 97  ? -0.078  -7.230  4.615   1.00 8.46  ? 98  PHE A O   1 
ATOM   792  C CB  . PHE A 1 97  ? 2.252   -6.069  6.370   1.00 9.66  ? 98  PHE A CB  1 
ATOM   793  C CG  . PHE A 1 97  ? 3.611   -6.134  7.021   1.00 9.74  ? 98  PHE A CG  1 
ATOM   794  C CD1 . PHE A 1 97  ? 4.726   -6.578  6.297   1.00 12.21 ? 98  PHE A CD1 1 
ATOM   795  C CD2 . PHE A 1 97  ? 3.758   -5.808  8.368   1.00 12.04 ? 98  PHE A CD2 1 
ATOM   796  C CE1 . PHE A 1 97  ? 5.973   -6.715  6.928   1.00 11.95 ? 98  PHE A CE1 1 
ATOM   797  C CE2 . PHE A 1 97  ? 5.058   -5.774  8.936   1.00 10.40 ? 98  PHE A CE2 1 
ATOM   798  C CZ  . PHE A 1 97  ? 6.136   -6.252  8.236   1.00 11.40 ? 98  PHE A CZ  1 
ATOM   799  N N   . THR A 1 98  ? -0.796  -6.729  6.706   1.00 9.09  ? 99  THR A N   1 
ATOM   800  C CA  . THR A 1 98  ? -1.961  -5.924  6.269   1.00 8.91  ? 99  THR A CA  1 
ATOM   801  C C   . THR A 1 98  ? -1.680  -4.446  6.535   1.00 8.48  ? 99  THR A C   1 
ATOM   802  O O   . THR A 1 98  ? -0.846  -4.088  7.380   1.00 10.44 ? 99  THR A O   1 
ATOM   803  C CB  . THR A 1 98  ? -3.249  -6.322  7.035   1.00 10.55 ? 99  THR A CB  1 
ATOM   804  O OG1 . THR A 1 98  ? -2.959  -6.296  8.448   1.00 10.15 ? 99  THR A OG1 1 
ATOM   805  C CG2 . THR A 1 98  ? -3.622  -7.770  6.653   1.00 10.26 ? 99  THR A CG2 1 
ATOM   806  N N   . VAL A 1 99  ? -2.378  -3.584  5.781   1.00 8.50  ? 100 VAL A N   1 
ATOM   807  C CA  . VAL A 1 99  ? -2.206  -2.125  5.898   1.00 9.45  ? 100 VAL A CA  1 
ATOM   808  C C   . VAL A 1 99  ? -3.599  -1.543  6.023   1.00 10.62 ? 100 VAL A C   1 
ATOM   809  O O   . VAL A 1 99  ? -4.374  -1.580  5.048   1.00 9.36  ? 100 VAL A O   1 
ATOM   810  C CB  . VAL A 1 99  ? -1.484  -1.528  4.652   1.00 9.83  ? 100 VAL A CB  1 
ATOM   811  C CG1 . VAL A 1 99  ? -1.281  -0.040  4.863   1.00 10.90 ? 100 VAL A CG1 1 
ATOM   812  C CG2 . VAL A 1 99  ? -0.176  -2.234  4.432   1.00 11.67 ? 100 VAL A CG2 1 
ATOM   813  N N   . VAL A 1 100 ? -3.963  -1.043  7.226   1.00 9.17  ? 101 VAL A N   1 
ATOM   814  C CA  . VAL A 1 100 ? -5.325  -0.606  7.513   1.00 10.16 ? 101 VAL A CA  1 
ATOM   815  C C   . VAL A 1 100 ? -5.346  0.858   7.962   1.00 11.30 ? 101 VAL A C   1 
ATOM   816  O O   . VAL A 1 100 ? -4.532  1.282   8.752   1.00 11.81 ? 101 VAL A O   1 
ATOM   817  C CB  . VAL A 1 100 ? -5.991  -1.486  8.615   1.00 9.61  ? 101 VAL A CB  1 
ATOM   818  C CG1 . VAL A 1 100 ? -7.406  -0.997  8.909   1.00 15.42 ? 101 VAL A CG1 1 
ATOM   819  C CG2 . VAL A 1 100 ? -6.105  -2.911  8.084   1.00 12.31 ? 101 VAL A CG2 1 
ATOM   820  N N   . ASN A 1 101 ? -6.217  1.665   7.365   1.00 11.21 ? 102 ASN A N   1 
ATOM   821  C CA  . ASN A 1 101 ? -6.174  3.095   7.710   1.00 12.42 ? 102 ASN A CA  1 
ATOM   822  C C   . ASN A 1 101 ? -6.532  3.273   9.200   1.00 14.12 ? 102 ASN A C   1 
ATOM   823  O O   . ASN A 1 101 ? -7.573  2.769   9.632   1.00 13.44 ? 102 ASN A O   1 
ATOM   824  C CB  . ASN A 1 101 ? -7.140  3.895   6.810   1.00 12.92 ? 102 ASN A CB  1 
ATOM   825  C CG  . ASN A 1 101 ? -6.810  5.353   6.803   1.00 14.21 ? 102 ASN A CG  1 
ATOM   826  O OD1 . ASN A 1 101 ? -6.025  5.842   5.958   1.00 14.46 ? 102 ASN A OD1 1 
ATOM   827  N ND2 . ASN A 1 101 ? -7.523  6.090   7.637   1.00 11.27 ? 102 ASN A ND2 1 
ATOM   828  N N   . ALA A 1 102 ? -5.769  4.118   9.889   1.00 15.22 ? 103 ALA A N   1 
ATOM   829  C CA  . ALA A 1 102 ? -5.975  4.354   11.330  1.00 14.09 ? 103 ALA A CA  1 
ATOM   830  C C   . ALA A 1 102 ? -7.294  5.067   11.658  1.00 17.69 ? 103 ALA A C   1 
ATOM   831  O O   . ALA A 1 102 ? -7.871  4.850   12.740  1.00 19.66 ? 103 ALA A O   1 
ATOM   832  C CB  . ALA A 1 102 ? -4.810  5.122   11.902  1.00 16.55 ? 103 ALA A CB  1 
ATOM   833  N N   . SER A 1 103 ? -7.753  5.932   10.750  1.00 15.12 ? 104 SER A N   1 
ATOM   834  C CA  . SER A 1 103 ? -8.976  6.684   10.973  1.00 20.20 ? 104 SER A CA  1 
ATOM   835  C C   . SER A 1 103 ? -10.212 6.105   10.290  1.00 20.60 ? 104 SER A C   1 
ATOM   836  O O   . SER A 1 103 ? -11.286 6.029   10.908  1.00 20.69 ? 104 SER A O   1 
ATOM   837  C CB  . SER A 1 103 ? -8.753  8.167   10.667  1.00 20.91 ? 104 SER A CB  1 
ATOM   838  O OG  . SER A 1 103 ? -8.327  8.324   9.327   1.00 20.12 ? 104 SER A OG  1 
ATOM   839  N N   . THR A 1 104 ? -10.075 5.595   9.049   1.00 15.15 ? 105 THR A N   1 
ATOM   840  C CA  . THR A 1 104 ? -11.243 5.110   8.330   1.00 17.30 ? 105 THR A CA  1 
ATOM   841  C C   . THR A 1 104 ? -11.530 3.624   8.563   1.00 12.69 ? 105 THR A C   1 
ATOM   842  O O   . THR A 1 104 ? -12.618 3.145   8.254   1.00 17.56 ? 105 THR A O   1 
ATOM   843  C CB  . THR A 1 104 ? -11.138 5.343   6.817   1.00 17.74 ? 105 THR A CB  1 
ATOM   844  O OG1 . THR A 1 104 ? -10.111 4.481   6.286   1.00 13.04 ? 105 THR A OG1 1 
ATOM   845  C CG2 . THR A 1 104 ? -10.772 6.796   6.500   1.00 16.63 ? 105 THR A CG2 1 
ATOM   846  N N   . GLU A 1 105 ? -10.511 2.896   9.020   1.00 13.56 ? 106 GLU A N   1 
ATOM   847  C CA  . GLU A 1 105 ? -10.575 1.472   9.274   1.00 15.54 ? 106 GLU A CA  1 
ATOM   848  C C   . GLU A 1 105 ? -10.708 0.608   8.019   1.00 14.25 ? 106 GLU A C   1 
ATOM   849  O O   . GLU A 1 105 ? -11.030 -0.582  8.099   1.00 17.24 ? 106 GLU A O   1 
ATOM   850  C CB  . GLU A 1 105 ? -11.633 1.122   10.344  1.00 16.66 ? 106 GLU A CB  1 
ATOM   851  C CG  . GLU A 1 105 ? -11.416 1.921   11.615  1.00 21.55 ? 106 GLU A CG  1 
ATOM   852  C CD  . GLU A 1 105 ? -12.397 1.564   12.704  1.00 34.36 ? 106 GLU A CD  1 
ATOM   853  O OE1 . GLU A 1 105 ? -13.399 0.865   12.409  1.00 31.69 ? 106 GLU A OE1 1 
ATOM   854  O OE2 . GLU A 1 105 ? -12.150 1.984   13.853  1.00 34.90 ? 106 GLU A OE2 1 
ATOM   855  N N   . HIS A 1 106 ? -10.380 1.205   6.865   1.00 12.29 ? 107 HIS A N   1 
ATOM   856  C CA  . HIS A 1 106 ? -10.417 0.481   5.594   1.00 11.93 ? 107 HIS A CA  1 
ATOM   857  C C   . HIS A 1 106 ? -8.978  0.248   5.180   1.00 9.47  ? 107 HIS A C   1 
ATOM   858  O O   . HIS A 1 106 ? -8.100  1.079   5.421   1.00 10.67 ? 107 HIS A O   1 
ATOM   859  C CB  . HIS A 1 106 ? -11.118 1.334   4.554   1.00 11.73 ? 107 HIS A CB  1 
ATOM   860  C CG  . HIS A 1 106 ? -12.575 1.510   4.812   1.00 18.62 ? 107 HIS A CG  1 
ATOM   861  N ND1 . HIS A 1 106 ? -13.411 2.189   3.947   1.00 18.09 ? 107 HIS A ND1 1 
ATOM   862  C CD2 . HIS A 1 106 ? -13.348 1.082   5.833   1.00 15.16 ? 107 HIS A CD2 1 
ATOM   863  C CE1 . HIS A 1 106 ? -14.641 2.173   4.434   1.00 20.07 ? 107 HIS A CE1 1 
ATOM   864  N NE2 . HIS A 1 106 ? -14.637 1.487   5.566   1.00 15.57 ? 107 HIS A NE2 1 
ATOM   865  N N   . GLY A 1 107 ? -8.697  -0.915  4.568   1.00 8.28  ? 108 GLY A N   1 
ATOM   866  C CA  . GLY A 1 107 ? -7.324  -1.324  4.331   1.00 7.08  ? 108 GLY A CA  1 
ATOM   867  C C   . GLY A 1 107 ? -7.011  -1.498  2.835   1.00 8.97  ? 108 GLY A C   1 
ATOM   868  O O   . GLY A 1 107 ? -7.929  -1.529  2.008   1.00 8.81  ? 108 GLY A O   1 
ATOM   869  N N   . TRP A 1 108 ? -5.732  -1.703  2.520   1.00 8.74  ? 109 TRP A N   1 
ATOM   870  C CA  . TRP A 1 108 ? -5.314  -1.851  1.129   1.00 8.21  ? 109 TRP A CA  1 
ATOM   871  C C   . TRP A 1 108 ? -5.870  -3.179  0.604   1.00 9.27  ? 109 TRP A C   1 
ATOM   872  O O   . TRP A 1 108 ? -5.680  -4.243  1.250   1.00 8.49  ? 109 TRP A O   1 
ATOM   873  C CB  . TRP A 1 108 ? -3.812  -1.854  1.016   1.00 7.88  ? 109 TRP A CB  1 
ATOM   874  C CG  . TRP A 1 108 ? -3.072  -0.572  1.325   1.00 7.27  ? 109 TRP A CG  1 
ATOM   875  C CD1 . TRP A 1 108 ? -3.572  0.572   1.908   1.00 9.18  ? 109 TRP A CD1 1 
ATOM   876  C CD2 . TRP A 1 108 ? -1.707  -0.365  1.097   1.00 7.12  ? 109 TRP A CD2 1 
ATOM   877  N NE1 . TRP A 1 108 ? -2.571  1.503   2.016   1.00 9.06  ? 109 TRP A NE1 1 
ATOM   878  C CE2 . TRP A 1 108 ? -1.401  0.944   1.567   1.00 7.16  ? 109 TRP A CE2 1 
ATOM   879  C CE3 . TRP A 1 108 ? -0.664  -1.177  0.572   1.00 10.17 ? 109 TRP A CE3 1 
ATOM   880  C CZ2 . TRP A 1 108 ? -0.093  1.456   1.513   1.00 10.95 ? 109 TRP A CZ2 1 
ATOM   881  C CZ3 . TRP A 1 108 ? 0.647   -0.642  0.500   1.00 13.07 ? 109 TRP A CZ3 1 
ATOM   882  C CH2 . TRP A 1 108 ? 0.907   0.676   0.958   1.00 10.12 ? 109 TRP A CH2 1 
ATOM   883  N N   . VAL A 1 109 ? -6.367  -3.138  -0.626  1.00 9.20  ? 110 VAL A N   1 
ATOM   884  C CA  . VAL A 1 109 ? -6.866  -4.341  -1.299  1.00 7.63  ? 110 VAL A CA  1 
ATOM   885  C C   . VAL A 1 109 ? -6.488  -4.319  -2.795  1.00 9.14  ? 110 VAL A C   1 
ATOM   886  O O   . VAL A 1 109 ? -6.697  -3.319  -3.521  1.00 8.72  ? 110 VAL A O   1 
ATOM   887  C CB  . VAL A 1 109 ? -8.418  -4.461  -1.206  1.00 8.74  ? 110 VAL A CB  1 
ATOM   888  C CG1 . VAL A 1 109 ? -8.926  -5.681  -1.970  1.00 9.95  ? 110 VAL A CG1 1 
ATOM   889  C CG2 . VAL A 1 109 ? -8.851  -4.547  0.259   1.00 9.97  ? 110 VAL A CG2 1 
ATOM   890  N N   . VAL A 1 110 ? -5.817  -5.380  -3.256  1.00 9.33  ? 111 VAL A N   1 
ATOM   891  C CA  . VAL A 1 110 ? -5.580  -5.560  -4.706  1.00 10.49 ? 111 VAL A CA  1 
ATOM   892  C C   . VAL A 1 110 ? -6.548  -6.667  -5.135  1.00 10.02 ? 111 VAL A C   1 
ATOM   893  O O   . VAL A 1 110 ? -6.437  -7.809  -4.655  1.00 9.88  ? 111 VAL A O   1 
ATOM   894  C CB  . VAL A 1 110 ? -4.120  -6.003  -4.956  1.00 6.03  ? 111 VAL A CB  1 
ATOM   895  C CG1 . VAL A 1 110 ? -3.920  -6.447  -6.464  1.00 9.05  ? 111 VAL A CG1 1 
ATOM   896  C CG2 . VAL A 1 110 ? -3.211  -4.858  -4.651  1.00 8.68  ? 111 VAL A CG2 1 
ATOM   897  N N   . PRO A 1 111 ? -7.549  -6.349  -5.989  1.00 8.08  ? 112 PRO A N   1 
ATOM   898  C CA  . PRO A 1 111 ? -8.479  -7.425  -6.392  1.00 6.76  ? 112 PRO A CA  1 
ATOM   899  C C   . PRO A 1 111 ? -7.762  -8.600  -7.052  1.00 9.11  ? 112 PRO A C   1 
ATOM   900  O O   . PRO A 1 111 ? -6.733  -8.442  -7.741  1.00 8.74  ? 112 PRO A O   1 
ATOM   901  C CB  . PRO A 1 111 ? -9.401  -6.744  -7.413  1.00 10.62 ? 112 PRO A CB  1 
ATOM   902  C CG  . PRO A 1 111 ? -9.280  -5.259  -7.155  1.00 13.89 ? 112 PRO A CG  1 
ATOM   903  C CD  . PRO A 1 111 ? -7.876  -5.040  -6.627  1.00 9.77  ? 112 PRO A CD  1 
ATOM   904  N N   . ALA A 1 112 ? -8.371  -9.779  -6.927  1.00 10.28 ? 113 ALA A N   1 
ATOM   905  C CA  . ALA A 1 112 ? -7.676  -10.995 -7.396  1.00 8.67  ? 113 ALA A CA  1 
ATOM   906  C C   . ALA A 1 112 ? -7.480  -10.984 -8.877  1.00 10.45 ? 113 ALA A C   1 
ATOM   907  O O   . ALA A 1 112 ? -6.488  -11.541 -9.399  1.00 11.03 ? 113 ALA A O   1 
ATOM   908  C CB  . ALA A 1 112 ? -8.389  -12.247 -6.926  1.00 9.81  ? 113 ALA A CB  1 
ATOM   909  N N   . ASP A 1 113 ? -8.379  -10.291 -9.570  1.00 9.51  ? 114 ASP A N   1 
ATOM   910  C CA  . ASP A 1 113 ? -8.295  -10.175 -11.037 1.00 9.19  ? 114 ASP A CA  1 
ATOM   911  C C   . ASP A 1 113 ? -7.574  -8.884  -11.502 1.00 9.79  ? 114 ASP A C   1 
ATOM   912  O O   . ASP A 1 113 ? -7.771  -8.442  -12.660 1.00 11.25 ? 114 ASP A O   1 
ATOM   913  C CB  . ASP A 1 113 ? -9.701  -10.314 -11.663 1.00 10.95 ? 114 ASP A CB  1 
ATOM   914  C CG  . ASP A 1 113 ? -10.580 -9.110  -11.407 1.00 17.73 ? 114 ASP A CG  1 
ATOM   915  O OD1 . ASP A 1 113 ? -11.532 -8.894  -12.181 1.00 19.26 ? 114 ASP A OD1 1 
ATOM   916  O OD2 . ASP A 1 113 ? -10.364 -8.447  -10.388 1.00 13.72 ? 114 ASP A OD2 1 
ATOM   917  N N   . ALA A 1 114 ? -6.874  -8.185  -10.590 1.00 9.95  ? 115 ALA A N   1 
ATOM   918  C CA  . ALA A 1 114 ? -6.285  -6.922  -10.953 1.00 8.96  ? 115 ALA A CA  1 
ATOM   919  C C   . ALA A 1 114 ? -5.372  -7.080  -12.175 1.00 10.67 ? 115 ALA A C   1 
ATOM   920  O O   . ALA A 1 114 ? -4.655  -8.085  -12.326 1.00 12.93 ? 115 ALA A O   1 
ATOM   921  C CB  . ALA A 1 114 ? -5.465  -6.360  -9.777  1.00 10.90 ? 115 ALA A CB  1 
ATOM   922  N N   . GLU A 1 115 ? -5.456  -6.128  -13.084 1.00 9.92  ? 116 GLU A N   1 
ATOM   923  C CA  . GLU A 1 115 ? -4.508  -6.036  -14.180 1.00 11.95 ? 116 GLU A CA  1 
ATOM   924  C C   . GLU A 1 115 ? -3.292  -5.146  -13.842 1.00 11.79 ? 116 GLU A C   1 
ATOM   925  O O   . GLU A 1 115 ? -3.328  -4.270  -12.937 1.00 11.67 ? 116 GLU A O   1 
ATOM   926  C CB  . GLU A 1 115 ? -5.242  -5.403  -15.378 1.00 10.80 ? 116 GLU A CB  1 
ATOM   927  C CG  . GLU A 1 115 ? -6.397  -6.193  -15.892 1.00 15.77 ? 116 GLU A CG  1 
ATOM   928  C CD  . GLU A 1 115 ? -6.995  -5.540  -17.152 1.00 18.23 ? 116 GLU A CD  1 
ATOM   929  O OE1 . GLU A 1 115 ? -6.975  -6.206  -18.189 1.00 24.13 ? 116 GLU A OE1 1 
ATOM   930  O OE2 . GLU A 1 115 ? -7.407  -4.357  -17.127 1.00 21.10 ? 116 GLU A OE2 1 
ATOM   931  N N   . GLU A 1 116 ? -2.244  -5.270  -14.655 1.00 11.00 ? 117 GLU A N   1 
ATOM   932  C CA  . GLU A 1 116 ? -1.123  -4.357  -14.526 1.00 14.50 ? 117 GLU A CA  1 
ATOM   933  C C   . GLU A 1 116 ? -1.596  -2.927  -14.714 1.00 10.39 ? 117 GLU A C   1 
ATOM   934  O O   . GLU A 1 116 ? -2.452  -2.654  -15.565 1.00 13.16 ? 117 GLU A O   1 
ATOM   935  C CB  . GLU A 1 116 ? -0.028  -4.724  -15.548 1.00 14.01 ? 117 GLU A CB  1 
ATOM   936  C CG  . GLU A 1 116 ? 0.593   -6.043  -15.216 1.00 15.93 ? 117 GLU A CG  1 
ATOM   937  C CD  . GLU A 1 116 ? 1.736   -6.467  -16.129 1.00 25.83 ? 117 GLU A CD  1 
ATOM   938  O OE1 . GLU A 1 116 ? 2.017   -5.749  -17.112 1.00 27.33 ? 117 GLU A OE1 1 
ATOM   939  O OE2 . GLU A 1 116 ? 2.314   -7.545  -15.861 1.00 29.92 ? 117 GLU A OE2 1 
ATOM   940  N N   . LEU A 1 117 ? -1.062  -2.034  -13.859 1.00 11.33 ? 118 LEU A N   1 
ATOM   941  C CA  . LEU A 1 117 ? -1.430  -0.593  -13.789 1.00 14.14 ? 118 LEU A CA  1 
ATOM   942  C C   . LEU A 1 117 ? -2.751  -0.301  -13.056 1.00 10.46 ? 118 LEU A C   1 
ATOM   943  O O   . LEU A 1 117 ? -3.114  0.857   -12.841 1.00 12.59 ? 118 LEU A O   1 
ATOM   944  C CB  . LEU A 1 117 ? -1.369  0.129   -15.170 1.00 13.14 ? 118 LEU A CB  1 
ATOM   945  C CG  . LEU A 1 117 ? 0.019   0.127   -15.813 1.00 14.59 ? 118 LEU A CG  1 
ATOM   946  C CD1 . LEU A 1 117 ? -0.031  0.698   -17.252 1.00 21.71 ? 118 LEU A CD1 1 
ATOM   947  C CD2 . LEU A 1 117 ? 1.011   0.924   -14.989 1.00 16.43 ? 118 LEU A CD2 1 
ATOM   948  N N   . GLN A 1 118 ? -3.456  -1.342  -12.625 1.00 11.30 ? 119 GLN A N   1 
ATOM   949  C CA  . GLN A 1 118 ? -4.738  -1.123  -11.968 1.00 10.42 ? 119 GLN A CA  1 
ATOM   950  C C   . GLN A 1 118 ? -4.486  -0.522  -10.582 1.00 9.84  ? 119 GLN A C   1 
ATOM   951  O O   . GLN A 1 118 ? -3.526  -0.934  -9.902  1.00 12.18 ? 119 GLN A O   1 
ATOM   952  C CB  . GLN A 1 118 ? -5.509  -2.439  -11.857 1.00 9.36  ? 119 GLN A CB  1 
ATOM   953  C CG  . GLN A 1 118 ? -6.935  -2.213  -11.355 1.00 11.25 ? 119 GLN A CG  1 
ATOM   954  C CD  . GLN A 1 118 ? -7.799  -3.448  -11.464 1.00 9.06  ? 119 GLN A CD  1 
ATOM   955  O OE1 . GLN A 1 118 ? -7.629  -4.254  -12.408 1.00 9.60  ? 119 GLN A OE1 1 
ATOM   956  N NE2 . GLN A 1 118 ? -8.762  -3.576  -10.583 1.00 10.60 ? 119 GLN A NE2 1 
ATOM   957  N N   . GLN A 1 119 ? -5.395  0.371   -10.148 1.00 10.12 ? 120 GLN A N   1 
ATOM   958  C CA  . GLN A 1 119 ? -5.227  1.096   -8.851  1.00 9.00  ? 120 GLN A CA  1 
ATOM   959  C C   . GLN A 1 119 ? -5.520  0.212   -7.638  1.00 8.56  ? 120 GLN A C   1 
ATOM   960  O O   . GLN A 1 119 ? -6.486  -0.560  -7.629  1.00 9.40  ? 120 GLN A O   1 
ATOM   961  C CB  . GLN A 1 119 ? -6.116  2.330   -8.819  1.00 8.59  ? 120 GLN A CB  1 
ATOM   962  C CG  . GLN A 1 119 ? -5.800  3.219   -7.621  1.00 8.30  ? 120 GLN A CG  1 
ATOM   963  C CD  . GLN A 1 119 ? -6.475  4.567   -7.664  1.00 14.24 ? 120 GLN A CD  1 
ATOM   964  O OE1 . GLN A 1 119 ? -6.139  5.462   -6.867  1.00 14.24 ? 120 GLN A OE1 1 
ATOM   965  N NE2 . GLN A 1 119 ? -7.380  4.749   -8.590  1.00 11.01 ? 120 GLN A NE2 1 
ATOM   966  N N   . VAL A 1 120 ? -4.698  0.357   -6.603  1.00 9.30  ? 121 VAL A N   1 
ATOM   967  C CA  . VAL A 1 120 ? -4.957  -0.297  -5.325  1.00 7.51  ? 121 VAL A CA  1 
ATOM   968  C C   . VAL A 1 120 ? -6.197  0.319   -4.675  1.00 10.13 ? 121 VAL A C   1 
ATOM   969  O O   . VAL A 1 120 ? -6.450  1.521   -4.772  1.00 8.77  ? 121 VAL A O   1 
ATOM   970  C CB  . VAL A 1 120 ? -3.712  -0.128  -4.438  1.00 7.81  ? 121 VAL A CB  1 
ATOM   971  C CG1 . VAL A 1 120 ? -3.960  -0.706  -3.029  1.00 8.99  ? 121 VAL A CG1 1 
ATOM   972  C CG2 . VAL A 1 120 ? -2.515  -0.834  -5.069  1.00 7.89  ? 121 VAL A CG2 1 
ATOM   973  N N   . GLU A 1 121 ? -7.018  -0.553  -4.091  1.00 9.08  ? 122 GLU A N   1 
ATOM   974  C CA  . GLU A 1 121 ? -8.278  -0.160  -3.474  1.00 10.42 ? 122 GLU A CA  1 
ATOM   975  C C   . GLU A 1 121 ? -8.078  0.004   -1.965  1.00 8.69  ? 122 GLU A C   1 
ATOM   976  O O   . GLU A 1 121 ? -7.125  -0.512  -1.419  1.00 8.91  ? 122 GLU A O   1 
ATOM   977  C CB  . GLU A 1 121 ? -9.389  -1.166  -3.784  1.00 8.60  ? 122 GLU A CB  1 
ATOM   978  C CG  . GLU A 1 121 ? -9.544  -1.232  -5.311  1.00 11.26 ? 122 GLU A CG  1 
ATOM   979  C CD  . GLU A 1 121 ? -10.688 -2.102  -5.803  1.00 14.78 ? 122 GLU A CD  1 
ATOM   980  O OE1 . GLU A 1 121 ? -11.329 -2.795  -4.988  1.00 23.78 ? 122 GLU A OE1 1 
ATOM   981  O OE2 . GLU A 1 121 ? -10.897 -2.105  -7.038  1.00 17.39 ? 122 GLU A OE2 1 
ATOM   982  N N   . VAL A 1 122 ? -8.993  0.727   -1.324  1.00 9.20  ? 123 VAL A N   1 
ATOM   983  C CA  . VAL A 1 122 ? -9.034  0.821   0.131   1.00 10.00 ? 123 VAL A CA  1 
ATOM   984  C C   . VAL A 1 122 ? -10.424 0.543   0.623   1.00 12.69 ? 123 VAL A C   1 
ATOM   985  O O   . VAL A 1 122 ? -11.358 1.275   0.330   1.00 13.32 ? 123 VAL A O   1 
ATOM   986  C CB  . VAL A 1 122 ? -8.563  2.198   0.618   1.00 8.95  ? 123 VAL A CB  1 
ATOM   987  C CG1 . VAL A 1 122 ? -8.494  2.234   2.140   1.00 9.10  ? 123 VAL A CG1 1 
ATOM   988  C CG2 . VAL A 1 122 ? -7.202  2.584   0.008   1.00 10.89 ? 123 VAL A CG2 1 
ATOM   989  N N   . ARG A 1 123 ? -10.582 -0.572  1.337   1.00 10.52 ? 124 ARG A N   1 
ATOM   990  C CA  . ARG A 1 123 ? -11.925 -1.132  1.657   1.00 12.67 ? 124 ARG A CA  1 
ATOM   991  C C   . ARG A 1 123 ? -11.883 -1.764  3.040   1.00 11.28 ? 124 ARG A C   1 
ATOM   992  O O   . ARG A 1 123 ? -10.836 -2.227  3.462   1.00 12.59 ? 124 ARG A O   1 
ATOM   993  C CB  . ARG A 1 123 ? -12.241 -2.328  0.721   1.00 16.78 ? 124 ARG A CB  1 
ATOM   994  C CG  . ARG A 1 123 ? -12.261 -2.092  -0.767  1.00 22.61 ? 124 ARG A CG  1 
ATOM   995  C CD  . ARG A 1 123 ? -12.942 -3.316  -1.385  1.00 26.97 ? 124 ARG A CD  1 
ATOM   996  N NE  . ARG A 1 123 ? -12.370 -3.740  -2.655  1.00 37.73 ? 124 ARG A NE  1 
ATOM   997  C CZ  . ARG A 1 123 ? -12.482 -4.979  -3.148  1.00 41.53 ? 124 ARG A CZ  1 
ATOM   998  N NH1 . ARG A 1 123 ? -13.149 -5.911  -2.478  1.00 39.73 ? 124 ARG A NH1 1 
ATOM   999  N NH2 . ARG A 1 123 ? -11.971 -5.286  -4.334  1.00 36.81 ? 124 ARG A NH2 1 
ATOM   1000 N N   . PRO A 1 124 ? -13.053 -1.990  3.666   1.00 13.24 ? 125 PRO A N   1 
ATOM   1001 C CA  . PRO A 1 124 ? -13.004 -2.813  4.887   1.00 13.92 ? 125 PRO A CA  1 
ATOM   1002 C C   . PRO A 1 124 ? -12.357 -4.170  4.593   1.00 13.78 ? 125 PRO A C   1 
ATOM   1003 O O   . PRO A 1 124 ? -12.751 -4.828  3.628   1.00 15.89 ? 125 PRO A O   1 
ATOM   1004 C CB  . PRO A 1 124 ? -14.484 -3.036  5.240   1.00 16.05 ? 125 PRO A CB  1 
ATOM   1005 C CG  . PRO A 1 124 ? -15.243 -2.025  4.481   1.00 16.50 ? 125 PRO A CG  1 
ATOM   1006 C CD  . PRO A 1 124 ? -14.424 -1.571  3.303   1.00 15.97 ? 125 PRO A CD  1 
ATOM   1007 N N   . LEU A 1 125 ? -11.453 -4.632  5.455   1.00 12.03 ? 126 LEU A N   1 
ATOM   1008 C CA  . LEU A 1 125 ? -10.840 -5.943  5.221   1.00 10.83 ? 126 LEU A CA  1 
ATOM   1009 C C   . LEU A 1 125 ? -11.736 -7.057  5.697   1.00 13.46 ? 126 LEU A C   1 
ATOM   1010 O O   . LEU A 1 125 ? -12.429 -6.923  6.745   1.00 17.81 ? 126 LEU A O   1 
ATOM   1011 C CB  . LEU A 1 125 ? -9.499  -6.068  5.916   1.00 11.36 ? 126 LEU A CB  1 
ATOM   1012 C CG  . LEU A 1 125 ? -8.406  -5.079  5.460   1.00 10.47 ? 126 LEU A CG  1 
ATOM   1013 C CD1 . LEU A 1 125 ? -7.073  -5.565  5.980   1.00 12.93 ? 126 LEU A CD1 1 
ATOM   1014 C CD2 . LEU A 1 125 ? -8.390  -5.008  3.884   1.00 10.84 ? 126 LEU A CD2 1 
ATOM   1015 N N   . ILE A 1 126 ? -11.676 -8.162  4.978   1.00 10.64 ? 127 ILE A N   1 
ATOM   1016 C CA  . ILE A 1 126 ? -12.354 -9.389  5.413   1.00 11.02 ? 127 ILE A CA  1 
ATOM   1017 C C   . ILE A 1 126 ? -11.327 -10.468 5.711   1.00 12.16 ? 127 ILE A C   1 
ATOM   1018 O O   . ILE A 1 126 ? -10.181 -10.408 5.238   1.00 11.81 ? 127 ILE A O   1 
ATOM   1019 C CB  . ILE A 1 126 ? -13.370 -9.897  4.388   1.00 11.32 ? 127 ILE A CB  1 
ATOM   1020 C CG1 . ILE A 1 126 ? -12.712 -10.287 3.057   1.00 15.11 ? 127 ILE A CG1 1 
ATOM   1021 C CG2 . ILE A 1 126 ? -14.482 -8.806  4.175   1.00 14.62 ? 127 ILE A CG2 1 
ATOM   1022 C CD1 . ILE A 1 126 ? -13.711 -10.903 2.050   1.00 16.25 ? 127 ILE A CD1 1 
ATOM   1023 N N   . ALA A 1 127 ? -11.724 -11.469 6.502   1.00 13.26 ? 128 ALA A N   1 
ATOM   1024 C CA  . ALA A 1 127 ? -10.810 -12.550 6.831   1.00 11.46 ? 128 ALA A CA  1 
ATOM   1025 C C   . ALA A 1 127 ? -11.655 -13.731 7.269   1.00 12.20 ? 128 ALA A C   1 
ATOM   1026 O O   . ALA A 1 127 ? -12.816 -13.553 7.666   1.00 13.75 ? 128 ALA A O   1 
ATOM   1027 C CB  . ALA A 1 127 ? -9.857  -12.124 7.945   1.00 12.00 ? 128 ALA A CB  1 
ATOM   1028 N N   . ALA A 1 128 ? -11.132 -14.928 7.030   1.00 12.44 ? 129 ALA A N   1 
ATOM   1029 C CA  . ALA A 1 128 ? -11.766 -16.163 7.556   1.00 15.28 ? 129 ALA A CA  1 
ATOM   1030 C C   . ALA A 1 128 ? -11.808 -16.040 9.070   1.00 11.21 ? 129 ALA A C   1 
ATOM   1031 O O   . ALA A 1 128 ? -10.845 -15.575 9.723   1.00 12.42 ? 129 ALA A O   1 
ATOM   1032 C CB  . ALA A 1 128 ? -10.948 -17.402 7.171   1.00 14.15 ? 129 ALA A CB  1 
ATOM   1033 N N   . PRO A 1 129 ? -12.871 -16.578 9.675   1.00 10.69 ? 130 PRO A N   1 
ATOM   1034 C CA  . PRO A 1 129 ? -13.059 -16.576 11.115  1.00 14.72 ? 130 PRO A CA  1 
ATOM   1035 C C   . PRO A 1 129 ? -12.285 -17.713 11.777  1.00 15.39 ? 130 PRO A C   1 
ATOM   1036 O O   . PRO A 1 129 ? -12.880 -18.547 12.453  1.00 20.10 ? 130 PRO A O   1 
ATOM   1037 C CB  . PRO A 1 129 ? -14.587 -16.800 11.261  1.00 14.49 ? 130 PRO A CB  1 
ATOM   1038 C CG  . PRO A 1 129 ? -14.979 -17.537 10.032  1.00 16.83 ? 130 PRO A CG  1 
ATOM   1039 C CD  . PRO A 1 129 ? -14.070 -16.998 8.931   1.00 12.69 ? 130 PRO A CD  1 
ATOM   1040 N N   . SER A 1 130 ? -11.004 -17.830 11.454  1.00 10.31 ? 131 SER A N   1 
ATOM   1041 C CA  . SER A 1 130 ? -10.108 -18.803 12.054  1.00 11.18 ? 131 SER A CA  1 
ATOM   1042 C C   . SER A 1 130 ? -9.240  -18.169 13.133  1.00 10.25 ? 131 SER A C   1 
ATOM   1043 O O   . SER A 1 130 ? -9.179  -16.932 13.248  1.00 13.87 ? 131 SER A O   1 
ATOM   1044 C CB  . SER A 1 130 ? -9.196  -19.394 10.986  1.00 11.58 ? 131 SER A CB  1 
ATOM   1045 O OG  . SER A 1 130 ? -8.538  -18.328 10.252  1.00 12.08 ? 131 SER A OG  1 
ATOM   1046 N N   . TYR A 1 131 ? -8.443  -19.007 13.813  1.00 10.38 ? 132 TYR A N   1 
ATOM   1047 C CA  . TYR A 1 131 ? -7.508  -18.491 14.798  1.00 11.24 ? 132 TYR A CA  1 
ATOM   1048 C C   . TYR A 1 131 ? -6.088  -18.983 14.512  1.00 12.48 ? 132 TYR A C   1 
ATOM   1049 O O   . TYR A 1 131 ? -5.818  -20.167 14.566  1.00 14.15 ? 132 TYR A O   1 
ATOM   1050 C CB  . TYR A 1 131 ? -7.934  -18.898 16.230  1.00 13.41 ? 132 TYR A CB  1 
ATOM   1051 C CG  . TYR A 1 131 ? -7.035  -18.309 17.288  1.00 18.40 ? 132 TYR A CG  1 
ATOM   1052 C CD1 . TYR A 1 131 ? -7.359  -17.120 17.918  1.00 30.78 ? 132 TYR A CD1 1 
ATOM   1053 C CD2 . TYR A 1 131 ? -5.855  -18.953 17.651  1.00 21.13 ? 132 TYR A CD2 1 
ATOM   1054 C CE1 . TYR A 1 131 ? -6.513  -16.561 18.868  1.00 27.39 ? 132 TYR A CE1 1 
ATOM   1055 C CE2 . TYR A 1 131 ? -5.020  -18.422 18.617  1.00 27.77 ? 132 TYR A CE2 1 
ATOM   1056 C CZ  . TYR A 1 131 ? -5.354  -17.221 19.210  1.00 32.68 ? 132 TYR A CZ  1 
ATOM   1057 O OH  . TYR A 1 131 ? -4.524  -16.678 20.169  1.00 37.88 ? 132 TYR A OH  1 
ATOM   1058 N N   . PRO A 1 132 ? -5.195  -18.081 14.037  1.00 14.28 ? 133 PRO A N   1 
ATOM   1059 C CA  . PRO A 1 132 ? -5.441  -16.665 13.737  1.00 15.14 ? 133 PRO A CA  1 
ATOM   1060 C C   . PRO A 1 132 ? -6.270  -16.488 12.455  1.00 11.79 ? 133 PRO A C   1 
ATOM   1061 O O   . PRO A 1 132 ? -6.429  -17.449 11.703  1.00 11.33 ? 133 PRO A O   1 
ATOM   1062 C CB  . PRO A 1 132 ? -4.019  -16.132 13.494  1.00 15.59 ? 133 PRO A CB  1 
ATOM   1063 C CG  . PRO A 1 132 ? -3.299  -17.278 12.878  1.00 17.00 ? 133 PRO A CG  1 
ATOM   1064 C CD  . PRO A 1 132 ? -3.856  -18.526 13.620  1.00 17.73 ? 133 PRO A CD  1 
ATOM   1065 N N   . PRO A 1 133 ? -6.834  -15.303 12.236  1.00 12.26 ? 134 PRO A N   1 
ATOM   1066 C CA  . PRO A 1 133 ? -7.563  -15.067 10.999  1.00 12.26 ? 134 PRO A CA  1 
ATOM   1067 C C   . PRO A 1 133 ? -6.706  -15.320 9.776   1.00 14.71 ? 134 PRO A C   1 
ATOM   1068 O O   . PRO A 1 133 ? -5.466  -15.135 9.806   1.00 17.36 ? 134 PRO A O   1 
ATOM   1069 C CB  . PRO A 1 133 ? -7.955  -13.590 11.068  1.00 15.33 ? 134 PRO A CB  1 
ATOM   1070 C CG  . PRO A 1 133 ? -7.858  -13.247 12.532  1.00 19.22 ? 134 PRO A CG  1 
ATOM   1071 C CD  . PRO A 1 133 ? -6.717  -14.083 13.058  1.00 14.17 ? 134 PRO A CD  1 
ATOM   1072 N N   . ARG A 1 134 ? -7.314  -15.890 8.753   1.00 11.74 ? 135 ARG A N   1 
ATOM   1073 C CA  . ARG A 1 134 ? -6.577  -16.045 7.515   1.00 14.13 ? 135 ARG A CA  1 
ATOM   1074 C C   . ARG A 1 134 ? -7.119  -15.090 6.457   1.00 11.99 ? 135 ARG A C   1 
ATOM   1075 O O   . ARG A 1 134 ? -8.308  -15.068 6.158   1.00 12.33 ? 135 ARG A O   1 
ATOM   1076 C CB  . ARG A 1 134 ? -6.622  -17.493 7.037   1.00 20.57 ? 135 ARG A CB  1 
ATOM   1077 C CG  . ARG A 1 134 ? -5.620  -18.339 7.868   1.00 26.74 ? 135 ARG A CG  1 
ATOM   1078 C CD  . ARG A 1 134 ? -5.105  -19.603 7.176   1.00 25.18 ? 135 ARG A CD  1 
ATOM   1079 N NE  . ARG A 1 134 ? -4.199  -19.375 6.030   1.00 30.25 ? 135 ARG A NE  1 
ATOM   1080 C CZ  . ARG A 1 134 ? -2.869  -19.250 6.106   1.00 29.19 ? 135 ARG A CZ  1 
ATOM   1081 N NH1 . ARG A 1 134 ? -2.253  -19.231 7.288   1.00 24.57 ? 135 ARG A NH1 1 
ATOM   1082 N NH2 . ARG A 1 134 ? -2.156  -19.092 4.978   1.00 22.44 ? 135 ARG A NH2 1 
ATOM   1083 N N   . TYR A 1 135 ? -6.242  -14.211 5.986   1.00 10.31 ? 136 TYR A N   1 
ATOM   1084 C CA  . TYR A 1 135 ? -6.658  -13.181 5.056   1.00 10.95 ? 136 TYR A CA  1 
ATOM   1085 C C   . TYR A 1 135 ? -6.530  -13.702 3.630   1.00 10.52 ? 136 TYR A C   1 
ATOM   1086 O O   . TYR A 1 135 ? -5.592  -14.430 3.298   1.00 11.75 ? 136 TYR A O   1 
ATOM   1087 C CB  . TYR A 1 135 ? -5.726  -11.996 5.240   1.00 12.19 ? 136 TYR A CB  1 
ATOM   1088 C CG  . TYR A 1 135 ? -5.921  -11.285 6.540   1.00 10.84 ? 136 TYR A CG  1 
ATOM   1089 C CD1 . TYR A 1 135 ? -6.761  -10.170 6.603   1.00 11.66 ? 136 TYR A CD1 1 
ATOM   1090 C CD2 . TYR A 1 135 ? -5.304  -11.728 7.730   1.00 10.89 ? 136 TYR A CD2 1 
ATOM   1091 C CE1 . TYR A 1 135 ? -6.928  -9.474  7.813   1.00 13.77 ? 136 TYR A CE1 1 
ATOM   1092 C CE2 . TYR A 1 135 ? -5.497  -11.067 8.928   1.00 13.77 ? 136 TYR A CE2 1 
ATOM   1093 C CZ  . TYR A 1 135 ? -6.356  -9.985  8.974   1.00 12.70 ? 136 TYR A CZ  1 
ATOM   1094 O OH  . TYR A 1 135 ? -6.551  -9.296  10.146  1.00 18.53 ? 136 TYR A OH  1 
ATOM   1095 N N   . PRO A 1 136 ? -7.426  -13.262 2.757   1.00 10.53 ? 137 PRO A N   1 
ATOM   1096 C CA  . PRO A 1 136 ? -7.206  -13.495 1.330   1.00 10.29 ? 137 PRO A CA  1 
ATOM   1097 C C   . PRO A 1 136 ? -5.965  -12.753 0.816   1.00 7.95  ? 137 PRO A C   1 
ATOM   1098 O O   . PRO A 1 136 ? -5.601  -11.680 1.344   1.00 9.01  ? 137 PRO A O   1 
ATOM   1099 C CB  . PRO A 1 136 ? -8.479  -12.927 0.675   1.00 9.80  ? 137 PRO A CB  1 
ATOM   1100 C CG  . PRO A 1 136 ? -8.881  -11.815 1.652   1.00 11.32 ? 137 PRO A CG  1 
ATOM   1101 C CD  . PRO A 1 136 ? -8.571  -12.365 3.030   1.00 11.98 ? 137 PRO A CD  1 
ATOM   1102 N N   . ALA A 1 137 ? -5.340  -13.272 -0.246  1.00 7.78  ? 138 ALA A N   1 
ATOM   1103 C CA  . ALA A 1 137 ? -4.129  -12.665 -0.751  1.00 8.90  ? 138 ALA A CA  1 
ATOM   1104 C C   . ALA A 1 137 ? -4.319  -11.216 -1.213  1.00 8.78  ? 138 ALA A C   1 
ATOM   1105 O O   . ALA A 1 137 ? -3.317  -10.438 -1.268  1.00 9.98  ? 138 ALA A O   1 
ATOM   1106 C CB  . ALA A 1 137 ? -3.575  -13.503 -1.944  1.00 10.21 ? 138 ALA A CB  1 
ATOM   1107 N N   . THR A 1 138 ? -5.569  -10.901 -1.583  1.00 8.85  ? 139 THR A N   1 
ATOM   1108 C CA  . THR A 1 138 ? -5.949  -9.554  -2.007  1.00 7.22  ? 139 THR A CA  1 
ATOM   1109 C C   . THR A 1 138 ? -5.644  -8.487  -0.938  1.00 9.69  ? 139 THR A C   1 
ATOM   1110 O O   . THR A 1 138 ? -5.559  -7.296  -1.253  1.00 12.03 ? 139 THR A O   1 
ATOM   1111 C CB  . THR A 1 138 ? -7.436  -9.527  -2.264  1.00 8.22  ? 139 THR A CB  1 
ATOM   1112 O OG1 . THR A 1 138 ? -8.055  -9.963  -1.043  1.00 9.39  ? 139 THR A OG1 1 
ATOM   1113 C CG2 . THR A 1 138 ? -7.778  -10.469 -3.440  1.00 10.15 ? 139 THR A CG2 1 
ATOM   1114 N N   . GLU A 1 139 ? -5.432  -8.899  0.310   1.00 6.99  ? 140 GLU A N   1 
ATOM   1115 C CA  . GLU A 1 139 ? -5.277  -7.950  1.424   1.00 8.81  ? 140 GLU A CA  1 
ATOM   1116 C C   . GLU A 1 139 ? -3.906  -8.058  2.067   1.00 7.80  ? 140 GLU A C   1 
ATOM   1117 O O   . GLU A 1 139 ? -3.638  -7.382  3.046   1.00 8.81  ? 140 GLU A O   1 
ATOM   1118 C CB  . GLU A 1 139 ? -6.359  -8.225  2.498   1.00 7.81  ? 140 GLU A CB  1 
ATOM   1119 C CG  . GLU A 1 139 ? -7.768  -8.130  1.877   1.00 9.24  ? 140 GLU A CG  1 
ATOM   1120 C CD  . GLU A 1 139 ? -8.870  -8.424  2.868   1.00 10.82 ? 140 GLU A CD  1 
ATOM   1121 O OE1 . GLU A 1 139 ? -8.549  -9.135  3.870   1.00 8.91  ? 140 GLU A OE1 1 
ATOM   1122 O OE2 . GLU A 1 139 ? -10.029 -8.076  2.599   1.00 10.32 ? 140 GLU A OE2 1 
ATOM   1123 N N   . LEU A 1 140 ? -3.012  -8.840  1.440   1.00 7.63  ? 141 LEU A N   1 
ATOM   1124 C CA  . LEU A 1 140 ? -1.670  -9.102  1.990   1.00 9.40  ? 141 LEU A CA  1 
ATOM   1125 C C   . LEU A 1 140 ? -0.562  -8.539  1.098   1.00 8.44  ? 141 LEU A C   1 
ATOM   1126 O O   . LEU A 1 140 ? -0.632  -8.645  -0.147  1.00 9.00  ? 141 LEU A O   1 
ATOM   1127 C CB  . LEU A 1 140 ? -1.490  -10.623 2.170   1.00 10.83 ? 141 LEU A CB  1 
ATOM   1128 C CG  . LEU A 1 140 ? -2.513  -11.225 3.174   1.00 9.02  ? 141 LEU A CG  1 
ATOM   1129 C CD1 . LEU A 1 140 ? -2.265  -12.723 3.102   1.00 10.10 ? 141 LEU A CD1 1 
ATOM   1130 C CD2 . LEU A 1 140 ? -2.288  -10.708 4.616   1.00 9.18  ? 141 LEU A CD2 1 
ATOM   1131 N N   . PHE A 1 141 ? 0.415   -7.907  1.727   1.00 10.14 ? 142 PHE A N   1 
ATOM   1132 C CA  . PHE A 1 141 ? 1.538   -7.293  1.032   1.00 10.75 ? 142 PHE A CA  1 
ATOM   1133 C C   . PHE A 1 141 ? 2.837   -7.759  1.667   1.00 12.37 ? 142 PHE A C   1 
ATOM   1134 O O   . PHE A 1 141 ? 2.953   -7.778  2.873   1.00 10.90 ? 142 PHE A O   1 
ATOM   1135 C CB  . PHE A 1 141 ? 1.372   -5.781  1.178   1.00 10.41 ? 142 PHE A CB  1 
ATOM   1136 C CG  . PHE A 1 141 ? 0.138   -5.301  0.515   1.00 9.41  ? 142 PHE A CG  1 
ATOM   1137 C CD1 . PHE A 1 141 ? -1.093  -5.397  1.168   1.00 9.80  ? 142 PHE A CD1 1 
ATOM   1138 C CD2 . PHE A 1 141 ? 0.117   -5.020  -0.845  1.00 8.90  ? 142 PHE A CD2 1 
ATOM   1139 C CE1 . PHE A 1 141 ? -2.296  -5.080  0.517   1.00 9.31  ? 142 PHE A CE1 1 
ATOM   1140 C CE2 . PHE A 1 141 ? -1.056  -4.674  -1.465  1.00 9.21  ? 142 PHE A CE2 1 
ATOM   1141 C CZ  . PHE A 1 141 ? -2.271  -4.756  -0.826  1.00 8.85  ? 142 PHE A CZ  1 
ATOM   1142 N N   . THR A 1 142 ? 3.852   -7.991  0.840   1.00 9.99  ? 143 THR A N   1 
ATOM   1143 C CA  . THR A 1 142 ? 5.190   -8.281  1.336   1.00 9.08  ? 143 THR A CA  1 
ATOM   1144 C C   . THR A 1 142 ? 6.040   -7.028  1.364   1.00 9.06  ? 143 THR A C   1 
ATOM   1145 O O   . THR A 1 142 ? 6.171   -6.354  0.312   1.00 11.20 ? 143 THR A O   1 
ATOM   1146 C CB  . THR A 1 142 ? 5.878   -9.351  0.490   1.00 11.38 ? 143 THR A CB  1 
ATOM   1147 O OG1 . THR A 1 142 ? 5.059   -10.519 0.444   1.00 12.64 ? 143 THR A OG1 1 
ATOM   1148 C CG2 . THR A 1 142 ? 7.237   -9.780  1.088   1.00 14.49 ? 143 THR A CG2 1 
ATOM   1149 N N   . PHE A 1 143 ? 6.474   -6.608  2.543   1.00 10.78 ? 144 PHE A N   1 
ATOM   1150 C CA  . PHE A 1 143 ? 7.333   -5.412  2.691   1.00 11.69 ? 144 PHE A CA  1 
ATOM   1151 C C   . PHE A 1 143 ? 8.740   -5.946  2.940   1.00 14.76 ? 144 PHE A C   1 
ATOM   1152 O O   . PHE A 1 143 ? 8.982   -6.586  3.975   1.00 15.41 ? 144 PHE A O   1 
ATOM   1153 C CB  . PHE A 1 143 ? 6.932   -4.582  3.906   1.00 12.00 ? 144 PHE A CB  1 
ATOM   1154 C CG  . PHE A 1 143 ? 5.788   -3.643  3.671   1.00 9.25  ? 144 PHE A CG  1 
ATOM   1155 C CD1 . PHE A 1 143 ? 4.488   -4.112  3.415   1.00 12.48 ? 144 PHE A CD1 1 
ATOM   1156 C CD2 . PHE A 1 143 ? 5.988   -2.274  3.749   1.00 14.32 ? 144 PHE A CD2 1 
ATOM   1157 C CE1 . PHE A 1 143 ? 3.402   -3.226  3.267   1.00 12.38 ? 144 PHE A CE1 1 
ATOM   1158 C CE2 . PHE A 1 143 ? 4.936   -1.388  3.595   1.00 13.51 ? 144 PHE A CE2 1 
ATOM   1159 C CZ  . PHE A 1 143 ? 3.633   -1.850  3.321   1.00 11.45 ? 144 PHE A CZ  1 
ATOM   1160 N N   . THR A 1 144 ? 9.634   -5.744  1.969   1.00 13.96 ? 145 THR A N   1 
ATOM   1161 C CA  . THR A 1 144 ? 10.999  -6.272  2.056   1.00 16.91 ? 145 THR A CA  1 
ATOM   1162 C C   . THR A 1 144 ? 11.987  -5.114  2.203   1.00 14.29 ? 145 THR A C   1 
ATOM   1163 O O   . THR A 1 144 ? 12.070  -4.229  1.332   1.00 16.96 ? 145 THR A O   1 
ATOM   1164 C CB  . THR A 1 144 ? 11.379  -7.107  0.819   1.00 16.45 ? 145 THR A CB  1 
ATOM   1165 O OG1 . THR A 1 144 ? 10.431  -8.176  0.645   1.00 19.81 ? 145 THR A OG1 1 
ATOM   1166 C CG2 . THR A 1 144 ? 12.724  -7.739  1.036   1.00 20.70 ? 145 THR A CG2 1 
ATOM   1167 N N   . GLN A 1 145 ? 12.639  -5.059  3.368   1.00 18.33 ? 146 GLN A N   1 
ATOM   1168 C CA  . GLN A 1 145 ? 13.544  -3.968  3.708   1.00 22.56 ? 146 GLN A CA  1 
ATOM   1169 C C   . GLN A 1 145 ? 14.740  -3.947  2.770   1.00 23.86 ? 146 GLN A C   1 
ATOM   1170 O O   . GLN A 1 145 ? 15.356  -4.983  2.514   1.00 25.59 ? 146 GLN A O   1 
ATOM   1171 C CB  . GLN A 1 145 ? 14.018  -4.099  5.147   1.00 25.48 ? 146 GLN A CB  1 
ATOM   1172 C CG  . GLN A 1 145 ? 14.704  -2.817  5.622   1.00 30.00 ? 146 GLN A CG  1 
ATOM   1173 C CD  . GLN A 1 145 ? 14.826  -2.751  7.124   1.00 37.68 ? 146 GLN A CD  1 
ATOM   1174 O OE1 . GLN A 1 145 ? 14.643  -3.752  7.823   1.00 36.38 ? 146 GLN A OE1 1 
ATOM   1175 N NE2 . GLN A 1 145 ? 15.177  -1.575  7.629   1.00 37.77 ? 146 GLN A NE2 1 
ATOM   1176 N N   . VAL A 1 146 ? 15.045  -2.767  2.241   1.00 28.00 ? 147 VAL A N   1 
ATOM   1177 C CA  . VAL A 1 146 ? 16.164  -2.600  1.312   1.00 33.11 ? 147 VAL A CA  1 
ATOM   1178 C C   . VAL A 1 146 ? 17.497  -2.723  2.060   1.00 37.14 ? 147 VAL A C   1 
ATOM   1179 O O   . VAL A 1 146 ? 17.615  -2.288  3.212   1.00 38.62 ? 147 VAL A O   1 
ATOM   1180 C CB  . VAL A 1 146 ? 16.086  -1.240  0.599   1.00 34.25 ? 147 VAL A CB  1 
ATOM   1181 C CG1 . VAL A 1 146 ? 17.417  -0.905  -0.075  1.00 40.98 ? 147 VAL A CG1 1 
ATOM   1182 C CG2 . VAL A 1 146 ? 14.932  -1.228  -0.405  1.00 30.98 ? 147 VAL A CG2 1 
HETATM 1183 C C1  . MPD B 2 .   ? 10.407  10.169  1.636   0.50 19.74 ? 201 MPD A C1  1 
HETATM 1184 C C2  . MPD B 2 .   ? 10.908  10.925  2.863   0.50 21.78 ? 201 MPD A C2  1 
HETATM 1185 O O2  . MPD B 2 .   ? 10.170  10.430  4.013   0.50 23.61 ? 201 MPD A O2  1 
HETATM 1186 C CM  . MPD B 2 .   ? 12.387  10.625  3.043   0.50 19.21 ? 201 MPD A CM  1 
HETATM 1187 C C3  . MPD B 2 .   ? 10.750  12.441  2.754   0.50 25.39 ? 201 MPD A C3  1 
HETATM 1188 C C4  . MPD B 2 .   ? 9.470   12.916  2.077   0.50 21.87 ? 201 MPD A C4  1 
HETATM 1189 O O4  . MPD B 2 .   ? 8.969   14.027  2.792   0.50 30.79 ? 201 MPD A O4  1 
HETATM 1190 C C5  . MPD B 2 .   ? 9.721   13.341  0.632   0.50 18.41 ? 201 MPD A C5  1 
HETATM 1191 O O   . HOH C 3 .   ? -2.969  -19.734 10.077  1.00 24.80 ? 301 HOH A O   1 
HETATM 1192 O O   . HOH C 3 .   ? -5.488  -20.098 10.946  1.00 16.24 ? 302 HOH A O   1 
HETATM 1193 O O   . HOH C 3 .   ? -9.370  14.574  2.216   1.00 35.83 ? 303 HOH A O   1 
HETATM 1194 O O   . HOH C 3 .   ? 3.490   0.487   16.091  1.00 33.14 ? 304 HOH A O   1 
HETATM 1195 O O   . HOH C 3 .   ? -2.952  -3.706  9.737   1.00 12.26 ? 305 HOH A O   1 
HETATM 1196 O O   . HOH C 3 .   ? -11.559 -7.379  0.419   1.00 22.37 ? 306 HOH A O   1 
HETATM 1197 O O   . HOH C 3 .   ? -1.616  20.816  -10.471 1.00 32.96 ? 307 HOH A O   1 
HETATM 1198 O O   . HOH C 3 .   ? -5.555  16.722  -3.507  1.00 28.34 ? 308 HOH A O   1 
HETATM 1199 O O   . HOH C 3 .   ? 6.068   -12.986 0.957   1.00 22.36 ? 309 HOH A O   1 
HETATM 1200 O O   . HOH C 3 .   ? -0.250  -15.176 13.509  1.00 19.71 ? 310 HOH A O   1 
HETATM 1201 O O   . HOH C 3 .   ? -8.975  -1.246  -8.771  1.00 14.23 ? 311 HOH A O   1 
HETATM 1202 O O   . HOH C 3 .   ? -2.754  15.717  -4.470  1.00 23.31 ? 312 HOH A O   1 
HETATM 1203 O O   . HOH C 3 .   ? -4.106  -10.065 -10.501 1.00 16.25 ? 313 HOH A O   1 
HETATM 1204 O O   . HOH C 3 .   ? -4.138  -8.211  12.708  1.00 28.64 ? 314 HOH A O   1 
HETATM 1205 O O   . HOH C 3 .   ? -14.823 -19.206 14.198  1.00 26.46 ? 315 HOH A O   1 
HETATM 1206 O O   . HOH C 3 .   ? -6.336  -15.632 -1.475  1.00 20.16 ? 316 HOH A O   1 
HETATM 1207 O O   . HOH C 3 .   ? -5.189  -3.600  11.320  1.00 19.51 ? 317 HOH A O   1 
HETATM 1208 O O   . HOH C 3 .   ? -14.184 -7.107  0.393   1.00 32.60 ? 318 HOH A O   1 
HETATM 1209 O O   . HOH C 3 .   ? -4.180  -4.724  3.726   1.00 8.96  ? 319 HOH A O   1 
HETATM 1210 O O   . HOH C 3 .   ? -13.152 -6.744  -12.238 1.00 15.69 ? 320 HOH A O   1 
HETATM 1211 O O   . HOH C 3 .   ? -11.443 7.196   -6.614  1.00 21.84 ? 321 HOH A O   1 
HETATM 1212 O O   . HOH C 3 .   ? 2.682   -6.422  13.851  1.00 20.48 ? 322 HOH A O   1 
HETATM 1213 O O   . HOH C 3 .   ? 7.409   -13.062 3.920   1.00 28.83 ? 323 HOH A O   1 
HETATM 1214 O O   . HOH C 3 .   ? -12.525 5.912   0.803   1.00 26.24 ? 324 HOH A O   1 
HETATM 1215 O O   . HOH C 3 .   ? -13.840 3.504   -6.086  1.00 36.54 ? 325 HOH A O   1 
HETATM 1216 O O   . HOH C 3 .   ? -9.408  -14.310 -4.183  1.00 30.55 ? 326 HOH A O   1 
HETATM 1217 O O   . HOH C 3 .   ? 0.671   -0.309  13.189  1.00 18.83 ? 327 HOH A O   1 
HETATM 1218 O O   . HOH C 3 .   ? 8.622   -12.064 -1.576  1.00 36.39 ? 328 HOH A O   1 
HETATM 1219 O O   . HOH C 3 .   ? -14.389 -10.755 7.669   1.00 21.69 ? 329 HOH A O   1 
HETATM 1220 O O   . HOH C 3 .   ? -10.926 -10.117 -5.506  1.00 13.45 ? 330 HOH A O   1 
HETATM 1221 O O   . HOH C 3 .   ? -7.372  1.345   -12.035 1.00 19.32 ? 331 HOH A O   1 
HETATM 1222 O O   . HOH C 3 .   ? -13.308 9.844   0.060   1.00 22.46 ? 332 HOH A O   1 
HETATM 1223 O O   . HOH C 3 .   ? 10.087  -12.670 2.659   1.00 40.43 ? 333 HOH A O   1 
HETATM 1224 O O   . HOH C 3 .   ? 1.935   -14.654 -3.839  1.00 33.28 ? 334 HOH A O   1 
HETATM 1225 O O   . HOH C 3 .   ? 15.599  0.970   5.751   1.00 28.55 ? 335 HOH A O   1 
HETATM 1226 O O   . HOH C 3 .   ? 7.974   -9.805  -2.695  1.00 29.15 ? 336 HOH A O   1 
HETATM 1227 O O   . HOH C 3 .   ? -11.646 -13.194 11.215  1.00 27.54 ? 337 HOH A O   1 
HETATM 1228 O O   . HOH C 3 .   ? 6.061   -16.392 10.246  1.00 22.15 ? 338 HOH A O   1 
HETATM 1229 O O   . HOH C 3 .   ? -0.478  8.697   -13.050 1.00 33.27 ? 339 HOH A O   1 
HETATM 1230 O O   . HOH C 3 .   ? 7.422   -11.080 -6.214  1.00 31.39 ? 340 HOH A O   1 
HETATM 1231 O O   . HOH C 3 .   ? -6.891  -21.534 8.971   1.00 28.58 ? 341 HOH A O   1 
HETATM 1232 O O   . HOH C 3 .   ? -11.627 7.329   2.818   1.00 32.15 ? 342 HOH A O   1 
HETATM 1233 O O   . HOH C 3 .   ? -2.424  -7.797  -2.158  1.00 9.63  ? 343 HOH A O   1 
HETATM 1234 O O   . HOH C 3 .   ? -5.493  7.950   9.022   1.00 14.55 ? 344 HOH A O   1 
HETATM 1235 O O   . HOH C 3 .   ? 3.867   -18.739 8.055   1.00 32.20 ? 345 HOH A O   1 
HETATM 1236 O O   . HOH C 3 .   ? 0.630   7.661   4.466   1.00 12.49 ? 346 HOH A O   1 
HETATM 1237 O O   . HOH C 3 .   ? -10.539 4.903   3.660   1.00 18.83 ? 347 HOH A O   1 
HETATM 1238 O O   . HOH C 3 .   ? 12.041  5.725   7.547   1.00 22.49 ? 348 HOH A O   1 
HETATM 1239 O O   . HOH C 3 .   ? -0.755  11.289  -14.075 1.00 28.10 ? 349 HOH A O   1 
HETATM 1240 O O   . HOH C 3 .   ? -2.380  13.136  -12.641 1.00 21.31 ? 350 HOH A O   1 
HETATM 1241 O O   . HOH C 3 .   ? -2.436  8.861   -11.462 1.00 17.61 ? 351 HOH A O   1 
HETATM 1242 O O   . HOH C 3 .   ? -11.720 -12.331 -9.437  1.00 21.94 ? 352 HOH A O   1 
HETATM 1243 O O   . HOH C 3 .   ? 4.279   -12.845 -3.502  1.00 29.83 ? 353 HOH A O   1 
HETATM 1244 O O   . HOH C 3 .   ? 0.985   -7.498  15.813  1.00 27.63 ? 354 HOH A O   1 
HETATM 1245 O O   . HOH C 3 .   ? -5.474  -14.638 16.446  1.00 31.87 ? 355 HOH A O   1 
HETATM 1246 O O   . HOH C 3 .   ? 4.012   -0.118  -18.465 1.00 42.89 ? 356 HOH A O   1 
HETATM 1247 O O   . HOH C 3 .   ? -9.406  -15.961 -7.149  1.00 41.74 ? 357 HOH A O   1 
HETATM 1248 O O   . HOH C 3 .   ? -4.719  -23.013 5.330   1.00 34.67 ? 358 HOH A O   1 
HETATM 1249 O O   . HOH C 3 .   ? -14.386 -12.967 9.991   1.00 34.07 ? 359 HOH A O   1 
HETATM 1250 O O   . HOH C 3 .   ? -12.002 -11.876 -1.484  1.00 31.22 ? 360 HOH A O   1 
HETATM 1251 O O   . HOH C 3 .   ? 0.972   -20.577 8.611   1.00 28.40 ? 361 HOH A O   1 
HETATM 1252 O O   . HOH C 3 .   ? -12.201 3.414   1.844   1.00 20.03 ? 362 HOH A O   1 
HETATM 1253 O O   . HOH C 3 .   ? -11.123 -12.490 -3.949  1.00 21.29 ? 363 HOH A O   1 
HETATM 1254 O O   . HOH C 3 .   ? -13.731 -16.886 4.759   1.00 36.43 ? 364 HOH A O   1 
HETATM 1255 O O   . HOH C 3 .   ? 7.366   -1.307  -4.218  1.00 19.49 ? 365 HOH A O   1 
HETATM 1256 O O   . HOH C 3 .   ? 7.739   2.716   -19.360 1.00 44.51 ? 366 HOH A O   1 
HETATM 1257 O O   . HOH C 3 .   ? -8.533  -16.874 -0.609  1.00 24.84 ? 367 HOH A O   1 
HETATM 1258 O O   . HOH C 3 .   ? 14.908  5.905   0.947   1.00 40.86 ? 368 HOH A O   1 
HETATM 1259 O O   . HOH C 3 .   ? -4.901  -1.276  -15.728 1.00 30.29 ? 369 HOH A O   1 
HETATM 1260 O O   . HOH C 3 .   ? 3.917   -10.405 -2.011  1.00 15.33 ? 370 HOH A O   1 
HETATM 1261 O O   . HOH C 3 .   ? 0.093   6.754   -10.870 1.00 19.68 ? 371 HOH A O   1 
HETATM 1262 O O   . HOH C 3 .   ? -10.853 -5.606  -10.527 1.00 14.96 ? 372 HOH A O   1 
HETATM 1263 O O   . HOH C 3 .   ? -0.006  4.461   -15.638 1.00 21.33 ? 373 HOH A O   1 
HETATM 1264 O O   . HOH C 3 .   ? -5.471  -6.647  9.754   1.00 21.71 ? 374 HOH A O   1 
HETATM 1265 O O   . HOH C 3 .   ? -0.092  17.829  3.395   1.00 25.25 ? 375 HOH A O   1 
HETATM 1266 O O   . HOH C 3 .   ? 9.189   7.722   -0.897  1.00 21.18 ? 376 HOH A O   1 
HETATM 1267 O O   . HOH C 3 .   ? -10.274 -2.968  7.488   1.00 18.60 ? 377 HOH A O   1 
HETATM 1268 O O   . HOH C 3 .   ? -2.395  -7.267  -16.846 1.00 26.90 ? 378 HOH A O   1 
HETATM 1269 O O   . HOH C 3 .   ? -11.661 -13.974 2.986   1.00 24.24 ? 379 HOH A O   1 
HETATM 1270 O O   . HOH C 3 .   ? -11.340 -8.043  -3.706  1.00 24.81 ? 380 HOH A O   1 
HETATM 1271 O O   . HOH C 3 .   ? 7.857   0.623   15.065  1.00 29.85 ? 381 HOH A O   1 
HETATM 1272 O O   . HOH C 3 .   ? -3.884  11.496  -11.117 1.00 25.79 ? 382 HOH A O   1 
HETATM 1273 O O   . HOH C 3 .   ? -2.127  -3.109  -18.142 1.00 28.31 ? 383 HOH A O   1 
HETATM 1274 O O   . HOH C 3 .   ? -15.041 -5.135  2.305   1.00 25.53 ? 384 HOH A O   1 
HETATM 1275 O O   . HOH C 3 .   ? -6.461  -1.503  12.413  1.00 29.85 ? 385 HOH A O   1 
HETATM 1276 O O   . HOH C 3 .   ? 6.004   4.801   -19.211 1.00 29.59 ? 386 HOH A O   1 
HETATM 1277 O O   . HOH C 3 .   ? -9.604  -4.559  9.737   1.00 22.84 ? 387 HOH A O   1 
HETATM 1278 O O   . HOH C 3 .   ? -3.782  12.378  8.270   1.00 31.67 ? 388 HOH A O   1 
HETATM 1279 O O   . HOH C 3 .   ? -5.230  12.917  -15.919 1.00 29.44 ? 389 HOH A O   1 
HETATM 1280 O O   . HOH C 3 .   ? -13.228 -6.540  -6.640  1.00 25.80 ? 390 HOH A O   1 
HETATM 1281 O O   . HOH C 3 .   ? -11.903 -14.477 -7.936  1.00 34.75 ? 391 HOH A O   1 
HETATM 1282 O O   . HOH C 3 .   ? -12.682 -8.097  -8.811  1.00 22.04 ? 392 HOH A O   1 
HETATM 1283 O O   . HOH C 3 .   ? -7.711  1.164   11.913  1.00 23.40 ? 393 HOH A O   1 
HETATM 1284 O O   . HOH C 3 .   ? 10.237  -5.047  8.728   1.00 27.76 ? 394 HOH A O   1 
HETATM 1285 O O   . HOH C 3 .   ? -0.679  -17.105 2.601   1.00 29.60 ? 395 HOH A O   1 
HETATM 1286 O O   . HOH C 3 .   ? 4.878   -7.611  15.093  1.00 37.30 ? 396 HOH A O   1 
HETATM 1287 O O   . HOH C 3 .   ? 1.876   4.106   -17.555 1.00 27.31 ? 397 HOH A O   1 
HETATM 1288 O O   . HOH C 3 .   ? 4.569   4.679   -17.160 1.00 27.67 ? 398 HOH A O   1 
HETATM 1289 O O   . HOH C 3 .   ? -8.146  -13.808 16.170  1.00 46.57 ? 399 HOH A O   1 
HETATM 1290 O O   . HOH C 3 .   ? -9.566  -15.945 3.891   1.00 30.63 ? 400 HOH A O   1 
HETATM 1291 O O   . HOH C 3 .   ? 9.739   -6.864  6.618   1.00 24.06 ? 401 HOH A O   1 
HETATM 1292 O O   . HOH C 3 .   ? -10.612 -15.329 -1.495  1.00 33.42 ? 402 HOH A O   1 
HETATM 1293 O O   . HOH C 3 .   ? -14.690 4.722   7.221   1.00 25.79 ? 403 HOH A O   1 
HETATM 1294 O O   . HOH C 3 .   ? 9.867   -5.268  -21.484 1.00 28.44 ? 404 HOH A O   1 
HETATM 1295 O O   . HOH C 3 .   ? 6.154   -5.369  -10.432 1.00 18.37 ? 405 HOH A O   1 
HETATM 1296 O O   . HOH C 3 .   ? -11.279 9.847   -6.097  1.00 18.37 ? 406 HOH A O   1 
HETATM 1297 O O   . HOH C 3 .   ? 4.644   -11.112 8.920   1.00 25.67 ? 407 HOH A O   1 
HETATM 1298 O O   . HOH C 3 .   ? -12.167 -4.239  -8.265  1.00 18.72 ? 408 HOH A O   1 
HETATM 1299 O O   . HOH C 3 .   ? -7.486  11.382  1.736   1.00 23.56 ? 409 HOH A O   1 
HETATM 1300 O O   . HOH C 3 .   ? -7.633  8.695   -10.766 1.00 27.91 ? 410 HOH A O   1 
HETATM 1301 O O   . HOH C 3 .   ? -9.211  13.156  -0.019  1.00 28.01 ? 411 HOH A O   1 
HETATM 1302 O O   . HOH C 3 .   ? -16.013 -3.315  0.604   1.00 28.00 ? 412 HOH A O   1 
HETATM 1303 O O   . HOH C 3 .   ? -10.117 9.986   3.322   1.00 23.48 ? 413 HOH A O   1 
HETATM 1304 O O   . HOH C 3 .   ? -3.729  15.012  -14.601 1.00 32.21 ? 414 HOH A O   1 
HETATM 1305 O O   . HOH C 3 .   ? 13.090  3.818   -4.927  1.00 28.26 ? 415 HOH A O   1 
HETATM 1306 O O   . HOH C 3 .   ? -5.304  -10.286 -13.921 1.00 33.01 ? 416 HOH A O   1 
HETATM 1307 O O   . HOH C 3 .   ? -12.794 0.479   -3.660  1.00 27.64 ? 417 HOH A O   1 
HETATM 1308 O O   . HOH C 3 .   ? 9.100   -5.160  10.979  1.00 29.36 ? 418 HOH A O   1 
HETATM 1309 O O   . HOH C 3 .   ? -11.870 -13.646 0.176   1.00 25.19 ? 419 HOH A O   1 
HETATM 1310 O O   . HOH C 3 .   ? -13.238 -11.695 -11.688 1.00 27.51 ? 420 HOH A O   1 
HETATM 1311 O O   . HOH C 3 .   ? -6.241  13.415  8.743   1.00 28.07 ? 421 HOH A O   1 
HETATM 1312 O O   . HOH C 3 .   ? -13.970 -14.363 4.226   1.00 35.16 ? 422 HOH A O   1 
HETATM 1313 O O   . HOH C 3 .   ? 0.362   7.166   -15.043 1.00 26.90 ? 423 HOH A O   1 
HETATM 1314 O O   . HOH C 3 .   ? -8.161  12.976  -7.144  1.00 26.87 ? 424 HOH A O   1 
HETATM 1315 O O   . HOH C 3 .   ? 7.909   -16.849 5.261   1.00 31.56 ? 425 HOH A O   1 
HETATM 1316 O O   . HOH C 3 .   ? 3.905   17.646  -4.525  1.00 42.78 ? 426 HOH A O   1 
HETATM 1317 O O   . HOH C 3 .   ? -4.286  -17.059 -0.541  1.00 29.51 ? 427 HOH A O   1 
HETATM 1318 O O   . HOH C 3 .   ? -6.061  -20.850 4.144   1.00 21.36 ? 428 HOH A O   1 
HETATM 1319 O O   . HOH C 3 .   ? -6.260  12.509  -8.918  1.00 28.39 ? 429 HOH A O   1 
HETATM 1320 O O   . HOH C 3 .   ? -9.638  0.547   -10.811 1.00 22.34 ? 430 HOH A O   1 
HETATM 1321 O O   . HOH C 3 .   ? -12.084 -10.857 -13.935 1.00 32.08 ? 431 HOH A O   1 
HETATM 1322 O O   . HOH C 3 .   ? 12.377  -7.104  5.409   1.00 27.78 ? 432 HOH A O   1 
HETATM 1323 O O   . HOH C 3 .   ? 4.767   -7.513  -15.565 1.00 32.46 ? 433 HOH A O   1 
HETATM 1324 O O   . HOH C 3 .   ? 12.432  -1.216  -19.421 1.00 28.01 ? 434 HOH A O   1 
HETATM 1325 O O   . HOH C 3 .   ? -2.107  -9.135  15.116  1.00 39.08 ? 435 HOH A O   1 
HETATM 1326 O O   . HOH C 3 .   ? -0.280  -10.372 14.000  1.00 28.31 ? 436 HOH A O   1 
HETATM 1327 O O   . HOH C 3 .   ? -3.687  15.517  6.931   1.00 32.21 ? 437 HOH A O   1 
HETATM 1328 O O   . HOH C 3 .   ? -1.242  7.104   16.854  1.00 36.68 ? 438 HOH A O   1 
HETATM 1329 O O   . HOH C 3 .   ? 0.473   1.005   15.380  1.00 34.84 ? 439 HOH A O   1 
HETATM 1330 O O   . HOH C 3 .   ? 2.571   8.170   20.036  1.00 36.25 ? 440 HOH A O   1 
HETATM 1331 O O   . HOH C 3 .   ? 6.462   -11.467 13.075  1.00 29.26 ? 441 HOH A O   1 
HETATM 1332 O O   . HOH C 3 .   ? 9.328   -8.476  8.816   1.00 31.45 ? 442 HOH A O   1 
HETATM 1333 O O   . HOH C 3 .   ? 1.582   -2.793  16.377  1.00 33.22 ? 443 HOH A O   1 
HETATM 1334 O O   . HOH C 3 .   ? 12.967  -6.625  -2.671  1.00 36.73 ? 444 HOH A O   1 
HETATM 1335 O O   . HOH C 3 .   ? -8.157  -11.612 -14.990 1.00 36.55 ? 445 HOH A O   1 
HETATM 1336 O O   . HOH C 3 .   ? -12.640 -10.407 -7.524  1.00 22.98 ? 446 HOH A O   1 
HETATM 1337 O O   . HOH C 3 .   ? -4.654  -9.377  -16.590 1.00 43.58 ? 447 HOH A O   1 
HETATM 1338 O O   . HOH C 3 .   ? -11.869 -3.707  -12.658 1.00 19.87 ? 448 HOH A O   1 
HETATM 1339 O O   . HOH C 3 .   ? -16.096 -13.645 2.376   1.00 33.60 ? 449 HOH A O   1 
HETATM 1340 O O   . HOH C 3 .   ? -14.708 -11.254 -1.671  1.00 31.33 ? 450 HOH A O   1 
HETATM 1341 O O   . HOH C 3 .   ? -2.413  -5.614  -18.950 1.00 41.28 ? 451 HOH A O   1 
HETATM 1342 O O   . HOH C 3 .   ? -15.595 -9.039  -0.422  1.00 44.36 ? 452 HOH A O   1 
HETATM 1343 O O   . HOH C 3 .   ? -0.845  -12.988 -10.960 1.00 24.40 ? 453 HOH A O   1 
HETATM 1344 O O   . HOH C 3 .   ? -8.369  -17.696 2.365   1.00 39.07 ? 454 HOH A O   1 
HETATM 1345 O O   . HOH C 3 .   ? -8.387  -19.728 5.093   1.00 27.25 ? 455 HOH A O   1 
HETATM 1346 O O   . HOH C 3 .   ? -10.805 -9.494  -1.372  1.00 19.78 ? 456 HOH A O   1 
HETATM 1347 O O   . HOH C 3 .   ? -16.682 -13.911 9.731   1.00 39.62 ? 457 HOH A O   1 
HETATM 1348 O O   . HOH C 3 .   ? 4.075   -6.104  -18.695 1.00 41.40 ? 458 HOH A O   1 
HETATM 1349 O O   . HOH C 3 .   ? 8.747   -4.856  -23.912 1.00 28.76 ? 459 HOH A O   1 
HETATM 1350 O O   . HOH C 3 .   ? -18.522 -2.358  2.490   1.00 40.35 ? 460 HOH A O   1 
HETATM 1351 O O   . HOH C 3 .   ? -15.913 -8.757  7.880   1.00 38.75 ? 461 HOH A O   1 
HETATM 1352 O O   . HOH C 3 .   ? 4.595   -3.170  -19.770 1.00 49.83 ? 462 HOH A O   1 
HETATM 1353 O O   . HOH C 3 .   ? -14.866 0.808   -2.414  1.00 42.14 ? 463 HOH A O   1 
HETATM 1354 O O   . HOH C 3 .   ? 6.520   -6.187  -17.577 1.00 35.00 ? 464 HOH A O   1 
HETATM 1355 O O   . HOH C 3 .   ? -1.378  -15.400 0.398   1.00 26.47 ? 465 HOH A O   1 
HETATM 1356 O O   . HOH C 3 .   ? -13.923 -15.575 14.795  1.00 34.43 ? 466 HOH A O   1 
HETATM 1357 O O   . HOH C 3 .   ? -14.191 1.151   -0.068  1.00 44.08 ? 467 HOH A O   1 
HETATM 1358 O O   . HOH C 3 .   ? 10.522  -7.307  -16.444 1.00 41.10 ? 468 HOH A O   1 
HETATM 1359 O O   . HOH C 3 .   ? -11.385 -14.524 13.587  1.00 43.17 ? 469 HOH A O   1 
HETATM 1360 O O   . HOH C 3 .   ? 11.931  -3.851  -20.244 1.00 29.44 ? 470 HOH A O   1 
HETATM 1361 O O   . HOH C 3 .   ? -10.968 -8.583  9.148   1.00 38.96 ? 471 HOH A O   1 
HETATM 1362 O O   . HOH C 3 .   ? -9.904  -15.579 15.168  1.00 31.03 ? 472 HOH A O   1 
HETATM 1363 O O   . HOH C 3 .   ? 10.305  0.121   -20.367 1.00 31.31 ? 473 HOH A O   1 
HETATM 1364 O O   . HOH C 3 .   ? 7.647   -8.035  -8.232  1.00 32.43 ? 474 HOH A O   1 
HETATM 1365 O O   . HOH C 3 .   ? 4.501   -15.479 2.159   1.00 31.14 ? 475 HOH A O   1 
HETATM 1366 O O   . HOH C 3 .   ? 6.826   7.012   -20.795 1.00 40.30 ? 476 HOH A O   1 
HETATM 1367 O O   . HOH C 3 .   ? 9.707   1.309   -18.055 1.00 33.53 ? 477 HOH A O   1 
HETATM 1368 O O   . HOH C 3 .   ? 10.548  -6.110  -10.783 1.00 37.96 ? 478 HOH A O   1 
HETATM 1369 O O   . HOH C 3 .   ? -13.992 15.630  -7.417  1.00 43.79 ? 479 HOH A O   1 
HETATM 1370 O O   . HOH C 3 .   ? -13.993 12.251  -1.580  1.00 43.32 ? 480 HOH A O   1 
HETATM 1371 O O   . HOH C 3 .   ? 11.765  -3.020  -13.260 1.00 36.74 ? 481 HOH A O   1 
HETATM 1372 O O   . HOH C 3 .   ? 11.104  -0.332  -14.360 1.00 37.01 ? 482 HOH A O   1 
HETATM 1373 O O   . HOH C 3 .   ? -11.751 14.938  -5.760  1.00 46.80 ? 483 HOH A O   1 
HETATM 1374 O O   . HOH C 3 .   ? 9.532   2.263   -14.289 1.00 31.97 ? 484 HOH A O   1 
HETATM 1375 O O   . HOH C 3 .   ? -7.320  -5.285  10.949  1.00 29.81 ? 485 HOH A O   1 
HETATM 1376 O O   . HOH C 3 .   ? -9.553  -2.722  12.142  1.00 41.13 ? 486 HOH A O   1 
HETATM 1377 O O   . HOH C 3 .   ? -8.397  15.452  -6.076  1.00 36.59 ? 487 HOH A O   1 
HETATM 1378 O O   . HOH C 3 .   ? 10.345  -6.965  -3.436  1.00 29.96 ? 488 HOH A O   1 
HETATM 1379 O O   . HOH C 3 .   ? 8.622   -7.130  -1.210  1.00 18.82 ? 489 HOH A O   1 
HETATM 1380 O O   . HOH C 3 .   ? 10.708  -10.820 1.216   1.00 30.77 ? 490 HOH A O   1 
HETATM 1381 O O   . HOH C 3 .   ? -8.160  15.352  -3.489  1.00 27.87 ? 491 HOH A O   1 
HETATM 1382 O O   . HOH C 3 .   ? 11.213  -0.318  -6.829  1.00 28.99 ? 492 HOH A O   1 
HETATM 1383 O O   . HOH C 3 .   ? 9.787   8.828   -13.269 1.00 47.00 ? 493 HOH A O   1 
HETATM 1384 O O   . HOH C 3 .   ? 10.047  7.607   -11.177 1.00 43.68 ? 494 HOH A O   1 
HETATM 1385 O O   . HOH C 3 .   ? 6.464   9.133   -11.058 1.00 42.24 ? 495 HOH A O   1 
HETATM 1386 O O   . HOH C 3 .   ? 3.422   15.572  -10.832 1.00 37.16 ? 496 HOH A O   1 
HETATM 1387 O O   . HOH C 3 .   ? -6.000  -2.013  14.990  1.00 44.47 ? 497 HOH A O   1 
HETATM 1388 O O   . HOH C 3 .   ? 14.022  6.637   -14.572 1.00 39.01 ? 498 HOH A O   1 
HETATM 1389 O O   . HOH C 3 .   ? -3.550  21.109  -8.144  1.00 39.48 ? 499 HOH A O   1 
HETATM 1390 O O   . HOH C 3 .   ? -1.716  -6.581  16.244  1.00 37.90 ? 500 HOH A O   1 
HETATM 1391 O O   . HOH C 3 .   ? 14.078  -5.100  -1.018  1.00 46.11 ? 501 HOH A O   1 
HETATM 1392 O O   . HOH C 3 .   ? -7.875  2.739   13.998  1.00 40.38 ? 502 HOH A O   1 
HETATM 1393 O O   . HOH C 3 .   ? 3.972   -10.567 14.757  1.00 40.22 ? 503 HOH A O   1 
HETATM 1394 O O   . HOH C 3 .   ? 0.620   22.214  -11.040 1.00 39.61 ? 504 HOH A O   1 
HETATM 1395 O O   . HOH C 3 .   ? 9.043   5.410   -4.146  1.00 30.12 ? 505 HOH A O   1 
HETATM 1396 O O   . HOH C 3 .   ? -0.075  -3.123  13.914  1.00 23.77 ? 506 HOH A O   1 
HETATM 1397 O O   . HOH C 3 .   ? 6.194   13.438  -7.993  1.00 38.27 ? 507 HOH A O   1 
HETATM 1398 O O   . HOH C 3 .   ? -9.291  12.184  9.466   1.00 41.36 ? 508 HOH A O   1 
HETATM 1399 O O   . HOH C 3 .   ? 15.802  -7.204  2.875   1.00 41.94 ? 509 HOH A O   1 
HETATM 1400 O O   . HOH C 3 .   ? 5.563   16.107  -7.911  1.00 39.02 ? 510 HOH A O   1 
HETATM 1401 O O   . HOH C 3 .   ? 5.657   12.612  -5.366  1.00 31.58 ? 511 HOH A O   1 
HETATM 1402 O O   . HOH C 3 .   ? 11.966  6.978   -6.097  1.00 42.28 ? 512 HOH A O   1 
HETATM 1403 O O   . HOH C 3 .   ? -7.698  11.615  11.161  1.00 42.73 ? 513 HOH A O   1 
HETATM 1404 O O   . HOH C 3 .   ? -6.736  18.717  4.537   1.00 37.05 ? 514 HOH A O   1 
HETATM 1405 O O   . HOH C 3 .   ? -5.495  9.719   11.064  1.00 34.16 ? 515 HOH A O   1 
HETATM 1406 O O   . HOH C 3 .   ? 16.947  0.826   -3.230  1.00 48.73 ? 516 HOH A O   1 
HETATM 1407 O O   . HOH C 3 .   ? 5.437   14.902  -3.911  1.00 37.24 ? 517 HOH A O   1 
HETATM 1408 O O   . HOH C 3 .   ? 7.685   -4.875  13.885  1.00 33.97 ? 518 HOH A O   1 
HETATM 1409 O O   . HOH C 3 .   ? -5.445  8.889   13.442  1.00 53.05 ? 519 HOH A O   1 
HETATM 1410 O O   . HOH C 3 .   ? 12.782  5.792   -1.470  1.00 35.75 ? 520 HOH A O   1 
HETATM 1411 O O   . HOH C 3 .   ? 1.680   15.901  0.365   1.00 32.54 ? 521 HOH A O   1 
HETATM 1412 O O   . HOH C 3 .   ? -6.028  21.157  4.030   1.00 42.98 ? 522 HOH A O   1 
HETATM 1413 O O   . HOH C 3 .   ? 11.282  8.916   -0.786  1.00 44.46 ? 523 HOH A O   1 
HETATM 1414 O O   . HOH C 3 .   ? 1.878   19.261  -0.152  1.00 41.04 ? 524 HOH A O   1 
HETATM 1415 O O   . HOH C 3 .   ? 4.228   20.223  -3.027  1.00 44.54 ? 525 HOH A O   1 
HETATM 1416 O O   . HOH C 3 .   ? -0.542  22.775  -0.491  1.00 36.49 ? 526 HOH A O   1 
HETATM 1417 O O   . HOH C 3 .   ? 17.935  2.009   1.209   1.00 37.06 ? 527 HOH A O   1 
HETATM 1418 O O   . HOH C 3 .   ? 3.830   3.449   15.607  1.00 45.38 ? 528 HOH A O   1 
HETATM 1419 O O   . HOH C 3 .   ? 13.965  5.183   5.629   1.00 33.18 ? 529 HOH A O   1 
HETATM 1420 O O   . HOH C 3 .   ? 17.447  4.013   2.796   1.00 43.23 ? 530 HOH A O   1 
HETATM 1421 O O   . HOH C 3 .   ? 14.601  7.832   3.910   1.00 36.81 ? 531 HOH A O   1 
HETATM 1422 O O   . HOH C 3 .   ? -5.260  -23.145 8.044   1.00 49.92 ? 532 HOH A O   1 
HETATM 1423 O O   . HOH C 3 .   ? -5.328  -10.879 12.448  1.00 57.53 ? 533 HOH A O   1 
HETATM 1424 O O   . HOH C 3 .   ? -5.385  -16.794 2.629   1.00 51.71 ? 534 HOH A O   1 
# 
